data_6J4D
# 
_entry.id   6J4D 
# 
_audit_conform.dict_name       mmcif_pdbx.dic 
_audit_conform.dict_version    5.387 
_audit_conform.dict_location   http://mmcif.pdb.org/dictionaries/ascii/mmcif_pdbx.dic 
# 
loop_
_database_2.database_id 
_database_2.database_code 
_database_2.pdbx_database_accession 
_database_2.pdbx_DOI 
PDB   6J4D         pdb_00006j4d 10.2210/pdb6j4d/pdb 
WWPDB D_1300010386 ?            ?                   
# 
loop_
_pdbx_audit_revision_history.ordinal 
_pdbx_audit_revision_history.data_content_type 
_pdbx_audit_revision_history.major_revision 
_pdbx_audit_revision_history.minor_revision 
_pdbx_audit_revision_history.revision_date 
1 'Structure model' 1 0 2020-01-15 
2 'Structure model' 1 1 2024-03-27 
# 
_pdbx_audit_revision_details.ordinal             1 
_pdbx_audit_revision_details.revision_ordinal    1 
_pdbx_audit_revision_details.data_content_type   'Structure model' 
_pdbx_audit_revision_details.provider            repository 
_pdbx_audit_revision_details.type                'Initial release' 
_pdbx_audit_revision_details.description         ? 
_pdbx_audit_revision_details.details             ? 
# 
loop_
_pdbx_audit_revision_group.ordinal 
_pdbx_audit_revision_group.revision_ordinal 
_pdbx_audit_revision_group.data_content_type 
_pdbx_audit_revision_group.group 
1 2 'Structure model' 'Data collection'     
2 2 'Structure model' 'Database references' 
# 
loop_
_pdbx_audit_revision_category.ordinal 
_pdbx_audit_revision_category.revision_ordinal 
_pdbx_audit_revision_category.data_content_type 
_pdbx_audit_revision_category.category 
1 2 'Structure model' chem_comp_atom 
2 2 'Structure model' chem_comp_bond 
3 2 'Structure model' database_2     
# 
loop_
_pdbx_audit_revision_item.ordinal 
_pdbx_audit_revision_item.revision_ordinal 
_pdbx_audit_revision_item.data_content_type 
_pdbx_audit_revision_item.item 
1 2 'Structure model' '_database_2.pdbx_DOI'                
2 2 'Structure model' '_database_2.pdbx_database_accession' 
# 
_pdbx_database_status.status_code                     REL 
_pdbx_database_status.status_code_sf                  REL 
_pdbx_database_status.status_code_mr                  ? 
_pdbx_database_status.entry_id                        6J4D 
_pdbx_database_status.recvd_initial_deposition_date   2019-01-08 
_pdbx_database_status.SG_entry                        N 
_pdbx_database_status.deposit_site                    PDBJ 
_pdbx_database_status.process_site                    PDBJ 
_pdbx_database_status.status_code_cs                  ? 
_pdbx_database_status.methods_development_category    ? 
_pdbx_database_status.pdb_format_compatible           Y 
_pdbx_database_status.status_code_nmr_data            ? 
# 
loop_
_pdbx_database_related.db_name 
_pdbx_database_related.details 
_pdbx_database_related.db_id 
_pdbx_database_related.content_type 
PDB '6J4B contains the same protein but crystallized under a different condition.' 6J4B unspecified 
PDB '6J4C contains the same protein but crystallized under a different condition.' 6J4C unspecified 
# 
loop_
_audit_author.name 
_audit_author.pdbx_ordinal 
_audit_author.identifier_ORCID 
'Hou, Y.'   1 ? 
'Liu, B.'   2 ? 
'Hu, K.'    3 ? 
'Zhang, R.' 4 ? 
# 
_citation.abstract                  ? 
_citation.abstract_id_CAS           ? 
_citation.book_id_ISBN              ? 
_citation.book_publisher            ? 
_citation.book_publisher_city       ? 
_citation.book_title                ? 
_citation.coordinate_linkage        ? 
_citation.country                   ? 
_citation.database_id_Medline       ? 
_citation.details                   ? 
_citation.id                        primary 
_citation.journal_abbrev            'To Be Published' 
_citation.journal_id_ASTM           ? 
_citation.journal_id_CSD            0353 
_citation.journal_id_ISSN           ? 
_citation.journal_full              ? 
_citation.journal_issue             ? 
_citation.journal_volume            ? 
_citation.language                  ? 
_citation.page_first                ? 
_citation.page_last                 ? 
_citation.title                     'Structural Basis for the Isomerization Mechanism of MarH' 
_citation.year                      ? 
_citation.database_id_CSD           ? 
_citation.pdbx_database_id_DOI      ? 
_citation.pdbx_database_id_PubMed   ? 
_citation.unpublished_flag          ? 
# 
loop_
_citation_author.citation_id 
_citation_author.name 
_citation_author.ordinal 
_citation_author.identifier_ORCID 
primary 'Liu, B.'   1 ? 
primary 'Hou, Y.'   2 ? 
primary 'Zhang, R.' 3 ? 
primary 'Hu, K.'    4 ? 
# 
loop_
_entity.id 
_entity.type 
_entity.src_method 
_entity.pdbx_description 
_entity.formula_weight 
_entity.pdbx_number_of_molecules 
_entity.pdbx_ec 
_entity.pdbx_mutation 
_entity.pdbx_fragment 
_entity.details 
1 polymer     man 'Cupin superfamily protein' 13323.285 1   ? ? ? ? 
2 non-polymer syn 'CITRATE ANION'             189.100   1   ? ? ? ? 
3 non-polymer syn GLYCEROL                    92.094    1   ? ? ? ? 
4 water       nat water                       18.015    118 ? ? ? ? 
# 
_entity_poly.entity_id                      1 
_entity_poly.type                           'polypeptide(L)' 
_entity_poly.nstd_linkage                   no 
_entity_poly.nstd_monomer                   no 
_entity_poly.pdbx_seq_one_letter_code       
;GSRPADPEIVEGLPIPLAVAGHHQPAPFYLTADMFGGLPVQLAGGELSTLVGKPVAAPHTHPVDELYLLVSPNKGGARIE
VQLDGRRHELLSPAVMRIPAGSEHCFLTLEAEVGSYCFGILLGDRL
;
_entity_poly.pdbx_seq_one_letter_code_can   
;GSRPADPEIVEGLPIPLAVAGHHQPAPFYLTADMFGGLPVQLAGGELSTLVGKPVAAPHTHPVDELYLLVSPNKGGARIE
VQLDGRRHELLSPAVMRIPAGSEHCFLTLEAEVGSYCFGILLGDRL
;
_entity_poly.pdbx_strand_id                 A 
_entity_poly.pdbx_target_identifier         ? 
# 
loop_
_pdbx_entity_nonpoly.entity_id 
_pdbx_entity_nonpoly.name 
_pdbx_entity_nonpoly.comp_id 
2 'CITRATE ANION' FLC 
3 GLYCEROL        GOL 
4 water           HOH 
# 
loop_
_entity_poly_seq.entity_id 
_entity_poly_seq.num 
_entity_poly_seq.mon_id 
_entity_poly_seq.hetero 
1 1   GLY n 
1 2   SER n 
1 3   ARG n 
1 4   PRO n 
1 5   ALA n 
1 6   ASP n 
1 7   PRO n 
1 8   GLU n 
1 9   ILE n 
1 10  VAL n 
1 11  GLU n 
1 12  GLY n 
1 13  LEU n 
1 14  PRO n 
1 15  ILE n 
1 16  PRO n 
1 17  LEU n 
1 18  ALA n 
1 19  VAL n 
1 20  ALA n 
1 21  GLY n 
1 22  HIS n 
1 23  HIS n 
1 24  GLN n 
1 25  PRO n 
1 26  ALA n 
1 27  PRO n 
1 28  PHE n 
1 29  TYR n 
1 30  LEU n 
1 31  THR n 
1 32  ALA n 
1 33  ASP n 
1 34  MET n 
1 35  PHE n 
1 36  GLY n 
1 37  GLY n 
1 38  LEU n 
1 39  PRO n 
1 40  VAL n 
1 41  GLN n 
1 42  LEU n 
1 43  ALA n 
1 44  GLY n 
1 45  GLY n 
1 46  GLU n 
1 47  LEU n 
1 48  SER n 
1 49  THR n 
1 50  LEU n 
1 51  VAL n 
1 52  GLY n 
1 53  LYS n 
1 54  PRO n 
1 55  VAL n 
1 56  ALA n 
1 57  ALA n 
1 58  PRO n 
1 59  HIS n 
1 60  THR n 
1 61  HIS n 
1 62  PRO n 
1 63  VAL n 
1 64  ASP n 
1 65  GLU n 
1 66  LEU n 
1 67  TYR n 
1 68  LEU n 
1 69  LEU n 
1 70  VAL n 
1 71  SER n 
1 72  PRO n 
1 73  ASN n 
1 74  LYS n 
1 75  GLY n 
1 76  GLY n 
1 77  ALA n 
1 78  ARG n 
1 79  ILE n 
1 80  GLU n 
1 81  VAL n 
1 82  GLN n 
1 83  LEU n 
1 84  ASP n 
1 85  GLY n 
1 86  ARG n 
1 87  ARG n 
1 88  HIS n 
1 89  GLU n 
1 90  LEU n 
1 91  LEU n 
1 92  SER n 
1 93  PRO n 
1 94  ALA n 
1 95  VAL n 
1 96  MET n 
1 97  ARG n 
1 98  ILE n 
1 99  PRO n 
1 100 ALA n 
1 101 GLY n 
1 102 SER n 
1 103 GLU n 
1 104 HIS n 
1 105 CYS n 
1 106 PHE n 
1 107 LEU n 
1 108 THR n 
1 109 LEU n 
1 110 GLU n 
1 111 ALA n 
1 112 GLU n 
1 113 VAL n 
1 114 GLY n 
1 115 SER n 
1 116 TYR n 
1 117 CYS n 
1 118 PHE n 
1 119 GLY n 
1 120 ILE n 
1 121 LEU n 
1 122 LEU n 
1 123 GLY n 
1 124 ASP n 
1 125 ARG n 
1 126 LEU n 
# 
_entity_src_gen.entity_id                          1 
_entity_src_gen.pdbx_src_id                        1 
_entity_src_gen.pdbx_alt_source_flag               sample 
_entity_src_gen.pdbx_seq_type                      'Biological sequence' 
_entity_src_gen.pdbx_beg_seq_num                   1 
_entity_src_gen.pdbx_end_seq_num                   126 
_entity_src_gen.gene_src_common_name               ? 
_entity_src_gen.gene_src_genus                     ? 
_entity_src_gen.pdbx_gene_src_gene                 marH 
_entity_src_gen.gene_src_species                   ? 
_entity_src_gen.gene_src_strain                    ? 
_entity_src_gen.gene_src_tissue                    ? 
_entity_src_gen.gene_src_tissue_fraction           ? 
_entity_src_gen.gene_src_details                   ? 
_entity_src_gen.pdbx_gene_src_fragment             ? 
_entity_src_gen.pdbx_gene_src_scientific_name      'Streptomyces sp. B9173' 
_entity_src_gen.pdbx_gene_src_ncbi_taxonomy_id     1462558 
_entity_src_gen.pdbx_gene_src_variant              ? 
_entity_src_gen.pdbx_gene_src_cell_line            ? 
_entity_src_gen.pdbx_gene_src_atcc                 ? 
_entity_src_gen.pdbx_gene_src_organ                ? 
_entity_src_gen.pdbx_gene_src_organelle            ? 
_entity_src_gen.pdbx_gene_src_cell                 ? 
_entity_src_gen.pdbx_gene_src_cellular_location    ? 
_entity_src_gen.host_org_common_name               ? 
_entity_src_gen.pdbx_host_org_scientific_name      'Escherichia coli' 
_entity_src_gen.pdbx_host_org_ncbi_taxonomy_id     562 
_entity_src_gen.host_org_genus                     ? 
_entity_src_gen.pdbx_host_org_gene                 ? 
_entity_src_gen.pdbx_host_org_organ                ? 
_entity_src_gen.host_org_species                   ? 
_entity_src_gen.pdbx_host_org_tissue               ? 
_entity_src_gen.pdbx_host_org_tissue_fraction      ? 
_entity_src_gen.pdbx_host_org_strain               ? 
_entity_src_gen.pdbx_host_org_variant              ? 
_entity_src_gen.pdbx_host_org_cell_line            ? 
_entity_src_gen.pdbx_host_org_atcc                 ? 
_entity_src_gen.pdbx_host_org_culture_collection   ? 
_entity_src_gen.pdbx_host_org_cell                 ? 
_entity_src_gen.pdbx_host_org_organelle            ? 
_entity_src_gen.pdbx_host_org_cellular_location    ? 
_entity_src_gen.pdbx_host_org_vector_type          ? 
_entity_src_gen.pdbx_host_org_vector               ? 
_entity_src_gen.host_org_details                   ? 
_entity_src_gen.expression_system_id               ? 
_entity_src_gen.plasmid_name                       ? 
_entity_src_gen.plasmid_details                    ? 
_entity_src_gen.pdbx_description                   ? 
# 
loop_
_chem_comp.id 
_chem_comp.type 
_chem_comp.mon_nstd_flag 
_chem_comp.name 
_chem_comp.pdbx_synonyms 
_chem_comp.formula 
_chem_comp.formula_weight 
ALA 'L-peptide linking' y ALANINE         ?                               'C3 H7 N O2'     89.093  
ARG 'L-peptide linking' y ARGININE        ?                               'C6 H15 N4 O2 1' 175.209 
ASN 'L-peptide linking' y ASPARAGINE      ?                               'C4 H8 N2 O3'    132.118 
ASP 'L-peptide linking' y 'ASPARTIC ACID' ?                               'C4 H7 N O4'     133.103 
CYS 'L-peptide linking' y CYSTEINE        ?                               'C3 H7 N O2 S'   121.158 
FLC non-polymer         . 'CITRATE ANION' ?                               'C6 H5 O7 -3'    189.100 
GLN 'L-peptide linking' y GLUTAMINE       ?                               'C5 H10 N2 O3'   146.144 
GLU 'L-peptide linking' y 'GLUTAMIC ACID' ?                               'C5 H9 N O4'     147.129 
GLY 'peptide linking'   y GLYCINE         ?                               'C2 H5 N O2'     75.067  
GOL non-polymer         . GLYCEROL        'GLYCERIN; PROPANE-1,2,3-TRIOL' 'C3 H8 O3'       92.094  
HIS 'L-peptide linking' y HISTIDINE       ?                               'C6 H10 N3 O2 1' 156.162 
HOH non-polymer         . WATER           ?                               'H2 O'           18.015  
ILE 'L-peptide linking' y ISOLEUCINE      ?                               'C6 H13 N O2'    131.173 
LEU 'L-peptide linking' y LEUCINE         ?                               'C6 H13 N O2'    131.173 
LYS 'L-peptide linking' y LYSINE          ?                               'C6 H15 N2 O2 1' 147.195 
MET 'L-peptide linking' y METHIONINE      ?                               'C5 H11 N O2 S'  149.211 
PHE 'L-peptide linking' y PHENYLALANINE   ?                               'C9 H11 N O2'    165.189 
PRO 'L-peptide linking' y PROLINE         ?                               'C5 H9 N O2'     115.130 
SER 'L-peptide linking' y SERINE          ?                               'C3 H7 N O3'     105.093 
THR 'L-peptide linking' y THREONINE       ?                               'C4 H9 N O3'     119.119 
TYR 'L-peptide linking' y TYROSINE        ?                               'C9 H11 N O3'    181.189 
VAL 'L-peptide linking' y VALINE          ?                               'C5 H11 N O2'    117.146 
# 
loop_
_pdbx_poly_seq_scheme.asym_id 
_pdbx_poly_seq_scheme.entity_id 
_pdbx_poly_seq_scheme.seq_id 
_pdbx_poly_seq_scheme.mon_id 
_pdbx_poly_seq_scheme.ndb_seq_num 
_pdbx_poly_seq_scheme.pdb_seq_num 
_pdbx_poly_seq_scheme.auth_seq_num 
_pdbx_poly_seq_scheme.pdb_mon_id 
_pdbx_poly_seq_scheme.auth_mon_id 
_pdbx_poly_seq_scheme.pdb_strand_id 
_pdbx_poly_seq_scheme.pdb_ins_code 
_pdbx_poly_seq_scheme.hetero 
A 1 1   GLY 1   4   ?   ?   ?   A . n 
A 1 2   SER 2   5   ?   ?   ?   A . n 
A 1 3   ARG 3   6   ?   ?   ?   A . n 
A 1 4   PRO 4   7   ?   ?   ?   A . n 
A 1 5   ALA 5   8   8   ALA ALA A . n 
A 1 6   ASP 6   9   9   ASP ASP A . n 
A 1 7   PRO 7   10  10  PRO PRO A . n 
A 1 8   GLU 8   11  11  GLU GLU A . n 
A 1 9   ILE 9   12  12  ILE ILE A . n 
A 1 10  VAL 10  13  13  VAL VAL A . n 
A 1 11  GLU 11  14  14  GLU GLU A . n 
A 1 12  GLY 12  15  15  GLY GLY A . n 
A 1 13  LEU 13  16  16  LEU LEU A . n 
A 1 14  PRO 14  17  17  PRO PRO A . n 
A 1 15  ILE 15  18  18  ILE ILE A . n 
A 1 16  PRO 16  19  19  PRO PRO A . n 
A 1 17  LEU 17  20  20  LEU LEU A . n 
A 1 18  ALA 18  21  21  ALA ALA A . n 
A 1 19  VAL 19  22  22  VAL VAL A . n 
A 1 20  ALA 20  23  23  ALA ALA A . n 
A 1 21  GLY 21  24  24  GLY GLY A . n 
A 1 22  HIS 22  25  25  HIS HIS A . n 
A 1 23  HIS 23  26  26  HIS HIS A . n 
A 1 24  GLN 24  27  27  GLN GLN A . n 
A 1 25  PRO 25  28  28  PRO PRO A . n 
A 1 26  ALA 26  29  29  ALA ALA A . n 
A 1 27  PRO 27  30  30  PRO PRO A . n 
A 1 28  PHE 28  31  31  PHE PHE A . n 
A 1 29  TYR 29  32  32  TYR TYR A . n 
A 1 30  LEU 30  33  33  LEU LEU A . n 
A 1 31  THR 31  34  34  THR THR A . n 
A 1 32  ALA 32  35  35  ALA ALA A . n 
A 1 33  ASP 33  36  36  ASP ASP A . n 
A 1 34  MET 34  37  37  MET MET A . n 
A 1 35  PHE 35  38  38  PHE PHE A . n 
A 1 36  GLY 36  39  39  GLY GLY A . n 
A 1 37  GLY 37  40  40  GLY GLY A . n 
A 1 38  LEU 38  41  41  LEU LEU A . n 
A 1 39  PRO 39  42  42  PRO PRO A . n 
A 1 40  VAL 40  43  43  VAL VAL A . n 
A 1 41  GLN 41  44  44  GLN GLN A . n 
A 1 42  LEU 42  45  45  LEU LEU A . n 
A 1 43  ALA 43  46  46  ALA ALA A . n 
A 1 44  GLY 44  47  47  GLY GLY A . n 
A 1 45  GLY 45  48  48  GLY GLY A . n 
A 1 46  GLU 46  49  49  GLU GLU A . n 
A 1 47  LEU 47  50  50  LEU LEU A . n 
A 1 48  SER 48  51  51  SER SER A . n 
A 1 49  THR 49  52  52  THR THR A . n 
A 1 50  LEU 50  53  53  LEU LEU A . n 
A 1 51  VAL 51  54  54  VAL VAL A . n 
A 1 52  GLY 52  55  55  GLY GLY A . n 
A 1 53  LYS 53  56  56  LYS LYS A . n 
A 1 54  PRO 54  57  57  PRO PRO A . n 
A 1 55  VAL 55  58  58  VAL VAL A . n 
A 1 56  ALA 56  59  59  ALA ALA A . n 
A 1 57  ALA 57  60  60  ALA ALA A . n 
A 1 58  PRO 58  61  61  PRO PRO A . n 
A 1 59  HIS 59  62  62  HIS HIS A . n 
A 1 60  THR 60  63  63  THR THR A . n 
A 1 61  HIS 61  64  64  HIS HIS A . n 
A 1 62  PRO 62  65  65  PRO PRO A . n 
A 1 63  VAL 63  66  66  VAL VAL A . n 
A 1 64  ASP 64  67  67  ASP ASP A . n 
A 1 65  GLU 65  68  68  GLU GLU A . n 
A 1 66  LEU 66  69  69  LEU LEU A . n 
A 1 67  TYR 67  70  70  TYR TYR A . n 
A 1 68  LEU 68  71  71  LEU LEU A . n 
A 1 69  LEU 69  72  72  LEU LEU A . n 
A 1 70  VAL 70  73  73  VAL VAL A . n 
A 1 71  SER 71  74  74  SER SER A . n 
A 1 72  PRO 72  75  75  PRO PRO A . n 
A 1 73  ASN 73  76  76  ASN ASN A . n 
A 1 74  LYS 74  77  77  LYS LYS A . n 
A 1 75  GLY 75  78  78  GLY GLY A . n 
A 1 76  GLY 76  79  79  GLY GLY A . n 
A 1 77  ALA 77  80  80  ALA ALA A . n 
A 1 78  ARG 78  81  81  ARG ARG A . n 
A 1 79  ILE 79  82  82  ILE ILE A . n 
A 1 80  GLU 80  83  83  GLU GLU A . n 
A 1 81  VAL 81  84  84  VAL VAL A . n 
A 1 82  GLN 82  85  85  GLN GLN A . n 
A 1 83  LEU 83  86  86  LEU LEU A . n 
A 1 84  ASP 84  87  87  ASP ASP A . n 
A 1 85  GLY 85  88  88  GLY GLY A . n 
A 1 86  ARG 86  89  89  ARG ARG A . n 
A 1 87  ARG 87  90  90  ARG ARG A . n 
A 1 88  HIS 88  91  91  HIS HIS A . n 
A 1 89  GLU 89  92  92  GLU GLU A . n 
A 1 90  LEU 90  93  93  LEU LEU A . n 
A 1 91  LEU 91  94  94  LEU LEU A . n 
A 1 92  SER 92  95  95  SER SER A . n 
A 1 93  PRO 93  96  96  PRO PRO A . n 
A 1 94  ALA 94  97  97  ALA ALA A . n 
A 1 95  VAL 95  98  98  VAL VAL A . n 
A 1 96  MET 96  99  99  MET MET A . n 
A 1 97  ARG 97  100 100 ARG ARG A . n 
A 1 98  ILE 98  101 101 ILE ILE A . n 
A 1 99  PRO 99  102 102 PRO PRO A . n 
A 1 100 ALA 100 103 103 ALA ALA A . n 
A 1 101 GLY 101 104 104 GLY GLY A . n 
A 1 102 SER 102 105 105 SER SER A . n 
A 1 103 GLU 103 106 106 GLU GLU A . n 
A 1 104 HIS 104 107 107 HIS HIS A . n 
A 1 105 CYS 105 108 108 CYS CYS A . n 
A 1 106 PHE 106 109 109 PHE PHE A . n 
A 1 107 LEU 107 110 110 LEU LEU A . n 
A 1 108 THR 108 111 111 THR THR A . n 
A 1 109 LEU 109 112 112 LEU LEU A . n 
A 1 110 GLU 110 113 113 GLU GLU A . n 
A 1 111 ALA 111 114 114 ALA ALA A . n 
A 1 112 GLU 112 115 115 GLU GLU A . n 
A 1 113 VAL 113 116 116 VAL VAL A . n 
A 1 114 GLY 114 117 117 GLY GLY A . n 
A 1 115 SER 115 118 118 SER SER A . n 
A 1 116 TYR 116 119 119 TYR TYR A . n 
A 1 117 CYS 117 120 120 CYS CYS A . n 
A 1 118 PHE 118 121 121 PHE PHE A . n 
A 1 119 GLY 119 122 122 GLY GLY A . n 
A 1 120 ILE 120 123 123 ILE ILE A . n 
A 1 121 LEU 121 124 124 LEU LEU A . n 
A 1 122 LEU 122 125 125 LEU LEU A . n 
A 1 123 GLY 123 126 126 GLY GLY A . n 
A 1 124 ASP 124 127 127 ASP ASP A . n 
A 1 125 ARG 125 128 128 ARG ARG A . n 
A 1 126 LEU 126 129 129 LEU LEU A . n 
# 
loop_
_pdbx_nonpoly_scheme.asym_id 
_pdbx_nonpoly_scheme.entity_id 
_pdbx_nonpoly_scheme.mon_id 
_pdbx_nonpoly_scheme.ndb_seq_num 
_pdbx_nonpoly_scheme.pdb_seq_num 
_pdbx_nonpoly_scheme.auth_seq_num 
_pdbx_nonpoly_scheme.pdb_mon_id 
_pdbx_nonpoly_scheme.auth_mon_id 
_pdbx_nonpoly_scheme.pdb_strand_id 
_pdbx_nonpoly_scheme.pdb_ins_code 
B 2 FLC 1   201 1   FLC FLC A . 
C 3 GOL 1   202 1   GOL GOL A . 
D 4 HOH 1   301 104 HOH HOH A . 
D 4 HOH 2   302 199 HOH HOH A . 
D 4 HOH 3   303 49  HOH HOH A . 
D 4 HOH 4   304 86  HOH HOH A . 
D 4 HOH 5   305 99  HOH HOH A . 
D 4 HOH 6   306 202 HOH HOH A . 
D 4 HOH 7   307 30  HOH HOH A . 
D 4 HOH 8   308 106 HOH HOH A . 
D 4 HOH 9   309 32  HOH HOH A . 
D 4 HOH 10  310 42  HOH HOH A . 
D 4 HOH 11  311 23  HOH HOH A . 
D 4 HOH 12  312 17  HOH HOH A . 
D 4 HOH 13  313 7   HOH HOH A . 
D 4 HOH 14  314 40  HOH HOH A . 
D 4 HOH 15  315 6   HOH HOH A . 
D 4 HOH 16  316 112 HOH HOH A . 
D 4 HOH 17  317 68  HOH HOH A . 
D 4 HOH 18  318 35  HOH HOH A . 
D 4 HOH 19  319 200 HOH HOH A . 
D 4 HOH 20  320 31  HOH HOH A . 
D 4 HOH 21  321 9   HOH HOH A . 
D 4 HOH 22  322 149 HOH HOH A . 
D 4 HOH 23  323 5   HOH HOH A . 
D 4 HOH 24  324 87  HOH HOH A . 
D 4 HOH 25  325 83  HOH HOH A . 
D 4 HOH 26  326 20  HOH HOH A . 
D 4 HOH 27  327 102 HOH HOH A . 
D 4 HOH 28  328 11  HOH HOH A . 
D 4 HOH 29  329 16  HOH HOH A . 
D 4 HOH 30  330 12  HOH HOH A . 
D 4 HOH 31  331 38  HOH HOH A . 
D 4 HOH 32  332 91  HOH HOH A . 
D 4 HOH 33  333 52  HOH HOH A . 
D 4 HOH 34  334 75  HOH HOH A . 
D 4 HOH 35  335 78  HOH HOH A . 
D 4 HOH 36  336 46  HOH HOH A . 
D 4 HOH 37  337 1   HOH HOH A . 
D 4 HOH 38  338 76  HOH HOH A . 
D 4 HOH 39  339 82  HOH HOH A . 
D 4 HOH 40  340 101 HOH HOH A . 
D 4 HOH 41  341 74  HOH HOH A . 
D 4 HOH 42  342 66  HOH HOH A . 
D 4 HOH 43  343 15  HOH HOH A . 
D 4 HOH 44  344 55  HOH HOH A . 
D 4 HOH 45  345 27  HOH HOH A . 
D 4 HOH 46  346 79  HOH HOH A . 
D 4 HOH 47  347 94  HOH HOH A . 
D 4 HOH 48  348 64  HOH HOH A . 
D 4 HOH 49  349 29  HOH HOH A . 
D 4 HOH 50  350 4   HOH HOH A . 
D 4 HOH 51  351 24  HOH HOH A . 
D 4 HOH 52  352 13  HOH HOH A . 
D 4 HOH 53  353 14  HOH HOH A . 
D 4 HOH 54  354 107 HOH HOH A . 
D 4 HOH 55  355 56  HOH HOH A . 
D 4 HOH 56  356 85  HOH HOH A . 
D 4 HOH 57  357 54  HOH HOH A . 
D 4 HOH 58  358 84  HOH HOH A . 
D 4 HOH 59  359 97  HOH HOH A . 
D 4 HOH 60  360 33  HOH HOH A . 
D 4 HOH 61  361 2   HOH HOH A . 
D 4 HOH 62  362 108 HOH HOH A . 
D 4 HOH 63  363 90  HOH HOH A . 
D 4 HOH 64  364 100 HOH HOH A . 
D 4 HOH 65  365 36  HOH HOH A . 
D 4 HOH 66  366 67  HOH HOH A . 
D 4 HOH 67  367 37  HOH HOH A . 
D 4 HOH 68  368 60  HOH HOH A . 
D 4 HOH 69  369 18  HOH HOH A . 
D 4 HOH 70  370 71  HOH HOH A . 
D 4 HOH 71  371 10  HOH HOH A . 
D 4 HOH 72  372 50  HOH HOH A . 
D 4 HOH 73  373 22  HOH HOH A . 
D 4 HOH 74  374 77  HOH HOH A . 
D 4 HOH 75  375 39  HOH HOH A . 
D 4 HOH 76  376 103 HOH HOH A . 
D 4 HOH 77  377 92  HOH HOH A . 
D 4 HOH 78  378 41  HOH HOH A . 
D 4 HOH 79  379 69  HOH HOH A . 
D 4 HOH 80  380 34  HOH HOH A . 
D 4 HOH 81  381 44  HOH HOH A . 
D 4 HOH 82  382 62  HOH HOH A . 
D 4 HOH 83  383 73  HOH HOH A . 
D 4 HOH 84  384 126 HOH HOH A . 
D 4 HOH 85  385 96  HOH HOH A . 
D 4 HOH 86  386 21  HOH HOH A . 
D 4 HOH 87  387 61  HOH HOH A . 
D 4 HOH 88  388 28  HOH HOH A . 
D 4 HOH 89  389 93  HOH HOH A . 
D 4 HOH 90  390 19  HOH HOH A . 
D 4 HOH 91  391 25  HOH HOH A . 
D 4 HOH 92  392 176 HOH HOH A . 
D 4 HOH 93  393 201 HOH HOH A . 
D 4 HOH 94  394 43  HOH HOH A . 
D 4 HOH 95  395 8   HOH HOH A . 
D 4 HOH 96  396 98  HOH HOH A . 
D 4 HOH 97  397 70  HOH HOH A . 
D 4 HOH 98  398 80  HOH HOH A . 
D 4 HOH 99  399 47  HOH HOH A . 
D 4 HOH 100 400 58  HOH HOH A . 
D 4 HOH 101 401 181 HOH HOH A . 
D 4 HOH 102 402 187 HOH HOH A . 
D 4 HOH 103 403 141 HOH HOH A . 
D 4 HOH 104 404 198 HOH HOH A . 
D 4 HOH 105 405 51  HOH HOH A . 
D 4 HOH 106 406 174 HOH HOH A . 
D 4 HOH 107 407 72  HOH HOH A . 
D 4 HOH 108 408 45  HOH HOH A . 
D 4 HOH 109 409 115 HOH HOH A . 
D 4 HOH 110 410 53  HOH HOH A . 
D 4 HOH 111 411 65  HOH HOH A . 
D 4 HOH 112 412 189 HOH HOH A . 
D 4 HOH 113 413 48  HOH HOH A . 
D 4 HOH 114 414 63  HOH HOH A . 
D 4 HOH 115 415 81  HOH HOH A . 
D 4 HOH 116 416 105 HOH HOH A . 
D 4 HOH 117 417 119 HOH HOH A . 
D 4 HOH 118 418 111 HOH HOH A . 
# 
loop_
_software.citation_id 
_software.classification 
_software.compiler_name 
_software.compiler_version 
_software.contact_author 
_software.contact_author_email 
_software.date 
_software.description 
_software.dependencies 
_software.hardware 
_software.language 
_software.location 
_software.mods 
_software.name 
_software.os 
_software.os_version 
_software.type 
_software.version 
_software.pdbx_ordinal 
? refinement        ? ? ? ? ? ? ? ? ? ? ? REFMAC      ? ? ? 5.8.0049 1 
? 'data scaling'    ? ? ? ? ? ? ? ? ? ? ? HKL-2000    ? ? ? .        2 
? 'data extraction' ? ? ? ? ? ? ? ? ? ? ? PDB_EXTRACT ? ? ? 3.24     3 
? 'data reduction'  ? ? ? ? ? ? ? ? ? ? ? HKL-2000    ? ? ? .        4 
? phasing           ? ? ? ? ? ? ? ? ? ? ? MOLREP      ? ? ? .        5 
# 
_cell.angle_alpha                  90.000 
_cell.angle_alpha_esd              ? 
_cell.angle_beta                   90.000 
_cell.angle_beta_esd               ? 
_cell.angle_gamma                  120.000 
_cell.angle_gamma_esd              ? 
_cell.entry_id                     6J4D 
_cell.details                      ? 
_cell.formula_units_Z              ? 
_cell.length_a                     43.425 
_cell.length_a_esd                 ? 
_cell.length_b                     43.425 
_cell.length_b_esd                 ? 
_cell.length_c                     98.383 
_cell.length_c_esd                 ? 
_cell.volume                       ? 
_cell.volume_esd                   ? 
_cell.Z_PDB                        6 
_cell.reciprocal_angle_alpha       ? 
_cell.reciprocal_angle_beta        ? 
_cell.reciprocal_angle_gamma       ? 
_cell.reciprocal_angle_alpha_esd   ? 
_cell.reciprocal_angle_beta_esd    ? 
_cell.reciprocal_angle_gamma_esd   ? 
_cell.reciprocal_length_a          ? 
_cell.reciprocal_length_b          ? 
_cell.reciprocal_length_c          ? 
_cell.reciprocal_length_a_esd      ? 
_cell.reciprocal_length_b_esd      ? 
_cell.reciprocal_length_c_esd      ? 
_cell.pdbx_unique_axis             ? 
# 
_symmetry.entry_id                         6J4D 
_symmetry.cell_setting                     ? 
_symmetry.Int_Tables_number                154 
_symmetry.space_group_name_Hall            ? 
_symmetry.space_group_name_H-M             'P 32 2 1' 
_symmetry.pdbx_full_space_group_name_H-M   ? 
# 
_exptl.absorpt_coefficient_mu     ? 
_exptl.absorpt_correction_T_max   ? 
_exptl.absorpt_correction_T_min   ? 
_exptl.absorpt_correction_type    ? 
_exptl.absorpt_process_details    ? 
_exptl.entry_id                   6J4D 
_exptl.crystals_number            1 
_exptl.details                    ? 
_exptl.method                     'X-RAY DIFFRACTION' 
_exptl.method_details             ? 
# 
_exptl_crystal.colour                      ? 
_exptl_crystal.density_diffrn              ? 
_exptl_crystal.density_Matthews            2.01 
_exptl_crystal.density_method              ? 
_exptl_crystal.density_percent_sol         38.80 
_exptl_crystal.description                 ? 
_exptl_crystal.F_000                       ? 
_exptl_crystal.id                          1 
_exptl_crystal.preparation                 ? 
_exptl_crystal.size_max                    ? 
_exptl_crystal.size_mid                    ? 
_exptl_crystal.size_min                    ? 
_exptl_crystal.size_rad                    ? 
_exptl_crystal.colour_lustre               ? 
_exptl_crystal.colour_modifier             ? 
_exptl_crystal.colour_primary              ? 
_exptl_crystal.density_meas                ? 
_exptl_crystal.density_meas_esd            ? 
_exptl_crystal.density_meas_gt             ? 
_exptl_crystal.density_meas_lt             ? 
_exptl_crystal.density_meas_temp           ? 
_exptl_crystal.density_meas_temp_esd       ? 
_exptl_crystal.density_meas_temp_gt        ? 
_exptl_crystal.density_meas_temp_lt        ? 
_exptl_crystal.pdbx_crystal_image_url      ? 
_exptl_crystal.pdbx_crystal_image_format   ? 
_exptl_crystal.pdbx_mosaicity              ? 
_exptl_crystal.pdbx_mosaicity_esd          ? 
# 
_exptl_crystal_grow.apparatus       ? 
_exptl_crystal_grow.atmosphere      ? 
_exptl_crystal_grow.crystal_id      1 
_exptl_crystal_grow.details         ? 
_exptl_crystal_grow.method          'VAPOR DIFFUSION, HANGING DROP' 
_exptl_crystal_grow.method_ref      ? 
_exptl_crystal_grow.pH              4.7 
_exptl_crystal_grow.pressure        ? 
_exptl_crystal_grow.pressure_esd    ? 
_exptl_crystal_grow.seeding         ? 
_exptl_crystal_grow.seeding_ref     ? 
_exptl_crystal_grow.temp            293 
_exptl_crystal_grow.temp_details    ? 
_exptl_crystal_grow.temp_esd        ? 
_exptl_crystal_grow.time            ? 
_exptl_crystal_grow.pdbx_details    '100mM sodium citrate, pH4.7, 20% PEG3350, 0.2M NaCl' 
_exptl_crystal_grow.pdbx_pH_range   ? 
# 
_diffrn.ambient_environment              ? 
_diffrn.ambient_temp                     100 
_diffrn.ambient_temp_details             ? 
_diffrn.ambient_temp_esd                 ? 
_diffrn.crystal_id                       1 
_diffrn.crystal_support                  ? 
_diffrn.crystal_treatment                ? 
_diffrn.details                          ? 
_diffrn.id                               1 
_diffrn.ambient_pressure                 ? 
_diffrn.ambient_pressure_esd             ? 
_diffrn.ambient_pressure_gt              ? 
_diffrn.ambient_pressure_lt              ? 
_diffrn.ambient_temp_gt                  ? 
_diffrn.ambient_temp_lt                  ? 
_diffrn.pdbx_serial_crystal_experiment   N 
# 
_diffrn_detector.details                      ? 
_diffrn_detector.detector                     CCD 
_diffrn_detector.diffrn_id                    1 
_diffrn_detector.type                         'MARMOSAIC 225 mm CCD' 
_diffrn_detector.area_resol_mean              ? 
_diffrn_detector.dtime                        ? 
_diffrn_detector.pdbx_frames_total            ? 
_diffrn_detector.pdbx_collection_time_total   ? 
_diffrn_detector.pdbx_collection_date         2018-03-29 
_diffrn_detector.pdbx_frequency               ? 
# 
_diffrn_radiation.collimation                      ? 
_diffrn_radiation.diffrn_id                        1 
_diffrn_radiation.filter_edge                      ? 
_diffrn_radiation.inhomogeneity                    ? 
_diffrn_radiation.monochromator                    ? 
_diffrn_radiation.polarisn_norm                    ? 
_diffrn_radiation.polarisn_ratio                   ? 
_diffrn_radiation.probe                            ? 
_diffrn_radiation.type                             ? 
_diffrn_radiation.xray_symbol                      ? 
_diffrn_radiation.wavelength_id                    1 
_diffrn_radiation.pdbx_monochromatic_or_laue_m_l   M 
_diffrn_radiation.pdbx_wavelength_list             ? 
_diffrn_radiation.pdbx_wavelength                  ? 
_diffrn_radiation.pdbx_diffrn_protocol             'SINGLE WAVELENGTH' 
_diffrn_radiation.pdbx_analyzer                    ? 
_diffrn_radiation.pdbx_scattering_type             x-ray 
# 
_diffrn_radiation_wavelength.id           1 
_diffrn_radiation_wavelength.wavelength   0.97891 
_diffrn_radiation_wavelength.wt           1.0 
# 
_diffrn_source.current                     ? 
_diffrn_source.details                     ? 
_diffrn_source.diffrn_id                   1 
_diffrn_source.power                       ? 
_diffrn_source.size                        ? 
_diffrn_source.source                      SYNCHROTRON 
_diffrn_source.target                      ? 
_diffrn_source.type                        'NFPSS BEAMLINE BL19U1' 
_diffrn_source.voltage                     ? 
_diffrn_source.take-off_angle              ? 
_diffrn_source.pdbx_wavelength_list        0.97891 
_diffrn_source.pdbx_wavelength             ? 
_diffrn_source.pdbx_synchrotron_beamline   BL19U1 
_diffrn_source.pdbx_synchrotron_site       NFPSS 
# 
_reflns.B_iso_Wilson_estimate            ? 
_reflns.entry_id                         6J4D 
_reflns.data_reduction_details           ? 
_reflns.data_reduction_method            ? 
_reflns.d_resolution_high                1.40 
_reflns.d_resolution_low                 50.0 
_reflns.details                          ? 
_reflns.limit_h_max                      ? 
_reflns.limit_h_min                      ? 
_reflns.limit_k_max                      ? 
_reflns.limit_k_min                      ? 
_reflns.limit_l_max                      ? 
_reflns.limit_l_min                      ? 
_reflns.number_all                       ? 
_reflns.number_obs                       18801 
_reflns.observed_criterion               ? 
_reflns.observed_criterion_F_max         ? 
_reflns.observed_criterion_F_min         ? 
_reflns.observed_criterion_I_max         ? 
_reflns.observed_criterion_I_min         ? 
_reflns.observed_criterion_sigma_F       ? 
_reflns.observed_criterion_sigma_I       ? 
_reflns.percent_possible_obs             98.5 
_reflns.R_free_details                   ? 
_reflns.Rmerge_F_all                     ? 
_reflns.Rmerge_F_obs                     ? 
_reflns.Friedel_coverage                 ? 
_reflns.number_gt                        ? 
_reflns.threshold_expression             ? 
_reflns.pdbx_redundancy                  14.0 
_reflns.pdbx_Rmerge_I_obs                ? 
_reflns.pdbx_Rmerge_I_all                ? 
_reflns.pdbx_Rsym_value                  ? 
_reflns.pdbx_netI_over_av_sigmaI         ? 
_reflns.pdbx_netI_over_sigmaI            54.3 
_reflns.pdbx_res_netI_over_av_sigmaI_2   ? 
_reflns.pdbx_res_netI_over_sigmaI_2      ? 
_reflns.pdbx_chi_squared                 ? 
_reflns.pdbx_scaling_rejects             ? 
_reflns.pdbx_d_res_high_opt              ? 
_reflns.pdbx_d_res_low_opt               ? 
_reflns.pdbx_d_res_opt_method            ? 
_reflns.phase_calculation_details        ? 
_reflns.pdbx_Rrim_I_all                  ? 
_reflns.pdbx_Rpim_I_all                  ? 
_reflns.pdbx_d_opt                       ? 
_reflns.pdbx_number_measured_all         ? 
_reflns.pdbx_diffrn_id                   1 
_reflns.pdbx_ordinal                     1 
_reflns.pdbx_CC_half                     ? 
_reflns.pdbx_R_split                     ? 
# 
_reflns_shell.d_res_high                  1.40 
_reflns_shell.d_res_low                   1.42 
_reflns_shell.meanI_over_sigI_all         ? 
_reflns_shell.meanI_over_sigI_obs         ? 
_reflns_shell.number_measured_all         ? 
_reflns_shell.number_measured_obs         ? 
_reflns_shell.number_possible             ? 
_reflns_shell.number_unique_all           ? 
_reflns_shell.number_unique_obs           ? 
_reflns_shell.percent_possible_all        ? 
_reflns_shell.percent_possible_obs        ? 
_reflns_shell.Rmerge_F_all                ? 
_reflns_shell.Rmerge_F_obs                ? 
_reflns_shell.Rmerge_I_all                ? 
_reflns_shell.Rmerge_I_obs                ? 
_reflns_shell.meanI_over_sigI_gt          ? 
_reflns_shell.meanI_over_uI_all           ? 
_reflns_shell.meanI_over_uI_gt            ? 
_reflns_shell.number_measured_gt          ? 
_reflns_shell.number_unique_gt            ? 
_reflns_shell.percent_possible_gt         ? 
_reflns_shell.Rmerge_F_gt                 ? 
_reflns_shell.Rmerge_I_gt                 ? 
_reflns_shell.pdbx_redundancy             ? 
_reflns_shell.pdbx_Rsym_value             ? 
_reflns_shell.pdbx_chi_squared            ? 
_reflns_shell.pdbx_netI_over_sigmaI_all   ? 
_reflns_shell.pdbx_netI_over_sigmaI_obs   ? 
_reflns_shell.pdbx_Rrim_I_all             ? 
_reflns_shell.pdbx_Rpim_I_all             ? 
_reflns_shell.pdbx_rejects                ? 
_reflns_shell.pdbx_ordinal                1 
_reflns_shell.pdbx_diffrn_id              1 
_reflns_shell.pdbx_CC_half                ? 
_reflns_shell.pdbx_R_split                ? 
# 
_refine.aniso_B[1][1]                            -0.0000 
_refine.aniso_B[1][2]                            -0.0000 
_refine.aniso_B[1][3]                            0.0000 
_refine.aniso_B[2][2]                            -0.0000 
_refine.aniso_B[2][3]                            0.0000 
_refine.aniso_B[3][3]                            0.0000 
_refine.B_iso_max                                85.600 
_refine.B_iso_mean                               10.8620 
_refine.B_iso_min                                4.710 
_refine.correlation_coeff_Fo_to_Fc               0.9700 
_refine.correlation_coeff_Fo_to_Fc_free          0.9650 
_refine.details                                  
'HYDROGENS HAVE BEEN ADDED IN THE RIDING POSITIONS U VALUES      : REFINED INDIVIDUALLY' 
_refine.diff_density_max                         ? 
_refine.diff_density_max_esd                     ? 
_refine.diff_density_min                         ? 
_refine.diff_density_min_esd                     ? 
_refine.diff_density_rms                         ? 
_refine.diff_density_rms_esd                     ? 
_refine.entry_id                                 6J4D 
_refine.pdbx_refine_id                           'X-RAY DIFFRACTION' 
_refine.ls_abs_structure_details                 ? 
_refine.ls_abs_structure_Flack                   ? 
_refine.ls_abs_structure_Flack_esd               ? 
_refine.ls_abs_structure_Rogers                  ? 
_refine.ls_abs_structure_Rogers_esd              ? 
_refine.ls_d_res_high                            1.4000 
_refine.ls_d_res_low                             37.6100 
_refine.ls_extinction_coef                       ? 
_refine.ls_extinction_coef_esd                   ? 
_refine.ls_extinction_expression                 ? 
_refine.ls_extinction_method                     ? 
_refine.ls_goodness_of_fit_all                   ? 
_refine.ls_goodness_of_fit_all_esd               ? 
_refine.ls_goodness_of_fit_obs                   ? 
_refine.ls_goodness_of_fit_obs_esd               ? 
_refine.ls_hydrogen_treatment                    ? 
_refine.ls_matrix_type                           ? 
_refine.ls_number_constraints                    ? 
_refine.ls_number_parameters                     ? 
_refine.ls_number_reflns_all                     ? 
_refine.ls_number_reflns_obs                     17789 
_refine.ls_number_reflns_R_free                  965 
_refine.ls_number_reflns_R_work                  ? 
_refine.ls_number_restraints                     ? 
_refine.ls_percent_reflns_obs                    85.7400 
_refine.ls_percent_reflns_R_free                 5.1000 
_refine.ls_R_factor_all                          ? 
_refine.ls_R_factor_obs                          0.1465 
_refine.ls_R_factor_R_free                       0.1670 
_refine.ls_R_factor_R_free_error                 ? 
_refine.ls_R_factor_R_free_error_details         ? 
_refine.ls_R_factor_R_work                       0.1454 
_refine.ls_R_Fsqd_factor_obs                     ? 
_refine.ls_R_I_factor_obs                        ? 
_refine.ls_redundancy_reflns_all                 ? 
_refine.ls_redundancy_reflns_obs                 ? 
_refine.ls_restrained_S_all                      ? 
_refine.ls_restrained_S_obs                      ? 
_refine.ls_shift_over_esd_max                    ? 
_refine.ls_shift_over_esd_mean                   ? 
_refine.ls_structure_factor_coef                 ? 
_refine.ls_weighting_details                     ? 
_refine.ls_weighting_scheme                      ? 
_refine.ls_wR_factor_all                         ? 
_refine.ls_wR_factor_obs                         ? 
_refine.ls_wR_factor_R_free                      ? 
_refine.ls_wR_factor_R_work                      ? 
_refine.occupancy_max                            ? 
_refine.occupancy_min                            ? 
_refine.solvent_model_details                    MASK 
_refine.solvent_model_param_bsol                 ? 
_refine.solvent_model_param_ksol                 ? 
_refine.ls_R_factor_gt                           ? 
_refine.ls_goodness_of_fit_gt                    ? 
_refine.ls_goodness_of_fit_ref                   ? 
_refine.ls_shift_over_su_max                     ? 
_refine.ls_shift_over_su_max_lt                  ? 
_refine.ls_shift_over_su_mean                    ? 
_refine.ls_shift_over_su_mean_lt                 ? 
_refine.pdbx_ls_sigma_I                          ? 
_refine.pdbx_ls_sigma_F                          0.000 
_refine.pdbx_ls_sigma_Fsqd                       ? 
_refine.pdbx_data_cutoff_high_absF               ? 
_refine.pdbx_data_cutoff_high_rms_absF           ? 
_refine.pdbx_data_cutoff_low_absF                ? 
_refine.pdbx_isotropic_thermal_model             ? 
_refine.pdbx_ls_cross_valid_method               THROUGHOUT 
_refine.pdbx_method_to_determine_struct          'MOLECULAR REPLACEMENT' 
_refine.pdbx_starting_model                      ? 
_refine.pdbx_stereochemistry_target_values       'MAXIMUM LIKELIHOOD' 
_refine.pdbx_R_Free_selection_details            RANDOM 
_refine.pdbx_stereochem_target_val_spec_case     ? 
_refine.pdbx_overall_ESU_R                       0.0610 
_refine.pdbx_overall_ESU_R_Free                  0.0610 
_refine.pdbx_solvent_vdw_probe_radii             1.2000 
_refine.pdbx_solvent_ion_probe_radii             0.8000 
_refine.pdbx_solvent_shrinkage_radii             0.8000 
_refine.pdbx_real_space_R                        ? 
_refine.pdbx_density_correlation                 ? 
_refine.pdbx_pd_number_of_powder_patterns        ? 
_refine.pdbx_pd_number_of_points                 ? 
_refine.pdbx_pd_meas_number_of_points            ? 
_refine.pdbx_pd_proc_ls_prof_R_factor            ? 
_refine.pdbx_pd_proc_ls_prof_wR_factor           ? 
_refine.pdbx_pd_Marquardt_correlation_coeff      ? 
_refine.pdbx_pd_Fsqrd_R_factor                   ? 
_refine.pdbx_pd_ls_matrix_band_width             ? 
_refine.pdbx_overall_phase_error                 ? 
_refine.pdbx_overall_SU_R_free_Cruickshank_DPI   ? 
_refine.pdbx_overall_SU_R_free_Blow_DPI          ? 
_refine.pdbx_overall_SU_R_Blow_DPI               ? 
_refine.pdbx_TLS_residual_ADP_flag               ? 
_refine.pdbx_diffrn_id                           1 
_refine.overall_SU_B                             0.7570 
_refine.overall_SU_ML                            0.0310 
_refine.overall_SU_R_Cruickshank_DPI             ? 
_refine.overall_SU_R_free                        ? 
_refine.overall_FOM_free_R_set                   ? 
_refine.overall_FOM_work_R_set                   ? 
_refine.pdbx_average_fsc_overall                 ? 
_refine.pdbx_average_fsc_work                    ? 
_refine.pdbx_average_fsc_free                    ? 
# 
_refine_hist.cycle_id                         final 
_refine_hist.pdbx_refine_id                   'X-RAY DIFFRACTION' 
_refine_hist.d_res_high                       1.4000 
_refine_hist.d_res_low                        37.6100 
_refine_hist.pdbx_number_atoms_ligand         19 
_refine_hist.number_atoms_solvent             118 
_refine_hist.number_atoms_total               1047 
_refine_hist.pdbx_number_residues_total       122 
_refine_hist.pdbx_B_iso_mean_ligand           15.92 
_refine_hist.pdbx_B_iso_mean_solvent          21.92 
_refine_hist.pdbx_number_atoms_protein        910 
_refine_hist.pdbx_number_atoms_nucleic_acid   0 
# 
loop_
_refine_ls_restr.pdbx_refine_id 
_refine_ls_restr.criterion 
_refine_ls_restr.dev_ideal 
_refine_ls_restr.dev_ideal_target 
_refine_ls_restr.number 
_refine_ls_restr.rejects 
_refine_ls_restr.type 
_refine_ls_restr.weight 
_refine_ls_restr.pdbx_restraint_function 
'X-RAY DIFFRACTION' ? 0.025  0.019  951  ? r_bond_refined_d       ? ? 
'X-RAY DIFFRACTION' ? 0.002  0.020  914  ? r_bond_other_d         ? ? 
'X-RAY DIFFRACTION' ? 2.326  2.020  1298 ? r_angle_refined_deg    ? ? 
'X-RAY DIFFRACTION' ? 0.959  3.000  2113 ? r_angle_other_deg      ? ? 
'X-RAY DIFFRACTION' ? 6.603  5.000  121  ? r_dihedral_angle_1_deg ? ? 
'X-RAY DIFFRACTION' ? 31.926 23.611 36   ? r_dihedral_angle_2_deg ? ? 
'X-RAY DIFFRACTION' ? 10.473 15.000 139  ? r_dihedral_angle_3_deg ? ? 
'X-RAY DIFFRACTION' ? 21.978 15.000 5    ? r_dihedral_angle_4_deg ? ? 
'X-RAY DIFFRACTION' ? 0.142  0.200  147  ? r_chiral_restr         ? ? 
'X-RAY DIFFRACTION' ? 0.012  0.021  1068 ? r_gen_planes_refined   ? ? 
'X-RAY DIFFRACTION' ? 0.001  0.020  193  ? r_gen_planes_other     ? ? 
# 
_refine_ls_shell.pdbx_refine_id                   'X-RAY DIFFRACTION' 
_refine_ls_shell.d_res_high                       1.4000 
_refine_ls_shell.d_res_low                        1.4370 
_refine_ls_shell.number_reflns_all                359 
_refine_ls_shell.number_reflns_obs                ? 
_refine_ls_shell.number_reflns_R_free             11 
_refine_ls_shell.number_reflns_R_work             348 
_refine_ls_shell.percent_reflns_obs               22.9400 
_refine_ls_shell.percent_reflns_R_free            ? 
_refine_ls_shell.R_factor_all                     ? 
_refine_ls_shell.R_factor_obs                     ? 
_refine_ls_shell.R_factor_R_free                  0.2130 
_refine_ls_shell.R_factor_R_free_error            0.0000 
_refine_ls_shell.R_factor_R_work                  0.1640 
_refine_ls_shell.redundancy_reflns_all            ? 
_refine_ls_shell.redundancy_reflns_obs            ? 
_refine_ls_shell.wR_factor_all                    ? 
_refine_ls_shell.wR_factor_obs                    ? 
_refine_ls_shell.wR_factor_R_free                 ? 
_refine_ls_shell.wR_factor_R_work                 ? 
_refine_ls_shell.pdbx_total_number_of_bins_used   20 
_refine_ls_shell.pdbx_phase_error                 ? 
_refine_ls_shell.pdbx_fsc_work                    ? 
_refine_ls_shell.pdbx_fsc_free                    ? 
# 
_struct.entry_id                     6J4D 
_struct.title                        
'Crystal structure of MarH, an epimerase for biosynthesis of Maremycins in Streptomyces, under pH 4.7, without Zn' 
_struct.pdbx_model_details           ? 
_struct.pdbx_formula_weight          ? 
_struct.pdbx_formula_weight_method   ? 
_struct.pdbx_model_type_details      ? 
_struct.pdbx_CASP_flag               N 
# 
_struct_keywords.entry_id        6J4D 
_struct_keywords.text            'isomerase, epimerase, Maremycins, biosynthesis' 
_struct_keywords.pdbx_keywords   ISOMERASE 
# 
loop_
_struct_asym.id 
_struct_asym.pdbx_blank_PDB_chainid_flag 
_struct_asym.pdbx_modified 
_struct_asym.entity_id 
_struct_asym.details 
A N N 1 ? 
B N N 2 ? 
C N N 3 ? 
D N N 4 ? 
# 
_struct_ref.id                         1 
_struct_ref.db_name                    UNP 
_struct_ref.db_code                    X2D812_9ACTN 
_struct_ref.pdbx_db_accession          X2D812 
_struct_ref.pdbx_db_isoform            ? 
_struct_ref.entity_id                  1 
_struct_ref.pdbx_seq_one_letter_code   
;RPADPEIVEGLPIPLAVAGHHQPAPFYLTADMFGGLPVQLAGGELSTLVGKPVAAPHTHPVDELYLLVSPNKGGARIEVQ
LDGRRHELLSPAVMRIPAGSEHCFLTLEAEVGSYCFGILLGDRL
;
_struct_ref.pdbx_align_begin           6 
# 
_struct_ref_seq.align_id                      1 
_struct_ref_seq.ref_id                        1 
_struct_ref_seq.pdbx_PDB_id_code              6J4D 
_struct_ref_seq.pdbx_strand_id                A 
_struct_ref_seq.seq_align_beg                 3 
_struct_ref_seq.pdbx_seq_align_beg_ins_code   ? 
_struct_ref_seq.seq_align_end                 126 
_struct_ref_seq.pdbx_seq_align_end_ins_code   ? 
_struct_ref_seq.pdbx_db_accession             X2D812 
_struct_ref_seq.db_align_beg                  6 
_struct_ref_seq.pdbx_db_align_beg_ins_code    ? 
_struct_ref_seq.db_align_end                  129 
_struct_ref_seq.pdbx_db_align_end_ins_code    ? 
_struct_ref_seq.pdbx_auth_seq_align_beg       6 
_struct_ref_seq.pdbx_auth_seq_align_end       129 
# 
loop_
_struct_ref_seq_dif.align_id 
_struct_ref_seq_dif.pdbx_pdb_id_code 
_struct_ref_seq_dif.mon_id 
_struct_ref_seq_dif.pdbx_pdb_strand_id 
_struct_ref_seq_dif.seq_num 
_struct_ref_seq_dif.pdbx_pdb_ins_code 
_struct_ref_seq_dif.pdbx_seq_db_name 
_struct_ref_seq_dif.pdbx_seq_db_accession_code 
_struct_ref_seq_dif.db_mon_id 
_struct_ref_seq_dif.pdbx_seq_db_seq_num 
_struct_ref_seq_dif.details 
_struct_ref_seq_dif.pdbx_auth_seq_num 
_struct_ref_seq_dif.pdbx_ordinal 
1 6J4D GLY A 1 ? UNP X2D812 ? ? 'expression tag' 4 1 
1 6J4D SER A 2 ? UNP X2D812 ? ? 'expression tag' 5 2 
# 
_pdbx_struct_assembly.id                   1 
_pdbx_struct_assembly.details              author_and_software_defined_assembly 
_pdbx_struct_assembly.method_details       PISA 
_pdbx_struct_assembly.oligomeric_details   dimeric 
_pdbx_struct_assembly.oligomeric_count     2 
# 
loop_
_pdbx_struct_assembly_prop.biol_id 
_pdbx_struct_assembly_prop.type 
_pdbx_struct_assembly_prop.value 
_pdbx_struct_assembly_prop.details 
1 'ABSA (A^2)' 4610 ? 
1 MORE         -34  ? 
1 'SSA (A^2)'  9900 ? 
# 
_pdbx_struct_assembly_gen.assembly_id       1 
_pdbx_struct_assembly_gen.oper_expression   1,2 
_pdbx_struct_assembly_gen.asym_id_list      A,B,C,D 
# 
_pdbx_struct_assembly_auth_evidence.id                     1 
_pdbx_struct_assembly_auth_evidence.assembly_id            1 
_pdbx_struct_assembly_auth_evidence.experimental_support   'gel filtration' 
_pdbx_struct_assembly_auth_evidence.details                ? 
# 
loop_
_pdbx_struct_oper_list.id 
_pdbx_struct_oper_list.type 
_pdbx_struct_oper_list.name 
_pdbx_struct_oper_list.symmetry_operation 
_pdbx_struct_oper_list.matrix[1][1] 
_pdbx_struct_oper_list.matrix[1][2] 
_pdbx_struct_oper_list.matrix[1][3] 
_pdbx_struct_oper_list.vector[1] 
_pdbx_struct_oper_list.matrix[2][1] 
_pdbx_struct_oper_list.matrix[2][2] 
_pdbx_struct_oper_list.matrix[2][3] 
_pdbx_struct_oper_list.vector[2] 
_pdbx_struct_oper_list.matrix[3][1] 
_pdbx_struct_oper_list.matrix[3][2] 
_pdbx_struct_oper_list.matrix[3][3] 
_pdbx_struct_oper_list.vector[3] 
1 'identity operation'         1_555 x,y,z         1.0000000000  0.0000000000  0.0000000000 0.0000000000  0.0000000000  1.0000000000  0.0000000000  0.0000000000   0.0000000000 0.0000000000  1.0000000000 0.0000000000  
2 'crystal symmetry operation' 5_555 x-y,-y,-z+1/3 -0.7019739834 -0.2760334825 0.6565348758 -7.5976546106 -0.2760334825 -0.7443361344 -0.6080865363 -15.6257141869 0.6565348758 -0.6080865363 0.4463101178 -3.1208114600 
# 
_struct_conf.conf_type_id            HELX_P 
_struct_conf.id                      HELX_P1 
_struct_conf.pdbx_PDB_helix_id       AA1 
_struct_conf.beg_label_comp_id       ASP 
_struct_conf.beg_label_asym_id       A 
_struct_conf.beg_label_seq_id        33 
_struct_conf.pdbx_beg_PDB_ins_code   ? 
_struct_conf.end_label_comp_id       GLY 
_struct_conf.end_label_asym_id       A 
_struct_conf.end_label_seq_id        37 
_struct_conf.pdbx_end_PDB_ins_code   ? 
_struct_conf.beg_auth_comp_id        ASP 
_struct_conf.beg_auth_asym_id        A 
_struct_conf.beg_auth_seq_id         36 
_struct_conf.end_auth_comp_id        GLY 
_struct_conf.end_auth_asym_id        A 
_struct_conf.end_auth_seq_id         40 
_struct_conf.pdbx_PDB_helix_class    5 
_struct_conf.details                 ? 
_struct_conf.pdbx_PDB_helix_length   5 
# 
_struct_conf_type.id          HELX_P 
_struct_conf_type.criteria    ? 
_struct_conf_type.reference   ? 
# 
loop_
_struct_mon_prot_cis.pdbx_id 
_struct_mon_prot_cis.label_comp_id 
_struct_mon_prot_cis.label_seq_id 
_struct_mon_prot_cis.label_asym_id 
_struct_mon_prot_cis.label_alt_id 
_struct_mon_prot_cis.pdbx_PDB_ins_code 
_struct_mon_prot_cis.auth_comp_id 
_struct_mon_prot_cis.auth_seq_id 
_struct_mon_prot_cis.auth_asym_id 
_struct_mon_prot_cis.pdbx_label_comp_id_2 
_struct_mon_prot_cis.pdbx_label_seq_id_2 
_struct_mon_prot_cis.pdbx_label_asym_id_2 
_struct_mon_prot_cis.pdbx_PDB_ins_code_2 
_struct_mon_prot_cis.pdbx_auth_comp_id_2 
_struct_mon_prot_cis.pdbx_auth_seq_id_2 
_struct_mon_prot_cis.pdbx_auth_asym_id_2 
_struct_mon_prot_cis.pdbx_PDB_model_num 
_struct_mon_prot_cis.pdbx_omega_angle 
1 LEU 13 A . ? LEU 16 A PRO 14 A ? PRO 17 A 1 -11.60 
2 SER 92 A . ? SER 95 A PRO 93 A ? PRO 96 A 1 -12.72 
# 
loop_
_struct_sheet.id 
_struct_sheet.type 
_struct_sheet.number_strands 
_struct_sheet.details 
AA1 ? 6 ? 
AA2 ? 3 ? 
# 
loop_
_struct_sheet_order.sheet_id 
_struct_sheet_order.range_id_1 
_struct_sheet_order.range_id_2 
_struct_sheet_order.offset 
_struct_sheet_order.sense 
AA1 1 2 ? anti-parallel 
AA1 2 3 ? anti-parallel 
AA1 3 4 ? anti-parallel 
AA1 4 5 ? anti-parallel 
AA1 5 6 ? anti-parallel 
AA2 1 2 ? anti-parallel 
AA2 2 3 ? anti-parallel 
# 
loop_
_struct_sheet_range.sheet_id 
_struct_sheet_range.id 
_struct_sheet_range.beg_label_comp_id 
_struct_sheet_range.beg_label_asym_id 
_struct_sheet_range.beg_label_seq_id 
_struct_sheet_range.pdbx_beg_PDB_ins_code 
_struct_sheet_range.end_label_comp_id 
_struct_sheet_range.end_label_asym_id 
_struct_sheet_range.end_label_seq_id 
_struct_sheet_range.pdbx_end_PDB_ins_code 
_struct_sheet_range.beg_auth_comp_id 
_struct_sheet_range.beg_auth_asym_id 
_struct_sheet_range.beg_auth_seq_id 
_struct_sheet_range.end_auth_comp_id 
_struct_sheet_range.end_auth_asym_id 
_struct_sheet_range.end_auth_seq_id 
AA1 1 ILE A 15  ? LEU A 17  ? ILE A 18  LEU A 20  
AA1 2 ALA A 26  ? LEU A 30  ? ALA A 29  LEU A 33  
AA1 3 GLN A 41  ? GLU A 46  ? GLN A 44  GLU A 49  
AA1 4 TYR A 116 ? LEU A 121 ? TYR A 119 LEU A 124 
AA1 5 GLU A 65  ? VAL A 70  ? GLU A 68  VAL A 73  
AA1 6 ALA A 94  ? ILE A 98  ? ALA A 97  ILE A 101 
AA2 1 ARG A 86  ? LEU A 91  ? ARG A 89  LEU A 94  
AA2 2 ARG A 78  ? LEU A 83  ? ARG A 81  LEU A 86  
AA2 3 HIS A 104 ? GLU A 110 ? HIS A 107 GLU A 113 
# 
loop_
_pdbx_struct_sheet_hbond.sheet_id 
_pdbx_struct_sheet_hbond.range_id_1 
_pdbx_struct_sheet_hbond.range_id_2 
_pdbx_struct_sheet_hbond.range_1_label_atom_id 
_pdbx_struct_sheet_hbond.range_1_label_comp_id 
_pdbx_struct_sheet_hbond.range_1_label_asym_id 
_pdbx_struct_sheet_hbond.range_1_label_seq_id 
_pdbx_struct_sheet_hbond.range_1_PDB_ins_code 
_pdbx_struct_sheet_hbond.range_1_auth_atom_id 
_pdbx_struct_sheet_hbond.range_1_auth_comp_id 
_pdbx_struct_sheet_hbond.range_1_auth_asym_id 
_pdbx_struct_sheet_hbond.range_1_auth_seq_id 
_pdbx_struct_sheet_hbond.range_2_label_atom_id 
_pdbx_struct_sheet_hbond.range_2_label_comp_id 
_pdbx_struct_sheet_hbond.range_2_label_asym_id 
_pdbx_struct_sheet_hbond.range_2_label_seq_id 
_pdbx_struct_sheet_hbond.range_2_PDB_ins_code 
_pdbx_struct_sheet_hbond.range_2_auth_atom_id 
_pdbx_struct_sheet_hbond.range_2_auth_comp_id 
_pdbx_struct_sheet_hbond.range_2_auth_asym_id 
_pdbx_struct_sheet_hbond.range_2_auth_seq_id 
AA1 1 2 N ILE A 15  ? N ILE A 18  O PHE A 28  ? O PHE A 31  
AA1 2 3 N TYR A 29  ? N TYR A 32  O LEU A 42  ? O LEU A 45  
AA1 3 4 N ALA A 43  ? N ALA A 46  O GLY A 119 ? O GLY A 122 
AA1 4 5 O ILE A 120 ? O ILE A 123 N LEU A 66  ? N LEU A 69  
AA1 5 6 N LEU A 69  ? N LEU A 72  O ALA A 94  ? O ALA A 97  
AA2 1 2 O LEU A 90  ? O LEU A 93  N ILE A 79  ? N ILE A 82  
AA2 2 3 N GLU A 80  ? N GLU A 83  O LEU A 107 ? O LEU A 110 
# 
loop_
_struct_site.id 
_struct_site.pdbx_evidence_code 
_struct_site.pdbx_auth_asym_id 
_struct_site.pdbx_auth_comp_id 
_struct_site.pdbx_auth_seq_id 
_struct_site.pdbx_auth_ins_code 
_struct_site.pdbx_num_residues 
_struct_site.details 
AC1 Software A FLC 201 ? 11 'binding site for residue FLC A 201' 
AC2 Software A GOL 202 ? 9  'binding site for residue GOL A 202' 
# 
loop_
_struct_site_gen.id 
_struct_site_gen.site_id 
_struct_site_gen.pdbx_num_res 
_struct_site_gen.label_comp_id 
_struct_site_gen.label_asym_id 
_struct_site_gen.label_seq_id 
_struct_site_gen.pdbx_auth_ins_code 
_struct_site_gen.auth_comp_id 
_struct_site_gen.auth_asym_id 
_struct_site_gen.auth_seq_id 
_struct_site_gen.label_atom_id 
_struct_site_gen.label_alt_id 
_struct_site_gen.symmetry 
_struct_site_gen.details 
1  AC1 11 HIS A 22  ? HIS A 25  . ? 1_555 ? 
2  AC1 11 GLY A 44  ? GLY A 47  . ? 1_555 ? 
3  AC1 11 VAL A 55  ? VAL A 58  . ? 1_555 ? 
4  AC1 11 HIS A 59  ? HIS A 62  . ? 1_555 ? 
5  AC1 11 HIS A 61  ? HIS A 64  . ? 1_555 ? 
6  AC1 11 GLU A 65  ? GLU A 68  . ? 1_555 ? 
7  AC1 11 TYR A 67  ? TYR A 70  . ? 1_555 ? 
8  AC1 11 HIS A 104 ? HIS A 107 . ? 1_555 ? 
9  AC1 11 PHE A 106 ? PHE A 109 . ? 1_555 ? 
10 AC1 11 HOH D .   ? HOH A 325 . ? 1_555 ? 
11 AC1 11 HOH D .   ? HOH A 371 . ? 1_555 ? 
12 AC2 9  PRO A 14  ? PRO A 17  . ? 1_555 ? 
13 AC2 9  TYR A 29  ? TYR A 32  . ? 1_555 ? 
14 AC2 9  VAL A 70  ? VAL A 73  . ? 5_555 ? 
15 AC2 9  SER A 71  ? SER A 74  . ? 5_555 ? 
16 AC2 9  PRO A 93  ? PRO A 96  . ? 5_555 ? 
17 AC2 9  TYR A 116 ? TYR A 119 . ? 1_555 ? 
18 AC2 9  HOH D .   ? HOH A 326 . ? 5_555 ? 
19 AC2 9  HOH D .   ? HOH A 353 . ? 1_555 ? 
20 AC2 9  HOH D .   ? HOH A 376 . ? 1_555 ? 
# 
_pdbx_validate_rmsd_bond.id                        1 
_pdbx_validate_rmsd_bond.PDB_model_num             1 
_pdbx_validate_rmsd_bond.auth_atom_id_1            CD 
_pdbx_validate_rmsd_bond.auth_asym_id_1            A 
_pdbx_validate_rmsd_bond.auth_comp_id_1            GLU 
_pdbx_validate_rmsd_bond.auth_seq_id_1             115 
_pdbx_validate_rmsd_bond.PDB_ins_code_1            ? 
_pdbx_validate_rmsd_bond.label_alt_id_1            ? 
_pdbx_validate_rmsd_bond.auth_atom_id_2            OE2 
_pdbx_validate_rmsd_bond.auth_asym_id_2            A 
_pdbx_validate_rmsd_bond.auth_comp_id_2            GLU 
_pdbx_validate_rmsd_bond.auth_seq_id_2             115 
_pdbx_validate_rmsd_bond.PDB_ins_code_2            ? 
_pdbx_validate_rmsd_bond.label_alt_id_2            ? 
_pdbx_validate_rmsd_bond.bond_value                1.174 
_pdbx_validate_rmsd_bond.bond_target_value         1.252 
_pdbx_validate_rmsd_bond.bond_deviation            -0.078 
_pdbx_validate_rmsd_bond.bond_standard_deviation   0.011 
_pdbx_validate_rmsd_bond.linker_flag               N 
# 
_pdbx_validate_rmsd_angle.id                         1 
_pdbx_validate_rmsd_angle.PDB_model_num              1 
_pdbx_validate_rmsd_angle.auth_atom_id_1             CB 
_pdbx_validate_rmsd_angle.auth_asym_id_1             A 
_pdbx_validate_rmsd_angle.auth_comp_id_1             ASP 
_pdbx_validate_rmsd_angle.auth_seq_id_1              127 
_pdbx_validate_rmsd_angle.PDB_ins_code_1             ? 
_pdbx_validate_rmsd_angle.label_alt_id_1             ? 
_pdbx_validate_rmsd_angle.auth_atom_id_2             CG 
_pdbx_validate_rmsd_angle.auth_asym_id_2             A 
_pdbx_validate_rmsd_angle.auth_comp_id_2             ASP 
_pdbx_validate_rmsd_angle.auth_seq_id_2              127 
_pdbx_validate_rmsd_angle.PDB_ins_code_2             ? 
_pdbx_validate_rmsd_angle.label_alt_id_2             ? 
_pdbx_validate_rmsd_angle.auth_atom_id_3             OD2 
_pdbx_validate_rmsd_angle.auth_asym_id_3             A 
_pdbx_validate_rmsd_angle.auth_comp_id_3             ASP 
_pdbx_validate_rmsd_angle.auth_seq_id_3              127 
_pdbx_validate_rmsd_angle.PDB_ins_code_3             ? 
_pdbx_validate_rmsd_angle.label_alt_id_3             ? 
_pdbx_validate_rmsd_angle.angle_value                111.90 
_pdbx_validate_rmsd_angle.angle_target_value         118.30 
_pdbx_validate_rmsd_angle.angle_deviation            -6.40 
_pdbx_validate_rmsd_angle.angle_standard_deviation   0.90 
_pdbx_validate_rmsd_angle.linker_flag                N 
# 
loop_
_pdbx_unobs_or_zero_occ_residues.id 
_pdbx_unobs_or_zero_occ_residues.PDB_model_num 
_pdbx_unobs_or_zero_occ_residues.polymer_flag 
_pdbx_unobs_or_zero_occ_residues.occupancy_flag 
_pdbx_unobs_or_zero_occ_residues.auth_asym_id 
_pdbx_unobs_or_zero_occ_residues.auth_comp_id 
_pdbx_unobs_or_zero_occ_residues.auth_seq_id 
_pdbx_unobs_or_zero_occ_residues.PDB_ins_code 
_pdbx_unobs_or_zero_occ_residues.label_asym_id 
_pdbx_unobs_or_zero_occ_residues.label_comp_id 
_pdbx_unobs_or_zero_occ_residues.label_seq_id 
1 1 Y 1 A GLY 4 ? A GLY 1 
2 1 Y 1 A SER 5 ? A SER 2 
3 1 Y 1 A ARG 6 ? A ARG 3 
4 1 Y 1 A PRO 7 ? A PRO 4 
# 
loop_
_chem_comp_atom.comp_id 
_chem_comp_atom.atom_id 
_chem_comp_atom.type_symbol 
_chem_comp_atom.pdbx_aromatic_flag 
_chem_comp_atom.pdbx_stereo_config 
_chem_comp_atom.pdbx_ordinal 
ALA N    N N N 1   
ALA CA   C N S 2   
ALA C    C N N 3   
ALA O    O N N 4   
ALA CB   C N N 5   
ALA OXT  O N N 6   
ALA H    H N N 7   
ALA H2   H N N 8   
ALA HA   H N N 9   
ALA HB1  H N N 10  
ALA HB2  H N N 11  
ALA HB3  H N N 12  
ALA HXT  H N N 13  
ARG N    N N N 14  
ARG CA   C N S 15  
ARG C    C N N 16  
ARG O    O N N 17  
ARG CB   C N N 18  
ARG CG   C N N 19  
ARG CD   C N N 20  
ARG NE   N N N 21  
ARG CZ   C N N 22  
ARG NH1  N N N 23  
ARG NH2  N N N 24  
ARG OXT  O N N 25  
ARG H    H N N 26  
ARG H2   H N N 27  
ARG HA   H N N 28  
ARG HB2  H N N 29  
ARG HB3  H N N 30  
ARG HG2  H N N 31  
ARG HG3  H N N 32  
ARG HD2  H N N 33  
ARG HD3  H N N 34  
ARG HE   H N N 35  
ARG HH11 H N N 36  
ARG HH12 H N N 37  
ARG HH21 H N N 38  
ARG HH22 H N N 39  
ARG HXT  H N N 40  
ASN N    N N N 41  
ASN CA   C N S 42  
ASN C    C N N 43  
ASN O    O N N 44  
ASN CB   C N N 45  
ASN CG   C N N 46  
ASN OD1  O N N 47  
ASN ND2  N N N 48  
ASN OXT  O N N 49  
ASN H    H N N 50  
ASN H2   H N N 51  
ASN HA   H N N 52  
ASN HB2  H N N 53  
ASN HB3  H N N 54  
ASN HD21 H N N 55  
ASN HD22 H N N 56  
ASN HXT  H N N 57  
ASP N    N N N 58  
ASP CA   C N S 59  
ASP C    C N N 60  
ASP O    O N N 61  
ASP CB   C N N 62  
ASP CG   C N N 63  
ASP OD1  O N N 64  
ASP OD2  O N N 65  
ASP OXT  O N N 66  
ASP H    H N N 67  
ASP H2   H N N 68  
ASP HA   H N N 69  
ASP HB2  H N N 70  
ASP HB3  H N N 71  
ASP HD2  H N N 72  
ASP HXT  H N N 73  
CYS N    N N N 74  
CYS CA   C N R 75  
CYS C    C N N 76  
CYS O    O N N 77  
CYS CB   C N N 78  
CYS SG   S N N 79  
CYS OXT  O N N 80  
CYS H    H N N 81  
CYS H2   H N N 82  
CYS HA   H N N 83  
CYS HB2  H N N 84  
CYS HB3  H N N 85  
CYS HG   H N N 86  
CYS HXT  H N N 87  
FLC CAC  C N N 88  
FLC CA   C N N 89  
FLC CB   C N N 90  
FLC CBC  C N N 91  
FLC CG   C N N 92  
FLC CGC  C N N 93  
FLC OA1  O N N 94  
FLC OA2  O N N 95  
FLC OB1  O N N 96  
FLC OB2  O N N 97  
FLC OG1  O N N 98  
FLC OG2  O N N 99  
FLC OHB  O N N 100 
FLC HA1  H N N 101 
FLC HA2  H N N 102 
FLC HG1  H N N 103 
FLC HG2  H N N 104 
FLC HOB  H N N 105 
GLN N    N N N 106 
GLN CA   C N S 107 
GLN C    C N N 108 
GLN O    O N N 109 
GLN CB   C N N 110 
GLN CG   C N N 111 
GLN CD   C N N 112 
GLN OE1  O N N 113 
GLN NE2  N N N 114 
GLN OXT  O N N 115 
GLN H    H N N 116 
GLN H2   H N N 117 
GLN HA   H N N 118 
GLN HB2  H N N 119 
GLN HB3  H N N 120 
GLN HG2  H N N 121 
GLN HG3  H N N 122 
GLN HE21 H N N 123 
GLN HE22 H N N 124 
GLN HXT  H N N 125 
GLU N    N N N 126 
GLU CA   C N S 127 
GLU C    C N N 128 
GLU O    O N N 129 
GLU CB   C N N 130 
GLU CG   C N N 131 
GLU CD   C N N 132 
GLU OE1  O N N 133 
GLU OE2  O N N 134 
GLU OXT  O N N 135 
GLU H    H N N 136 
GLU H2   H N N 137 
GLU HA   H N N 138 
GLU HB2  H N N 139 
GLU HB3  H N N 140 
GLU HG2  H N N 141 
GLU HG3  H N N 142 
GLU HE2  H N N 143 
GLU HXT  H N N 144 
GLY N    N N N 145 
GLY CA   C N N 146 
GLY C    C N N 147 
GLY O    O N N 148 
GLY OXT  O N N 149 
GLY H    H N N 150 
GLY H2   H N N 151 
GLY HA2  H N N 152 
GLY HA3  H N N 153 
GLY HXT  H N N 154 
GOL C1   C N N 155 
GOL O1   O N N 156 
GOL C2   C N N 157 
GOL O2   O N N 158 
GOL C3   C N N 159 
GOL O3   O N N 160 
GOL H11  H N N 161 
GOL H12  H N N 162 
GOL HO1  H N N 163 
GOL H2   H N N 164 
GOL HO2  H N N 165 
GOL H31  H N N 166 
GOL H32  H N N 167 
GOL HO3  H N N 168 
HIS N    N N N 169 
HIS CA   C N S 170 
HIS C    C N N 171 
HIS O    O N N 172 
HIS CB   C N N 173 
HIS CG   C Y N 174 
HIS ND1  N Y N 175 
HIS CD2  C Y N 176 
HIS CE1  C Y N 177 
HIS NE2  N Y N 178 
HIS OXT  O N N 179 
HIS H    H N N 180 
HIS H2   H N N 181 
HIS HA   H N N 182 
HIS HB2  H N N 183 
HIS HB3  H N N 184 
HIS HD1  H N N 185 
HIS HD2  H N N 186 
HIS HE1  H N N 187 
HIS HE2  H N N 188 
HIS HXT  H N N 189 
HOH O    O N N 190 
HOH H1   H N N 191 
HOH H2   H N N 192 
ILE N    N N N 193 
ILE CA   C N S 194 
ILE C    C N N 195 
ILE O    O N N 196 
ILE CB   C N S 197 
ILE CG1  C N N 198 
ILE CG2  C N N 199 
ILE CD1  C N N 200 
ILE OXT  O N N 201 
ILE H    H N N 202 
ILE H2   H N N 203 
ILE HA   H N N 204 
ILE HB   H N N 205 
ILE HG12 H N N 206 
ILE HG13 H N N 207 
ILE HG21 H N N 208 
ILE HG22 H N N 209 
ILE HG23 H N N 210 
ILE HD11 H N N 211 
ILE HD12 H N N 212 
ILE HD13 H N N 213 
ILE HXT  H N N 214 
LEU N    N N N 215 
LEU CA   C N S 216 
LEU C    C N N 217 
LEU O    O N N 218 
LEU CB   C N N 219 
LEU CG   C N N 220 
LEU CD1  C N N 221 
LEU CD2  C N N 222 
LEU OXT  O N N 223 
LEU H    H N N 224 
LEU H2   H N N 225 
LEU HA   H N N 226 
LEU HB2  H N N 227 
LEU HB3  H N N 228 
LEU HG   H N N 229 
LEU HD11 H N N 230 
LEU HD12 H N N 231 
LEU HD13 H N N 232 
LEU HD21 H N N 233 
LEU HD22 H N N 234 
LEU HD23 H N N 235 
LEU HXT  H N N 236 
LYS N    N N N 237 
LYS CA   C N S 238 
LYS C    C N N 239 
LYS O    O N N 240 
LYS CB   C N N 241 
LYS CG   C N N 242 
LYS CD   C N N 243 
LYS CE   C N N 244 
LYS NZ   N N N 245 
LYS OXT  O N N 246 
LYS H    H N N 247 
LYS H2   H N N 248 
LYS HA   H N N 249 
LYS HB2  H N N 250 
LYS HB3  H N N 251 
LYS HG2  H N N 252 
LYS HG3  H N N 253 
LYS HD2  H N N 254 
LYS HD3  H N N 255 
LYS HE2  H N N 256 
LYS HE3  H N N 257 
LYS HZ1  H N N 258 
LYS HZ2  H N N 259 
LYS HZ3  H N N 260 
LYS HXT  H N N 261 
MET N    N N N 262 
MET CA   C N S 263 
MET C    C N N 264 
MET O    O N N 265 
MET CB   C N N 266 
MET CG   C N N 267 
MET SD   S N N 268 
MET CE   C N N 269 
MET OXT  O N N 270 
MET H    H N N 271 
MET H2   H N N 272 
MET HA   H N N 273 
MET HB2  H N N 274 
MET HB3  H N N 275 
MET HG2  H N N 276 
MET HG3  H N N 277 
MET HE1  H N N 278 
MET HE2  H N N 279 
MET HE3  H N N 280 
MET HXT  H N N 281 
PHE N    N N N 282 
PHE CA   C N S 283 
PHE C    C N N 284 
PHE O    O N N 285 
PHE CB   C N N 286 
PHE CG   C Y N 287 
PHE CD1  C Y N 288 
PHE CD2  C Y N 289 
PHE CE1  C Y N 290 
PHE CE2  C Y N 291 
PHE CZ   C Y N 292 
PHE OXT  O N N 293 
PHE H    H N N 294 
PHE H2   H N N 295 
PHE HA   H N N 296 
PHE HB2  H N N 297 
PHE HB3  H N N 298 
PHE HD1  H N N 299 
PHE HD2  H N N 300 
PHE HE1  H N N 301 
PHE HE2  H N N 302 
PHE HZ   H N N 303 
PHE HXT  H N N 304 
PRO N    N N N 305 
PRO CA   C N S 306 
PRO C    C N N 307 
PRO O    O N N 308 
PRO CB   C N N 309 
PRO CG   C N N 310 
PRO CD   C N N 311 
PRO OXT  O N N 312 
PRO H    H N N 313 
PRO HA   H N N 314 
PRO HB2  H N N 315 
PRO HB3  H N N 316 
PRO HG2  H N N 317 
PRO HG3  H N N 318 
PRO HD2  H N N 319 
PRO HD3  H N N 320 
PRO HXT  H N N 321 
SER N    N N N 322 
SER CA   C N S 323 
SER C    C N N 324 
SER O    O N N 325 
SER CB   C N N 326 
SER OG   O N N 327 
SER OXT  O N N 328 
SER H    H N N 329 
SER H2   H N N 330 
SER HA   H N N 331 
SER HB2  H N N 332 
SER HB3  H N N 333 
SER HG   H N N 334 
SER HXT  H N N 335 
THR N    N N N 336 
THR CA   C N S 337 
THR C    C N N 338 
THR O    O N N 339 
THR CB   C N R 340 
THR OG1  O N N 341 
THR CG2  C N N 342 
THR OXT  O N N 343 
THR H    H N N 344 
THR H2   H N N 345 
THR HA   H N N 346 
THR HB   H N N 347 
THR HG1  H N N 348 
THR HG21 H N N 349 
THR HG22 H N N 350 
THR HG23 H N N 351 
THR HXT  H N N 352 
TYR N    N N N 353 
TYR CA   C N S 354 
TYR C    C N N 355 
TYR O    O N N 356 
TYR CB   C N N 357 
TYR CG   C Y N 358 
TYR CD1  C Y N 359 
TYR CD2  C Y N 360 
TYR CE1  C Y N 361 
TYR CE2  C Y N 362 
TYR CZ   C Y N 363 
TYR OH   O N N 364 
TYR OXT  O N N 365 
TYR H    H N N 366 
TYR H2   H N N 367 
TYR HA   H N N 368 
TYR HB2  H N N 369 
TYR HB3  H N N 370 
TYR HD1  H N N 371 
TYR HD2  H N N 372 
TYR HE1  H N N 373 
TYR HE2  H N N 374 
TYR HH   H N N 375 
TYR HXT  H N N 376 
VAL N    N N N 377 
VAL CA   C N S 378 
VAL C    C N N 379 
VAL O    O N N 380 
VAL CB   C N N 381 
VAL CG1  C N N 382 
VAL CG2  C N N 383 
VAL OXT  O N N 384 
VAL H    H N N 385 
VAL H2   H N N 386 
VAL HA   H N N 387 
VAL HB   H N N 388 
VAL HG11 H N N 389 
VAL HG12 H N N 390 
VAL HG13 H N N 391 
VAL HG21 H N N 392 
VAL HG22 H N N 393 
VAL HG23 H N N 394 
VAL HXT  H N N 395 
# 
loop_
_chem_comp_bond.comp_id 
_chem_comp_bond.atom_id_1 
_chem_comp_bond.atom_id_2 
_chem_comp_bond.value_order 
_chem_comp_bond.pdbx_aromatic_flag 
_chem_comp_bond.pdbx_stereo_config 
_chem_comp_bond.pdbx_ordinal 
ALA N   CA   sing N N 1   
ALA N   H    sing N N 2   
ALA N   H2   sing N N 3   
ALA CA  C    sing N N 4   
ALA CA  CB   sing N N 5   
ALA CA  HA   sing N N 6   
ALA C   O    doub N N 7   
ALA C   OXT  sing N N 8   
ALA CB  HB1  sing N N 9   
ALA CB  HB2  sing N N 10  
ALA CB  HB3  sing N N 11  
ALA OXT HXT  sing N N 12  
ARG N   CA   sing N N 13  
ARG N   H    sing N N 14  
ARG N   H2   sing N N 15  
ARG CA  C    sing N N 16  
ARG CA  CB   sing N N 17  
ARG CA  HA   sing N N 18  
ARG C   O    doub N N 19  
ARG C   OXT  sing N N 20  
ARG CB  CG   sing N N 21  
ARG CB  HB2  sing N N 22  
ARG CB  HB3  sing N N 23  
ARG CG  CD   sing N N 24  
ARG CG  HG2  sing N N 25  
ARG CG  HG3  sing N N 26  
ARG CD  NE   sing N N 27  
ARG CD  HD2  sing N N 28  
ARG CD  HD3  sing N N 29  
ARG NE  CZ   sing N N 30  
ARG NE  HE   sing N N 31  
ARG CZ  NH1  sing N N 32  
ARG CZ  NH2  doub N N 33  
ARG NH1 HH11 sing N N 34  
ARG NH1 HH12 sing N N 35  
ARG NH2 HH21 sing N N 36  
ARG NH2 HH22 sing N N 37  
ARG OXT HXT  sing N N 38  
ASN N   CA   sing N N 39  
ASN N   H    sing N N 40  
ASN N   H2   sing N N 41  
ASN CA  C    sing N N 42  
ASN CA  CB   sing N N 43  
ASN CA  HA   sing N N 44  
ASN C   O    doub N N 45  
ASN C   OXT  sing N N 46  
ASN CB  CG   sing N N 47  
ASN CB  HB2  sing N N 48  
ASN CB  HB3  sing N N 49  
ASN CG  OD1  doub N N 50  
ASN CG  ND2  sing N N 51  
ASN ND2 HD21 sing N N 52  
ASN ND2 HD22 sing N N 53  
ASN OXT HXT  sing N N 54  
ASP N   CA   sing N N 55  
ASP N   H    sing N N 56  
ASP N   H2   sing N N 57  
ASP CA  C    sing N N 58  
ASP CA  CB   sing N N 59  
ASP CA  HA   sing N N 60  
ASP C   O    doub N N 61  
ASP C   OXT  sing N N 62  
ASP CB  CG   sing N N 63  
ASP CB  HB2  sing N N 64  
ASP CB  HB3  sing N N 65  
ASP CG  OD1  doub N N 66  
ASP CG  OD2  sing N N 67  
ASP OD2 HD2  sing N N 68  
ASP OXT HXT  sing N N 69  
CYS N   CA   sing N N 70  
CYS N   H    sing N N 71  
CYS N   H2   sing N N 72  
CYS CA  C    sing N N 73  
CYS CA  CB   sing N N 74  
CYS CA  HA   sing N N 75  
CYS C   O    doub N N 76  
CYS C   OXT  sing N N 77  
CYS CB  SG   sing N N 78  
CYS CB  HB2  sing N N 79  
CYS CB  HB3  sing N N 80  
CYS SG  HG   sing N N 81  
CYS OXT HXT  sing N N 82  
FLC CAC CA   sing N N 83  
FLC CAC OA1  doub N N 84  
FLC CAC OA2  sing N N 85  
FLC CA  CB   sing N N 86  
FLC CA  HA1  sing N N 87  
FLC CA  HA2  sing N N 88  
FLC CB  CBC  sing N N 89  
FLC CB  CG   sing N N 90  
FLC CB  OHB  sing N N 91  
FLC CBC OB1  doub N N 92  
FLC CBC OB2  sing N N 93  
FLC CG  CGC  sing N N 94  
FLC CG  HG1  sing N N 95  
FLC CG  HG2  sing N N 96  
FLC CGC OG1  doub N N 97  
FLC CGC OG2  sing N N 98  
FLC OHB HOB  sing N N 99  
GLN N   CA   sing N N 100 
GLN N   H    sing N N 101 
GLN N   H2   sing N N 102 
GLN CA  C    sing N N 103 
GLN CA  CB   sing N N 104 
GLN CA  HA   sing N N 105 
GLN C   O    doub N N 106 
GLN C   OXT  sing N N 107 
GLN CB  CG   sing N N 108 
GLN CB  HB2  sing N N 109 
GLN CB  HB3  sing N N 110 
GLN CG  CD   sing N N 111 
GLN CG  HG2  sing N N 112 
GLN CG  HG3  sing N N 113 
GLN CD  OE1  doub N N 114 
GLN CD  NE2  sing N N 115 
GLN NE2 HE21 sing N N 116 
GLN NE2 HE22 sing N N 117 
GLN OXT HXT  sing N N 118 
GLU N   CA   sing N N 119 
GLU N   H    sing N N 120 
GLU N   H2   sing N N 121 
GLU CA  C    sing N N 122 
GLU CA  CB   sing N N 123 
GLU CA  HA   sing N N 124 
GLU C   O    doub N N 125 
GLU C   OXT  sing N N 126 
GLU CB  CG   sing N N 127 
GLU CB  HB2  sing N N 128 
GLU CB  HB3  sing N N 129 
GLU CG  CD   sing N N 130 
GLU CG  HG2  sing N N 131 
GLU CG  HG3  sing N N 132 
GLU CD  OE1  doub N N 133 
GLU CD  OE2  sing N N 134 
GLU OE2 HE2  sing N N 135 
GLU OXT HXT  sing N N 136 
GLY N   CA   sing N N 137 
GLY N   H    sing N N 138 
GLY N   H2   sing N N 139 
GLY CA  C    sing N N 140 
GLY CA  HA2  sing N N 141 
GLY CA  HA3  sing N N 142 
GLY C   O    doub N N 143 
GLY C   OXT  sing N N 144 
GLY OXT HXT  sing N N 145 
GOL C1  O1   sing N N 146 
GOL C1  C2   sing N N 147 
GOL C1  H11  sing N N 148 
GOL C1  H12  sing N N 149 
GOL O1  HO1  sing N N 150 
GOL C2  O2   sing N N 151 
GOL C2  C3   sing N N 152 
GOL C2  H2   sing N N 153 
GOL O2  HO2  sing N N 154 
GOL C3  O3   sing N N 155 
GOL C3  H31  sing N N 156 
GOL C3  H32  sing N N 157 
GOL O3  HO3  sing N N 158 
HIS N   CA   sing N N 159 
HIS N   H    sing N N 160 
HIS N   H2   sing N N 161 
HIS CA  C    sing N N 162 
HIS CA  CB   sing N N 163 
HIS CA  HA   sing N N 164 
HIS C   O    doub N N 165 
HIS C   OXT  sing N N 166 
HIS CB  CG   sing N N 167 
HIS CB  HB2  sing N N 168 
HIS CB  HB3  sing N N 169 
HIS CG  ND1  sing Y N 170 
HIS CG  CD2  doub Y N 171 
HIS ND1 CE1  doub Y N 172 
HIS ND1 HD1  sing N N 173 
HIS CD2 NE2  sing Y N 174 
HIS CD2 HD2  sing N N 175 
HIS CE1 NE2  sing Y N 176 
HIS CE1 HE1  sing N N 177 
HIS NE2 HE2  sing N N 178 
HIS OXT HXT  sing N N 179 
HOH O   H1   sing N N 180 
HOH O   H2   sing N N 181 
ILE N   CA   sing N N 182 
ILE N   H    sing N N 183 
ILE N   H2   sing N N 184 
ILE CA  C    sing N N 185 
ILE CA  CB   sing N N 186 
ILE CA  HA   sing N N 187 
ILE C   O    doub N N 188 
ILE C   OXT  sing N N 189 
ILE CB  CG1  sing N N 190 
ILE CB  CG2  sing N N 191 
ILE CB  HB   sing N N 192 
ILE CG1 CD1  sing N N 193 
ILE CG1 HG12 sing N N 194 
ILE CG1 HG13 sing N N 195 
ILE CG2 HG21 sing N N 196 
ILE CG2 HG22 sing N N 197 
ILE CG2 HG23 sing N N 198 
ILE CD1 HD11 sing N N 199 
ILE CD1 HD12 sing N N 200 
ILE CD1 HD13 sing N N 201 
ILE OXT HXT  sing N N 202 
LEU N   CA   sing N N 203 
LEU N   H    sing N N 204 
LEU N   H2   sing N N 205 
LEU CA  C    sing N N 206 
LEU CA  CB   sing N N 207 
LEU CA  HA   sing N N 208 
LEU C   O    doub N N 209 
LEU C   OXT  sing N N 210 
LEU CB  CG   sing N N 211 
LEU CB  HB2  sing N N 212 
LEU CB  HB3  sing N N 213 
LEU CG  CD1  sing N N 214 
LEU CG  CD2  sing N N 215 
LEU CG  HG   sing N N 216 
LEU CD1 HD11 sing N N 217 
LEU CD1 HD12 sing N N 218 
LEU CD1 HD13 sing N N 219 
LEU CD2 HD21 sing N N 220 
LEU CD2 HD22 sing N N 221 
LEU CD2 HD23 sing N N 222 
LEU OXT HXT  sing N N 223 
LYS N   CA   sing N N 224 
LYS N   H    sing N N 225 
LYS N   H2   sing N N 226 
LYS CA  C    sing N N 227 
LYS CA  CB   sing N N 228 
LYS CA  HA   sing N N 229 
LYS C   O    doub N N 230 
LYS C   OXT  sing N N 231 
LYS CB  CG   sing N N 232 
LYS CB  HB2  sing N N 233 
LYS CB  HB3  sing N N 234 
LYS CG  CD   sing N N 235 
LYS CG  HG2  sing N N 236 
LYS CG  HG3  sing N N 237 
LYS CD  CE   sing N N 238 
LYS CD  HD2  sing N N 239 
LYS CD  HD3  sing N N 240 
LYS CE  NZ   sing N N 241 
LYS CE  HE2  sing N N 242 
LYS CE  HE3  sing N N 243 
LYS NZ  HZ1  sing N N 244 
LYS NZ  HZ2  sing N N 245 
LYS NZ  HZ3  sing N N 246 
LYS OXT HXT  sing N N 247 
MET N   CA   sing N N 248 
MET N   H    sing N N 249 
MET N   H2   sing N N 250 
MET CA  C    sing N N 251 
MET CA  CB   sing N N 252 
MET CA  HA   sing N N 253 
MET C   O    doub N N 254 
MET C   OXT  sing N N 255 
MET CB  CG   sing N N 256 
MET CB  HB2  sing N N 257 
MET CB  HB3  sing N N 258 
MET CG  SD   sing N N 259 
MET CG  HG2  sing N N 260 
MET CG  HG3  sing N N 261 
MET SD  CE   sing N N 262 
MET CE  HE1  sing N N 263 
MET CE  HE2  sing N N 264 
MET CE  HE3  sing N N 265 
MET OXT HXT  sing N N 266 
PHE N   CA   sing N N 267 
PHE N   H    sing N N 268 
PHE N   H2   sing N N 269 
PHE CA  C    sing N N 270 
PHE CA  CB   sing N N 271 
PHE CA  HA   sing N N 272 
PHE C   O    doub N N 273 
PHE C   OXT  sing N N 274 
PHE CB  CG   sing N N 275 
PHE CB  HB2  sing N N 276 
PHE CB  HB3  sing N N 277 
PHE CG  CD1  doub Y N 278 
PHE CG  CD2  sing Y N 279 
PHE CD1 CE1  sing Y N 280 
PHE CD1 HD1  sing N N 281 
PHE CD2 CE2  doub Y N 282 
PHE CD2 HD2  sing N N 283 
PHE CE1 CZ   doub Y N 284 
PHE CE1 HE1  sing N N 285 
PHE CE2 CZ   sing Y N 286 
PHE CE2 HE2  sing N N 287 
PHE CZ  HZ   sing N N 288 
PHE OXT HXT  sing N N 289 
PRO N   CA   sing N N 290 
PRO N   CD   sing N N 291 
PRO N   H    sing N N 292 
PRO CA  C    sing N N 293 
PRO CA  CB   sing N N 294 
PRO CA  HA   sing N N 295 
PRO C   O    doub N N 296 
PRO C   OXT  sing N N 297 
PRO CB  CG   sing N N 298 
PRO CB  HB2  sing N N 299 
PRO CB  HB3  sing N N 300 
PRO CG  CD   sing N N 301 
PRO CG  HG2  sing N N 302 
PRO CG  HG3  sing N N 303 
PRO CD  HD2  sing N N 304 
PRO CD  HD3  sing N N 305 
PRO OXT HXT  sing N N 306 
SER N   CA   sing N N 307 
SER N   H    sing N N 308 
SER N   H2   sing N N 309 
SER CA  C    sing N N 310 
SER CA  CB   sing N N 311 
SER CA  HA   sing N N 312 
SER C   O    doub N N 313 
SER C   OXT  sing N N 314 
SER CB  OG   sing N N 315 
SER CB  HB2  sing N N 316 
SER CB  HB3  sing N N 317 
SER OG  HG   sing N N 318 
SER OXT HXT  sing N N 319 
THR N   CA   sing N N 320 
THR N   H    sing N N 321 
THR N   H2   sing N N 322 
THR CA  C    sing N N 323 
THR CA  CB   sing N N 324 
THR CA  HA   sing N N 325 
THR C   O    doub N N 326 
THR C   OXT  sing N N 327 
THR CB  OG1  sing N N 328 
THR CB  CG2  sing N N 329 
THR CB  HB   sing N N 330 
THR OG1 HG1  sing N N 331 
THR CG2 HG21 sing N N 332 
THR CG2 HG22 sing N N 333 
THR CG2 HG23 sing N N 334 
THR OXT HXT  sing N N 335 
TYR N   CA   sing N N 336 
TYR N   H    sing N N 337 
TYR N   H2   sing N N 338 
TYR CA  C    sing N N 339 
TYR CA  CB   sing N N 340 
TYR CA  HA   sing N N 341 
TYR C   O    doub N N 342 
TYR C   OXT  sing N N 343 
TYR CB  CG   sing N N 344 
TYR CB  HB2  sing N N 345 
TYR CB  HB3  sing N N 346 
TYR CG  CD1  doub Y N 347 
TYR CG  CD2  sing Y N 348 
TYR CD1 CE1  sing Y N 349 
TYR CD1 HD1  sing N N 350 
TYR CD2 CE2  doub Y N 351 
TYR CD2 HD2  sing N N 352 
TYR CE1 CZ   doub Y N 353 
TYR CE1 HE1  sing N N 354 
TYR CE2 CZ   sing Y N 355 
TYR CE2 HE2  sing N N 356 
TYR CZ  OH   sing N N 357 
TYR OH  HH   sing N N 358 
TYR OXT HXT  sing N N 359 
VAL N   CA   sing N N 360 
VAL N   H    sing N N 361 
VAL N   H2   sing N N 362 
VAL CA  C    sing N N 363 
VAL CA  CB   sing N N 364 
VAL CA  HA   sing N N 365 
VAL C   O    doub N N 366 
VAL C   OXT  sing N N 367 
VAL CB  CG1  sing N N 368 
VAL CB  CG2  sing N N 369 
VAL CB  HB   sing N N 370 
VAL CG1 HG11 sing N N 371 
VAL CG1 HG12 sing N N 372 
VAL CG1 HG13 sing N N 373 
VAL CG2 HG21 sing N N 374 
VAL CG2 HG22 sing N N 375 
VAL CG2 HG23 sing N N 376 
VAL OXT HXT  sing N N 377 
# 
loop_
_pdbx_audit_support.funding_organization 
_pdbx_audit_support.country 
_pdbx_audit_support.grant_number 
_pdbx_audit_support.ordinal 
'National Basic Research Program of China (973 Program)' China 2017YFA0505800 1 
'National Basic Research Program of China (973 Program)' China 2017YFA0504300 2 
'National Natural Science Foundation of China'           China 31570720       3 
# 
_atom_sites.entry_id                    6J4D 
_atom_sites.fract_transf_matrix[1][1]   0.00502091 
_atom_sites.fract_transf_matrix[1][2]   0.00276948 
_atom_sites.fract_transf_matrix[1][3]   0.02596471 
_atom_sites.fract_transf_matrix[2][1]   -0.00773710 
_atom_sites.fract_transf_matrix[2][2]   0.02200646 
_atom_sites.fract_transf_matrix[2][3]   0.01276456 
_atom_sites.fract_transf_matrix[3][1]   -0.00889757 
_atom_sites.fract_transf_matrix[3][2]   -0.00439834 
_atom_sites.fract_transf_matrix[3][3]   0.00218970 
_atom_sites.fract_transf_vector[1]      -0.410636 
_atom_sites.fract_transf_vector[2]      0.162459 
_atom_sites.fract_transf_vector[3]      0.101914 
# 
loop_
_atom_type.symbol 
C 
N 
O 
S 
# 
loop_
_atom_site.group_PDB 
_atom_site.id 
_atom_site.type_symbol 
_atom_site.label_atom_id 
_atom_site.label_alt_id 
_atom_site.label_comp_id 
_atom_site.label_asym_id 
_atom_site.label_entity_id 
_atom_site.label_seq_id 
_atom_site.pdbx_PDB_ins_code 
_atom_site.Cartn_x 
_atom_site.Cartn_y 
_atom_site.Cartn_z 
_atom_site.occupancy 
_atom_site.B_iso_or_equiv 
_atom_site.pdbx_formal_charge 
_atom_site.auth_seq_id 
_atom_site.auth_comp_id 
_atom_site.auth_asym_id 
_atom_site.auth_atom_id 
_atom_site.pdbx_PDB_model_num 
ATOM   1    N N   . ALA A 1 5   ? 11.884  -21.625 -16.705 1.00 42.28 ? 8   ALA A N   1 
ATOM   2    C CA  . ALA A 1 5   ? 11.157  -20.540 -15.939 1.00 38.21 ? 8   ALA A CA  1 
ATOM   3    C C   . ALA A 1 5   ? 9.721   -20.541 -16.445 1.00 32.52 ? 8   ALA A C   1 
ATOM   4    O O   . ALA A 1 5   ? 9.497   -20.501 -17.657 1.00 31.64 ? 8   ALA A O   1 
ATOM   5    C CB  . ALA A 1 5   ? 11.794  -19.121 -16.045 1.00 37.75 ? 8   ALA A CB  1 
ATOM   6    N N   . ASP A 1 6   ? 8.799   -20.583 -15.475 1.00 20.73 ? 9   ASP A N   1 
ATOM   7    C CA  . ASP A 1 6   ? 7.332   -20.771 -15.619 1.00 15.40 ? 9   ASP A CA  1 
ATOM   8    C C   . ASP A 1 6   ? 6.755   -19.380 -15.860 1.00 13.28 ? 9   ASP A C   1 
ATOM   9    O O   . ASP A 1 6   ? 6.664   -18.509 -14.933 1.00 13.35 ? 9   ASP A O   1 
ATOM   10   C CB  . ASP A 1 6   ? 6.799   -21.266 -14.314 1.00 14.58 ? 9   ASP A CB  1 
ATOM   11   C CG  . ASP A 1 6   ? 5.327   -21.599 -14.327 1.00 13.98 ? 9   ASP A CG  1 
ATOM   12   O OD1 . ASP A 1 6   ? 4.602   -21.079 -15.186 1.00 12.24 ? 9   ASP A OD1 1 
ATOM   13   O OD2 . ASP A 1 6   ? 4.957   -22.333 -13.367 1.00 14.53 ? 9   ASP A OD2 1 
ATOM   14   N N   . PRO A 1 7   ? 6.371   -19.045 -17.082 1.00 10.35 ? 10  PRO A N   1 
ATOM   15   C CA  . PRO A 1 7   ? 5.814   -17.724 -17.434 1.00 9.43  ? 10  PRO A CA  1 
ATOM   16   C C   . PRO A 1 7   ? 4.504   -17.321 -16.698 1.00 8.94  ? 10  PRO A C   1 
ATOM   17   O O   . PRO A 1 7   ? 4.179   -16.135 -16.741 1.00 9.21  ? 10  PRO A O   1 
ATOM   18   C CB  . PRO A 1 7   ? 5.610   -17.813 -18.974 1.00 12.00 ? 10  PRO A CB  1 
ATOM   19   C CG  . PRO A 1 7   ? 5.837   -19.168 -19.304 1.00 11.88 ? 10  PRO A CG  1 
ATOM   20   C CD  . PRO A 1 7   ? 6.404   -19.964 -18.276 1.00 10.26 ? 10  PRO A CD  1 
ATOM   21   N N   . GLU A 1 8   ? 3.852   -18.332 -16.116 1.00 8.19  ? 11  GLU A N   1 
ATOM   22   C CA  . GLU A 1 8   ? 2.578   -18.066 -15.379 1.00 9.04  ? 11  GLU A CA  1 
ATOM   23   C C   . GLU A 1 8   ? 2.801   -17.547 -13.987 1.00 8.92  ? 11  GLU A C   1 
ATOM   24   O O   . GLU A 1 8   ? 1.879   -17.131 -13.316 1.00 7.10  ? 11  GLU A O   1 
ATOM   25   C CB  . GLU A 1 8   ? 1.754   -19.320 -15.319 1.00 9.83  ? 11  GLU A CB  1 
ATOM   26   C CG  . GLU A 1 8   ? 1.285   -19.768 -16.747 1.00 11.89 ? 11  GLU A CG  1 
ATOM   27   C CD  . GLU A 1 8   ? 0.559   -21.097 -16.798 1.00 12.15 ? 11  GLU A CD  1 
ATOM   28   O OE1 . GLU A 1 8   ? 0.645   -21.934 -15.923 1.00 14.03 ? 11  GLU A OE1 1 
ATOM   29   O OE2 . GLU A 1 8   ? -0.253  -21.312 -17.726 1.00 11.42 ? 11  GLU A OE2 1 
ATOM   30   N N   . ILE A 1 9   ? 4.048   -17.545 -13.517 1.00 8.44  ? 12  ILE A N   1 
ATOM   31   C CA  . ILE A 1 9   ? 4.474   -17.166 -12.154 1.00 7.93  ? 12  ILE A CA  1 
ATOM   32   C C   . ILE A 1 9   ? 5.532   -16.113 -12.162 1.00 8.33  ? 12  ILE A C   1 
ATOM   33   O O   . ILE A 1 9   ? 6.435   -16.115 -13.001 1.00 11.63 ? 12  ILE A O   1 
ATOM   34   C CB  . ILE A 1 9   ? 4.915   -18.350 -11.315 1.00 10.32 ? 12  ILE A CB  1 
ATOM   35   C CG1 . ILE A 1 9   ? 3.808   -19.390 -11.213 1.00 10.56 ? 12  ILE A CG1 1 
ATOM   36   C CG2 . ILE A 1 9   ? 5.460   -18.003 -9.915  1.00 13.00 ? 12  ILE A CG2 1 
ATOM   37   C CD1 . ILE A 1 9   ? 4.234   -20.767 -10.672 1.00 14.04 ? 12  ILE A CD1 1 
ATOM   38   N N   . VAL A 1 10  ? 5.459   -15.171 -11.219 1.00 6.52  ? 13  VAL A N   1 
ATOM   39   C CA  . VAL A 1 10  ? 6.528   -14.248 -10.898 1.00 6.75  ? 13  VAL A CA  1 
ATOM   40   C C   . VAL A 1 10  ? 6.927   -14.529 -9.475  1.00 6.11  ? 13  VAL A C   1 
ATOM   41   O O   . VAL A 1 10  ? 6.183   -14.227 -8.521  1.00 6.35  ? 13  VAL A O   1 
ATOM   42   C CB  . VAL A 1 10  ? 6.174   -12.770 -11.113 1.00 6.21  ? 13  VAL A CB  1 
ATOM   43   C CG1 . VAL A 1 10  ? 7.313   -11.887 -10.639 1.00 7.04  ? 13  VAL A CG1 1 
ATOM   44   C CG2 . VAL A 1 10  ? 5.869   -12.483 -12.620 1.00 6.89  ? 13  VAL A CG2 1 
ATOM   45   N N   . GLU A 1 11  ? 8.170   -14.971 -9.290  1.00 5.79  ? 14  GLU A N   1 
ATOM   46   C CA  . GLU A 1 11  ? 8.818   -15.138 -7.942  1.00 6.28  ? 14  GLU A CA  1 
ATOM   47   C C   . GLU A 1 11  ? 9.765   -14.024 -7.595  1.00 6.25  ? 14  GLU A C   1 
ATOM   48   O O   . GLU A 1 11  ? 10.180  -13.907 -6.426  1.00 7.06  ? 14  GLU A O   1 
ATOM   49   C CB  . GLU A 1 11  ? 9.614   -16.468 -7.880  1.00 6.27  ? 14  GLU A CB  1 
ATOM   50   C CG  . GLU A 1 11  ? 8.739   -17.711 -7.936  1.00 7.47  ? 14  GLU A CG  1 
ATOM   51   C CD  . GLU A 1 11  ? 8.119   -18.057 -6.586  1.00 7.88  ? 14  GLU A CD  1 
ATOM   52   O OE1 . GLU A 1 11  ? 7.326   -19.030 -6.483  1.00 8.79  ? 14  GLU A OE1 1 
ATOM   53   O OE2 . GLU A 1 11  ? 8.440   -17.328 -5.573  1.00 8.32  ? 14  GLU A OE2 1 
ATOM   54   N N   . GLY A 1 12  ? 10.067  -13.151 -8.545  1.00 6.21  ? 15  GLY A N   1 
ATOM   55   C CA  . GLY A 1 12  ? 10.998  -12.026 -8.260  1.00 6.77  ? 15  GLY A CA  1 
ATOM   56   C C   . GLY A 1 12  ? 10.340  -10.864 -7.614  1.00 6.63  ? 15  GLY A C   1 
ATOM   57   O O   . GLY A 1 12  ? 10.288  -9.729  -8.171  1.00 8.58  ? 15  GLY A O   1 
ATOM   58   N N   . LEU A 1 13  ? 9.828   -11.077 -6.424  1.00 6.99  ? 16  LEU A N   1 
ATOM   59   C CA  . LEU A 1 13  ? 9.077   -10.133 -5.640  1.00 6.21  ? 16  LEU A CA  1 
ATOM   60   C C   . LEU A 1 13  ? 9.731   -9.881  -4.270  1.00 6.82  ? 16  LEU A C   1 
ATOM   61   O O   . LEU A 1 13  ? 10.422  -10.772 -3.759  1.00 8.19  ? 16  LEU A O   1 
ATOM   62   C CB  . LEU A 1 13  ? 7.656   -10.628 -5.389  1.00 6.78  ? 16  LEU A CB  1 
ATOM   63   C CG  . LEU A 1 13  ? 6.863   -10.904 -6.664  1.00 6.79  ? 16  LEU A CG  1 
ATOM   64   C CD1 . LEU A 1 13  ? 5.445   -11.333 -6.291  1.00 8.67  ? 16  LEU A CD1 1 
ATOM   65   C CD2 . LEU A 1 13  ? 6.797   -9.721  -7.613  1.00 6.53  ? 16  LEU A CD2 1 
ATOM   66   N N   . PRO A 1 14  ? 9.450   -8.717  -3.653  1.00 6.67  ? 17  PRO A N   1 
ATOM   67   C CA  . PRO A 1 14  ? 8.775   -7.558  -4.241  1.00 6.75  ? 17  PRO A CA  1 
ATOM   68   C C   . PRO A 1 14  ? 9.690   -6.894  -5.265  1.00 6.42  ? 17  PRO A C   1 
ATOM   69   O O   . PRO A 1 14  ? 10.909  -7.211  -5.407  1.00 8.84  ? 17  PRO A O   1 
ATOM   70   C CB  . PRO A 1 14  ? 8.540   -6.685  -3.016  1.00 8.34  ? 17  PRO A CB  1 
ATOM   71   C CG  . PRO A 1 14  ? 9.660   -7.033  -2.169  1.00 9.51  ? 17  PRO A CG  1 
ATOM   72   C CD  . PRO A 1 14  ? 9.942   -8.479  -2.295  1.00 7.62  ? 17  PRO A CD  1 
ATOM   73   N N   . ILE A 1 15  ? 9.084   -6.026  -6.042  1.00 5.72  ? 18  ILE A N   1 
ATOM   74   C CA  . ILE A 1 15  ? 9.730   -5.225  -7.070  1.00 5.94  ? 18  ILE A CA  1 
ATOM   75   C C   . ILE A 1 15  ? 9.799   -3.807  -6.478  1.00 6.73  ? 18  ILE A C   1 
ATOM   76   O O   . ILE A 1 15  ? 8.767   -3.106  -6.408  1.00 6.34  ? 18  ILE A O   1 
ATOM   77   C CB  . ILE A 1 15  ? 8.895   -5.202  -8.331  1.00 6.19  ? 18  ILE A CB  1 
ATOM   78   C CG1 . ILE A 1 15  ? 8.690   -6.637  -8.934  1.00 6.02  ? 18  ILE A CG1 1 
ATOM   79   C CG2 . ILE A 1 15  ? 9.489   -4.288  -9.389  1.00 7.42  ? 18  ILE A CG2 1 
ATOM   80   C CD1 . ILE A 1 15  ? 7.386   -6.845  -9.656  1.00 7.35  ? 18  ILE A CD1 1 
ATOM   81   N N   . PRO A 1 16  ? 10.983  -3.350  -6.029  1.00 6.46  ? 19  PRO A N   1 
ATOM   82   C CA  . PRO A 1 16  ? 11.083  -2.069  -5.336  1.00 7.08  ? 19  PRO A CA  1 
ATOM   83   C C   . PRO A 1 16  ? 11.060  -0.960  -6.367  1.00 6.42  ? 19  PRO A C   1 
ATOM   84   O O   . PRO A 1 16  ? 12.010  -0.864  -7.176  1.00 7.43  ? 19  PRO A O   1 
ATOM   85   C CB  . PRO A 1 16  ? 12.356  -2.166  -4.581  1.00 8.18  ? 19  PRO A CB  1 
ATOM   86   C CG  . PRO A 1 16  ? 12.955  -3.450  -4.874  1.00 11.11 ? 19  PRO A CG  1 
ATOM   87   C CD  . PRO A 1 16  ? 12.274  -4.039  -6.015  1.00 8.60  ? 19  PRO A CD  1 
ATOM   88   N N   . LEU A 1 17  ? 10.031  -0.135  -6.411  1.00 6.59  ? 20  LEU A N   1 
ATOM   89   C CA  . LEU A 1 17  ? 9.887   0.967   -7.377  1.00 5.82  ? 20  LEU A CA  1 
ATOM   90   C C   . LEU A 1 17  ? 10.049  2.296   -6.657  1.00 6.79  ? 20  LEU A C   1 
ATOM   91   O O   . LEU A 1 17  ? 9.486   2.516   -5.576  1.00 6.52  ? 20  LEU A O   1 
ATOM   92   C CB  . LEU A 1 17  ? 8.542   0.991   -8.098  1.00 6.69  ? 20  LEU A CB  1 
ATOM   93   C CG  . LEU A 1 17  ? 8.222   -0.260  -8.904  1.00 7.39  ? 20  LEU A CG  1 
ATOM   94   C CD1 . LEU A 1 17  ? 6.901   -0.064  -9.617  1.00 8.00  ? 20  LEU A CD1 1 
ATOM   95   C CD2 . LEU A 1 17  ? 9.316   -0.570  -9.929  1.00 8.22  ? 20  LEU A CD2 1 
ATOM   96   N N   . ALA A 1 18  ? 10.741  3.236   -7.239  1.00 6.75  ? 21  ALA A N   1 
ATOM   97   C CA  . ALA A 1 18  ? 10.749  4.616   -6.707  1.00 7.54  ? 21  ALA A CA  1 
ATOM   98   C C   . ALA A 1 18  ? 9.356   5.191   -6.815  1.00 7.92  ? 21  ALA A C   1 
ATOM   99   O O   . ALA A 1 18  ? 8.658   5.132   -7.829  1.00 9.25  ? 21  ALA A O   1 
ATOM   100  C CB  . ALA A 1 18  ? 11.746  5.450   -7.547  1.00 8.81  ? 21  ALA A CB  1 
ATOM   101  N N   . VAL A 1 19  ? 8.926   5.822   -5.693  1.00 7.34  ? 22  VAL A N   1 
ATOM   102  C CA  . VAL A 1 19  ? 7.599   6.382   -5.554  1.00 7.96  ? 22  VAL A CA  1 
ATOM   103  C C   . VAL A 1 19  ? 7.683   7.679   -4.779  1.00 8.23  ? 22  VAL A C   1 
ATOM   104  O O   . VAL A 1 19  ? 8.397   7.823   -3.837  1.00 7.62  ? 22  VAL A O   1 
ATOM   105  C CB  . VAL A 1 19  ? 6.617   5.435   -4.801  1.00 7.70  ? 22  VAL A CB  1 
ATOM   106  C CG1 . VAL A 1 19  ? 5.294   6.096   -4.507  1.00 9.21  ? 22  VAL A CG1 1 
ATOM   107  C CG2 . VAL A 1 19  ? 6.368   4.164   -5.586  1.00 8.65  ? 22  VAL A CG2 1 
ATOM   108  N N   . ALA A 1 20  ? 7.039   8.699   -5.341  1.00 8.95  ? 23  ALA A N   1 
ATOM   109  C CA  . ALA A 1 20  ? 7.004   10.033  -4.717  1.00 9.50  ? 23  ALA A CA  1 
ATOM   110  C C   . ALA A 1 20  ? 6.590   9.959   -3.284  1.00 8.15  ? 23  ALA A C   1 
ATOM   111  O O   . ALA A 1 20  ? 5.759   9.213   -2.851  1.00 9.35  ? 23  ALA A O   1 
ATOM   112  C CB  . ALA A 1 20  ? 6.008   10.922  -5.440  1.00 12.31 ? 23  ALA A CB  1 
ATOM   113  N N   . GLY A 1 21  ? 7.346   10.683  -2.488  1.00 7.12  ? 24  GLY A N   1 
ATOM   114  C CA  . GLY A 1 21  ? 7.144   10.765  -1.064  1.00 7.40  ? 24  GLY A CA  1 
ATOM   115  C C   . GLY A 1 21  ? 7.780   9.756   -0.177  1.00 6.33  ? 24  GLY A C   1 
ATOM   116  O O   . GLY A 1 21  ? 7.879   9.943   1.037   1.00 6.53  ? 24  GLY A O   1 
ATOM   117  N N   . HIS A 1 22  ? 8.286   8.710   -0.787  1.00 5.72  ? 25  HIS A N   1 
ATOM   118  C CA  . HIS A 1 22  ? 8.920   7.615   -0.070  1.00 6.15  ? 25  HIS A CA  1 
ATOM   119  C C   . HIS A 1 22  ? 10.402  7.894   0.226   1.00 7.40  ? 25  HIS A C   1 
ATOM   120  O O   . HIS A 1 22  ? 11.029  8.702   -0.553  1.00 9.48  ? 25  HIS A O   1 
ATOM   121  C CB  . HIS A 1 22  ? 8.799   6.294   -0.864  1.00 7.11  ? 25  HIS A CB  1 
ATOM   122  C CG  . HIS A 1 22  ? 7.479   5.678   -0.796  1.00 7.78  ? 25  HIS A CG  1 
ATOM   123  N ND1 . HIS A 1 22  ? 7.356   4.385   -0.246  1.00 10.57 ? 25  HIS A ND1 1 
ATOM   124  C CD2 . HIS A 1 22  ? 6.233   6.122   -1.119  1.00 9.11  ? 25  HIS A CD2 1 
ATOM   125  C CE1 . HIS A 1 22  ? 6.070   4.097   -0.250  1.00 9.12  ? 25  HIS A CE1 1 
ATOM   126  N NE2 . HIS A 1 22  ? 5.384   5.081   -0.742  1.00 9.71  ? 25  HIS A NE2 1 
ATOM   127  N N   . HIS A 1 23  ? 10.940  7.303   1.274   1.00 6.88  ? 26  HIS A N   1 
ATOM   128  C CA  . HIS A 1 23  ? 12.346  7.410   1.570   1.00 7.03  ? 26  HIS A CA  1 
ATOM   129  C C   . HIS A 1 23  ? 13.180  6.248   1.093   1.00 7.12  ? 26  HIS A C   1 
ATOM   130  O O   . HIS A 1 23  ? 14.410  6.303   0.990   1.00 8.33  ? 26  HIS A O   1 
ATOM   131  C CB  . HIS A 1 23  ? 12.594  7.724   3.043   1.00 7.01  ? 26  HIS A CB  1 
ATOM   132  C CG  . HIS A 1 23  ? 11.805  6.899   4.001   1.00 6.92  ? 26  HIS A CG  1 
ATOM   133  N ND1 . HIS A 1 23  ? 12.263  5.726   4.577   1.00 7.48  ? 26  HIS A ND1 1 
ATOM   134  C CD2 . HIS A 1 23  ? 10.623  7.151   4.642   1.00 6.83  ? 26  HIS A CD2 1 
ATOM   135  C CE1 . HIS A 1 23  ? 11.375  5.257   5.411   1.00 6.75  ? 26  HIS A CE1 1 
ATOM   136  N NE2 . HIS A 1 23  ? 10.385  6.118   5.488   1.00 7.96  ? 26  HIS A NE2 1 
ATOM   137  N N   . GLN A 1 24  ? 12.537  5.146   0.768   1.00 7.91  ? 27  GLN A N   1 
ATOM   138  C CA  . GLN A 1 24  ? 13.150  3.963   0.065   1.00 8.56  ? 27  GLN A CA  1 
ATOM   139  C C   . GLN A 1 24  ? 12.115  3.516   -0.961  1.00 8.47  ? 27  GLN A C   1 
ATOM   140  O O   . GLN A 1 24  ? 10.977  3.883   -0.867  1.00 9.28  ? 27  GLN A O   1 
ATOM   141  C CB  . GLN A 1 24  ? 13.516  2.885   1.024   1.00 9.89  ? 27  GLN A CB  1 
ATOM   142  C CG  . GLN A 1 24  ? 12.385  2.215   1.788   1.00 9.52  ? 27  GLN A CG  1 
ATOM   143  C CD  . GLN A 1 24  ? 12.881  1.181   2.823   1.00 11.20 ? 27  GLN A CD  1 
ATOM   144  O OE1 . GLN A 1 24  ? 12.377  1.096   3.948   1.00 15.10 ? 27  GLN A OE1 1 
ATOM   145  N NE2 . GLN A 1 24  ? 13.888  0.472   2.446   1.00 12.41 ? 27  GLN A NE2 1 
ATOM   146  N N   . PRO A 1 25  ? 12.489  2.706   -1.949  1.00 8.96  ? 28  PRO A N   1 
ATOM   147  C CA  . PRO A 1 25  ? 11.472  2.230   -2.892  1.00 8.85  ? 28  PRO A CA  1 
ATOM   148  C C   . PRO A 1 25  ? 10.348  1.510   -2.237  1.00 8.01  ? 28  PRO A C   1 
ATOM   149  O O   . PRO A 1 25  ? 10.512  0.852   -1.221  1.00 8.72  ? 28  PRO A O   1 
ATOM   150  C CB  . PRO A 1 25  ? 12.225  1.302   -3.815  1.00 10.00 ? 28  PRO A CB  1 
ATOM   151  C CG  . PRO A 1 25  ? 13.708  1.530   -3.579  1.00 11.19 ? 28  PRO A CG  1 
ATOM   152  C CD  . PRO A 1 25  ? 13.867  2.285   -2.272  1.00 10.74 ? 28  PRO A CD  1 
ATOM   153  N N   . ALA A 1 26  ? 9.189   1.654   -2.865  1.00 6.83  ? 29  ALA A N   1 
ATOM   154  C CA  . ALA A 1 26  ? 7.955   0.938   -2.392  1.00 6.52  ? 29  ALA A CA  1 
ATOM   155  C C   . ALA A 1 26  ? 7.973   -0.474  -2.928  1.00 6.79  ? 29  ALA A C   1 
ATOM   156  O O   . ALA A 1 26  ? 8.315   -0.669  -4.094  1.00 5.90  ? 29  ALA A O   1 
ATOM   157  C CB  . ALA A 1 26  ? 6.758   1.667   -2.871  1.00 8.15  ? 29  ALA A CB  1 
ATOM   158  N N   . PRO A 1 27  ? 7.625   -1.409  -2.125  1.00 6.33  ? 30  PRO A N   1 
ATOM   159  C CA  . PRO A 1 27  ? 7.599   -2.856  -2.559  1.00 6.52  ? 30  PRO A CA  1 
ATOM   160  C C   . PRO A 1 27  ? 6.366   -3.197  -3.363  1.00 6.13  ? 30  PRO A C   1 
ATOM   161  O O   . PRO A 1 27  ? 5.288   -3.285  -2.810  1.00 6.60  ? 30  PRO A O   1 
ATOM   162  C CB  . PRO A 1 27  ? 7.644   -3.623  -1.267  1.00 7.12  ? 30  PRO A CB  1 
ATOM   163  C CG  . PRO A 1 27  ? 7.601   -2.632  -0.155  1.00 8.38  ? 30  PRO A CG  1 
ATOM   164  C CD  . PRO A 1 27  ? 7.272   -1.354  -0.664  1.00 9.22  ? 30  PRO A CD  1 
ATOM   165  N N   . PHE A 1 28  ? 6.500   -3.444  -4.646  1.00 4.71  ? 31  PHE A N   1 
ATOM   166  C CA  . PHE A 1 28  ? 5.397   -3.819  -5.521  1.00 4.76  ? 31  PHE A CA  1 
ATOM   167  C C   . PHE A 1 28  ? 5.297   -5.329  -5.668  1.00 4.87  ? 31  PHE A C   1 
ATOM   168  O O   . PHE A 1 28  ? 6.317   -6.033  -5.853  1.00 5.30  ? 31  PHE A O   1 
ATOM   169  C CB  . PHE A 1 28  ? 5.487   -3.137  -6.920  1.00 4.97  ? 31  PHE A CB  1 
ATOM   170  C CG  . PHE A 1 28  ? 4.971   -1.745  -6.883  1.00 5.26  ? 31  PHE A CG  1 
ATOM   171  C CD1 . PHE A 1 28  ? 5.697   -0.737  -6.259  1.00 5.46  ? 31  PHE A CD1 1 
ATOM   172  C CD2 . PHE A 1 28  ? 3.711   -1.416  -7.416  1.00 5.35  ? 31  PHE A CD2 1 
ATOM   173  C CE1 . PHE A 1 28  ? 5.181   0.566   -6.267  1.00 5.96  ? 31  PHE A CE1 1 
ATOM   174  C CE2 . PHE A 1 28  ? 3.199   -0.130  -7.362  1.00 6.54  ? 31  PHE A CE2 1 
ATOM   175  C CZ  . PHE A 1 28  ? 3.943   0.900   -6.786  1.00 6.32  ? 31  PHE A CZ  1 
ATOM   176  N N   . TYR A 1 29  ? 4.064   -5.819  -5.627  1.00 5.02  ? 32  TYR A N   1 
ATOM   177  C CA  . TYR A 1 29  ? 3.771   -7.217  -5.858  1.00 5.50  ? 32  TYR A CA  1 
ATOM   178  C C   . TYR A 1 29  ? 3.041   -7.388  -7.158  1.00 5.35  ? 32  TYR A C   1 
ATOM   179  O O   . TYR A 1 29  ? 3.166   -8.490  -7.759  1.00 6.22  ? 32  TYR A O   1 
ATOM   180  C CB  . TYR A 1 29  ? 2.975   -7.828  -4.727  1.00 6.19  ? 32  TYR A CB  1 
ATOM   181  C CG  . TYR A 1 29  ? 3.782   -7.851  -3.424  1.00 7.15  ? 32  TYR A CG  1 
ATOM   182  C CD1 . TYR A 1 29  ? 3.846   -6.751  -2.606  1.00 7.72  ? 32  TYR A CD1 1 
ATOM   183  C CD2 . TYR A 1 29  ? 4.574   -8.939  -3.107  1.00 7.77  ? 32  TYR A CD2 1 
ATOM   184  C CE1 . TYR A 1 29  ? 4.662   -6.766  -1.467  1.00 9.62  ? 32  TYR A CE1 1 
ATOM   185  C CE2 . TYR A 1 29  ? 5.379   -8.936  -1.985  1.00 9.45  ? 32  TYR A CE2 1 
ATOM   186  C CZ  . TYR A 1 29  ? 5.367   -7.866  -1.146  1.00 10.35 ? 32  TYR A CZ  1 
ATOM   187  O OH  . TYR A 1 29  ? 6.214   -7.873  -0.042  1.00 13.82 ? 32  TYR A OH  1 
ATOM   188  N N   . LEU A 1 30  ? 2.303   -6.394  -7.645  1.00 5.49  ? 33  LEU A N   1 
ATOM   189  C CA  . LEU A 1 30  ? 1.736   -6.439  -8.991  1.00 5.86  ? 33  LEU A CA  1 
ATOM   190  C C   . LEU A 1 30  ? 2.155   -5.166  -9.682  1.00 5.66  ? 33  LEU A C   1 
ATOM   191  O O   . LEU A 1 30  ? 2.028   -4.048  -9.158  1.00 6.10  ? 33  LEU A O   1 
ATOM   192  C CB  . LEU A 1 30  ? 0.201   -6.457  -8.941  1.00 6.89  ? 33  LEU A CB  1 
ATOM   193  C CG  . LEU A 1 30  ? -0.458  -7.665  -8.326  1.00 8.74  ? 33  LEU A CG  1 
ATOM   194  C CD1 . LEU A 1 30  ? -1.988  -7.396  -8.366  1.00 9.06  ? 33  LEU A CD1 1 
ATOM   195  C CD2 . LEU A 1 30  ? -0.008  -8.918  -9.033  1.00 12.16 ? 33  LEU A CD2 1 
ATOM   196  N N   . THR A 1 31  ? 2.665   -5.305  -10.892 1.00 6.05  ? 34  THR A N   1 
ATOM   197  C CA  . THR A 1 31  ? 3.047   -4.217  -11.706 1.00 6.52  ? 34  THR A CA  1 
ATOM   198  C C   . THR A 1 31  ? 2.314   -4.334  -13.078 1.00 6.76  ? 34  THR A C   1 
ATOM   199  O O   . THR A 1 31  ? 1.989   -5.423  -13.533 1.00 7.26  ? 34  THR A O   1 
ATOM   200  C CB  . THR A 1 31  ? 4.561   -4.043  -11.892 1.00 6.14  ? 34  THR A CB  1 
ATOM   201  O OG1 . THR A 1 31  ? 5.148   -5.203  -12.479 1.00 7.32  ? 34  THR A OG1 1 
ATOM   202  C CG2 . THR A 1 31  ? 5.252   -3.826  -10.547 1.00 7.00  ? 34  THR A CG2 1 
ATOM   203  N N   . ALA A 1 32  ? 2.171   -3.175  -13.717 1.00 7.13  ? 35  ALA A N   1 
ATOM   204  C CA  . ALA A 1 32  ? 1.343   -3.054  -14.896 1.00 8.71  ? 35  ALA A CA  1 
ATOM   205  C C   . ALA A 1 32  ? 1.834   -3.860  -16.095 1.00 7.99  ? 35  ALA A C   1 
ATOM   206  O O   . ALA A 1 32  ? 1.056   -4.237  -16.976 1.00 8.85  ? 35  ALA A O   1 
ATOM   207  C CB  . ALA A 1 32  ? 1.175   -1.602  -15.339 1.00 10.54 ? 35  ALA A CB  1 
ATOM   208  N N   . ASP A 1 33  ? 3.136   -4.166  -16.097 1.00 7.16  ? 36  ASP A N   1 
ATOM   209  C CA  . ASP A 1 33  ? 3.747   -4.895  -17.206 1.00 7.74  ? 36  ASP A CA  1 
ATOM   210  C C   . ASP A 1 33  ? 3.584   -6.413  -17.116 1.00 7.84  ? 36  ASP A C   1 
ATOM   211  O O   . ASP A 1 33  ? 3.892   -7.138  -18.071 1.00 9.44  ? 36  ASP A O   1 
ATOM   212  C CB  . ASP A 1 33  ? 5.224   -4.593  -17.266 1.00 8.55  ? 36  ASP A CB  1 
ATOM   213  C CG  . ASP A 1 33  ? 5.931   -4.968  -15.938 1.00 9.69  ? 36  ASP A CG  1 
ATOM   214  O OD1 . ASP A 1 33  ? 5.673   -4.264  -14.964 1.00 10.39 ? 36  ASP A OD1 1 
ATOM   215  O OD2 . ASP A 1 33  ? 6.683   -6.021  -15.907 1.00 10.12 ? 36  ASP A OD2 1 
ATOM   216  N N   . MET A 1 34  ? 3.194   -6.926  -15.954 1.00 6.78  ? 37  MET A N   1 
ATOM   217  C CA  . MET A 1 34  ? 3.136   -8.341  -15.753 1.00 6.81  ? 37  MET A CA  1 
ATOM   218  C C   . MET A 1 34  ? 2.152   -9.097  -16.653 1.00 7.06  ? 37  MET A C   1 
ATOM   219  O O   . MET A 1 34  ? 1.068   -8.548  -16.875 1.00 7.42  ? 37  MET A O   1 
ATOM   220  C CB  . MET A 1 34  ? 2.778   -8.720  -14.328 1.00 8.27  ? 37  MET A CB  1 
ATOM   221  C CG  . MET A 1 34  ? 3.880   -8.407  -13.370 1.00 7.28  ? 37  MET A CG  1 
ATOM   222  S SD  . MET A 1 34  ? 3.234   -8.723  -11.630 1.00 9.17  ? 37  MET A SD  1 
ATOM   223  C CE  . MET A 1 34  ? 4.705   -8.438  -10.867 1.00 11.19 ? 37  MET A CE  1 
ATOM   224  N N   . PHE A 1 35  ? 2.453   -10.324 -17.027 1.00 7.11  ? 38  PHE A N   1 
ATOM   225  C CA  . PHE A 1 35  ? 1.522   -11.206 -17.706 1.00 7.51  ? 38  PHE A CA  1 
ATOM   226  C C   . PHE A 1 35  ? 0.896   -10.591 -18.950 1.00 9.49  ? 38  PHE A C   1 
ATOM   227  O O   . PHE A 1 35  ? -0.313  -10.846 -19.206 1.00 11.37 ? 38  PHE A O   1 
ATOM   228  C CB  . PHE A 1 35  ? 0.474   -11.678 -16.705 1.00 7.56  ? 38  PHE A CB  1 
ATOM   229  C CG  . PHE A 1 35  ? 1.038   -12.304 -15.455 1.00 6.97  ? 38  PHE A CG  1 
ATOM   230  C CD1 . PHE A 1 35  ? 2.016   -13.302 -15.551 1.00 7.87  ? 38  PHE A CD1 1 
ATOM   231  C CD2 . PHE A 1 35  ? 0.659   -11.925 -14.132 1.00 7.51  ? 38  PHE A CD2 1 
ATOM   232  C CE1 . PHE A 1 35  ? 2.514   -13.921 -14.452 1.00 7.18  ? 38  PHE A CE1 1 
ATOM   233  C CE2 . PHE A 1 35  ? 1.225   -12.545 -13.032 1.00 8.05  ? 38  PHE A CE2 1 
ATOM   234  C CZ  . PHE A 1 35  ? 2.154   -13.554 -13.157 1.00 7.44  ? 38  PHE A CZ  1 
ATOM   235  N N   . GLY A 1 36  ? 1.704   -9.827  -19.669 1.00 9.26  ? 39  GLY A N   1 
ATOM   236  C CA  . GLY A 1 36  ? 1.207   -9.163  -20.843 1.00 11.06 ? 39  GLY A CA  1 
ATOM   237  C C   . GLY A 1 36  ? 0.392   -7.930  -20.637 1.00 12.60 ? 39  GLY A C   1 
ATOM   238  O O   . GLY A 1 36  ? -0.062  -7.272  -21.580 1.00 14.29 ? 39  GLY A O   1 
ATOM   239  N N   . GLY A 1 37  ? 0.294   -7.456  -19.395 1.00 10.73 ? 40  GLY A N   1 
ATOM   240  C CA  . GLY A 1 37  ? -0.298  -6.221  -19.058 1.00 8.94  ? 40  GLY A CA  1 
ATOM   241  C C   . GLY A 1 37  ? -1.436  -6.384  -18.039 1.00 9.27  ? 40  GLY A C   1 
ATOM   242  O O   . GLY A 1 37  ? -2.357  -7.215  -18.220 1.00 12.31 ? 40  GLY A O   1 
ATOM   243  N N   . LEU A 1 38  ? -1.341  -5.672  -16.921 1.00 7.75  ? 41  LEU A N   1 
ATOM   244  C CA  . LEU A 1 38  ? -2.410  -5.701  -15.919 1.00 7.73  ? 41  LEU A CA  1 
ATOM   245  C C   . LEU A 1 38  ? -3.047  -4.309  -15.811 1.00 7.40  ? 41  LEU A C   1 
ATOM   246  O O   . LEU A 1 38  ? -2.394  -3.316  -16.016 1.00 9.44  ? 41  LEU A O   1 
ATOM   247  C CB  . LEU A 1 38  ? -1.804  -6.025  -14.504 1.00 7.76  ? 41  LEU A CB  1 
ATOM   248  C CG  . LEU A 1 38  ? -1.140  -7.382  -14.404 1.00 8.88  ? 41  LEU A CG  1 
ATOM   249  C CD1 . LEU A 1 38  ? -0.622  -7.528  -12.942 1.00 9.76  ? 41  LEU A CD1 1 
ATOM   250  C CD2 . LEU A 1 38  ? -2.004  -8.509  -14.771 1.00 9.09  ? 41  LEU A CD2 1 
ATOM   251  N N   . PRO A 1 39  ? -4.297  -4.253  -15.356 1.00 7.69  ? 42  PRO A N   1 
ATOM   252  C CA  . PRO A 1 39  ? -5.003  -2.985  -15.215 1.00 8.96  ? 42  PRO A CA  1 
ATOM   253  C C   . PRO A 1 39  ? -4.881  -2.417  -13.845 1.00 9.09  ? 42  PRO A C   1 
ATOM   254  O O   . PRO A 1 39  ? -5.497  -1.365  -13.557 1.00 12.12 ? 42  PRO A O   1 
ATOM   255  C CB  . PRO A 1 39  ? -6.453  -3.447  -15.475 1.00 8.57  ? 42  PRO A CB  1 
ATOM   256  C CG  . PRO A 1 39  ? -6.549  -4.820  -14.937 1.00 8.74  ? 42  PRO A CG  1 
ATOM   257  C CD  . PRO A 1 39  ? -5.167  -5.418  -15.203 1.00 8.67  ? 42  PRO A CD  1 
ATOM   258  N N   . VAL A 1 40  ? -4.085  -3.041  -12.972 1.00 7.70  ? 43  VAL A N   1 
ATOM   259  C CA  . VAL A 1 40  ? -3.892  -2.567  -11.613 1.00 8.02  ? 43  VAL A CA  1 
ATOM   260  C C   . VAL A 1 40  ? -2.450  -2.722  -11.244 1.00 7.62  ? 43  VAL A C   1 
ATOM   261  O O   . VAL A 1 40  ? -1.657  -3.459  -11.922 1.00 7.70  ? 43  VAL A O   1 
ATOM   262  C CB  . VAL A 1 40  ? -4.746  -3.337  -10.578 1.00 10.56 ? 43  VAL A CB  1 
ATOM   263  C CG1 . VAL A 1 40  ? -6.213  -3.049  -10.832 1.00 12.94 ? 43  VAL A CG1 1 
ATOM   264  C CG2 . VAL A 1 40  ? -4.404  -4.781  -10.584 1.00 10.58 ? 43  VAL A CG2 1 
ATOM   265  N N   . GLN A 1 41  ? -2.024  -1.982  -10.227 1.00 6.47  ? 44  GLN A N   1 
ATOM   266  C CA  . GLN A 1 41  ? -0.742  -2.220  -9.546  1.00 6.40  ? 44  GLN A CA  1 
ATOM   267  C C   . GLN A 1 41  ? -0.982  -2.405  -8.079  1.00 6.51  ? 44  GLN A C   1 
ATOM   268  O O   . GLN A 1 41  ? -2.019  -1.922  -7.565  1.00 7.28  ? 44  GLN A O   1 
ATOM   269  C CB  . GLN A 1 41  ? 0.290   -1.154  -9.845  1.00 6.38  ? 44  GLN A CB  1 
ATOM   270  C CG  . GLN A 1 41  ? 0.449   -0.941  -11.366 1.00 6.98  ? 44  GLN A CG  1 
ATOM   271  C CD  . GLN A 1 41  ? 1.702   -0.168  -11.732 1.00 7.71  ? 44  GLN A CD  1 
ATOM   272  O OE1 . GLN A 1 41  ? 1.705   1.135   -11.650 1.00 12.17 ? 44  GLN A OE1 1 
ATOM   273  N NE2 . GLN A 1 41  ? 2.694   -0.810  -12.106 1.00 7.37  ? 44  GLN A NE2 1 
ATOM   274  N N   . LEU A 1 42  ? -0.065  -3.008  -7.341  1.00 5.55  ? 45  LEU A N   1 
ATOM   275  C CA  . LEU A 1 42  ? -0.300  -3.282  -5.935  1.00 5.88  ? 45  LEU A CA  1 
ATOM   276  C C   . LEU A 1 42  ? 1.036   -3.268  -5.207  1.00 5.51  ? 45  LEU A C   1 
ATOM   277  O O   . LEU A 1 42  ? 1.970   -3.969  -5.633  1.00 5.90  ? 45  LEU A O   1 
ATOM   278  C CB  . LEU A 1 42  ? -1.039  -4.575  -5.758  1.00 6.47  ? 45  LEU A CB  1 
ATOM   279  C CG  . LEU A 1 42  ? -1.485  -5.005  -4.332  1.00 6.72  ? 45  LEU A CG  1 
ATOM   280  C CD1 . LEU A 1 42  ? -2.663  -5.986  -4.443  1.00 8.19  ? 45  LEU A CD1 1 
ATOM   281  C CD2 . LEU A 1 42  ? -0.368  -5.619  -3.493  1.00 7.55  ? 45  LEU A CD2 1 
ATOM   282  N N   . ALA A 1 43  ? 1.131   -2.468  -4.154  1.00 6.22  ? 46  ALA A N   1 
ATOM   283  C CA  . ALA A 1 43  ? 2.355   -2.329  -3.327  1.00 6.29  ? 46  ALA A CA  1 
ATOM   284  C C   . ALA A 1 43  ? 2.009   -2.490  -1.902  1.00 7.86  ? 46  ALA A C   1 
ATOM   285  O O   . ALA A 1 43  ? 0.867   -2.217  -1.519  1.00 9.58  ? 46  ALA A O   1 
ATOM   286  C CB  . ALA A 1 43  ? 3.074   -0.983  -3.584  1.00 7.41  ? 46  ALA A CB  1 
ATOM   287  N N   . GLY A 1 44  ? 2.908   -2.917  -1.103  1.00 7.07  ? 47  GLY A N   1 
ATOM   288  C CA  . GLY A 1 44  ? 2.652   -2.912  0.333   1.00 7.83  ? 47  GLY A CA  1 
ATOM   289  C C   . GLY A 1 44  ? 3.612   -3.714  1.102   1.00 7.14  ? 47  GLY A C   1 
ATOM   290  O O   . GLY A 1 44  ? 4.710   -4.029  0.621   1.00 7.47  ? 47  GLY A O   1 
ATOM   291  N N   . GLY A 1 45  ? 3.246   -4.106  2.304   1.00 6.71  ? 48  GLY A N   1 
ATOM   292  C CA  . GLY A 1 45  ? 4.148   -4.849  3.133   1.00 9.20  ? 48  GLY A CA  1 
ATOM   293  C C   . GLY A 1 45  ? 3.687   -5.039  4.554   1.00 6.98  ? 48  GLY A C   1 
ATOM   294  O O   . GLY A 1 45  ? 2.648   -4.580  4.956   1.00 6.56  ? 48  GLY A O   1 
ATOM   295  N N   . GLU A 1 46  ? 4.451   -5.848  5.229   1.00 6.97  ? 49  GLU A N   1 
ATOM   296  C CA  . GLU A 1 46  ? 4.177   -6.307  6.577   1.00 6.71  ? 49  GLU A CA  1 
ATOM   297  C C   . GLU A 1 46  ? 4.522   -5.176  7.541   1.00 6.55  ? 49  GLU A C   1 
ATOM   298  O O   . GLU A 1 46  ? 5.543   -4.517  7.411   1.00 9.01  ? 49  GLU A O   1 
ATOM   299  C CB  . GLU A 1 46  ? 5.008   -7.605  6.829   1.00 7.62  ? 49  GLU A CB  1 
ATOM   300  C CG  . GLU A 1 46  ? 4.438   -8.473  7.967   1.00 9.39  ? 49  GLU A CG  1 
ATOM   301  C CD  . GLU A 1 46  ? 5.087   -8.268  9.288   1.00 11.57 ? 49  GLU A CD  1 
ATOM   302  O OE1 . GLU A 1 46  ? 5.885   -7.313  9.476   1.00 12.02 ? 49  GLU A OE1 1 
ATOM   303  O OE2 . GLU A 1 46  ? 4.889   -9.253  10.117  1.00 13.90 ? 49  GLU A OE2 1 
ATOM   304  N N   . LEU A 1 47  ? 3.669   -4.985  8.505   1.00 6.26  ? 50  LEU A N   1 
ATOM   305  C CA  . LEU A 1 47  ? 3.714   -3.784  9.332   1.00 6.57  ? 50  LEU A CA  1 
ATOM   306  C C   . LEU A 1 47  ? 4.440   -3.853  10.682  1.00 8.15  ? 50  LEU A C   1 
ATOM   307  O O   . LEU A 1 47  ? 4.580   -2.799  11.364  1.00 7.64  ? 50  LEU A O   1 
ATOM   308  C CB  . LEU A 1 47  ? 2.313   -3.248  9.512   1.00 6.28  ? 50  LEU A CB  1 
ATOM   309  C CG  . LEU A 1 47  ? 1.451   -2.952  8.316   1.00 6.60  ? 50  LEU A CG  1 
ATOM   310  C CD1 . LEU A 1 47  ? 0.100   -2.474  8.776   1.00 7.82  ? 50  LEU A CD1 1 
ATOM   311  C CD2 . LEU A 1 47  ? 2.099   -1.977  7.405   1.00 7.80  ? 50  LEU A CD2 1 
ATOM   312  N N   . SER A 1 48  ? 4.877   -5.062  11.056  1.00 8.77  ? 51  SER A N   1 
ATOM   313  C CA  . SER A 1 48  ? 5.406   -5.221  12.428  1.00 10.44 ? 51  SER A CA  1 
ATOM   314  C C   . SER A 1 48  ? 6.634   -4.367  12.557  1.00 10.16 ? 51  SER A C   1 
ATOM   315  O O   . SER A 1 48  ? 6.823   -3.918  13.732  1.00 14.29 ? 51  SER A O   1 
ATOM   316  C CB  . SER A 1 48  ? 5.661   -6.737  12.699  1.00 10.76 ? 51  SER A CB  1 
ATOM   317  O OG  . SER A 1 48  ? 6.742   -7.167  11.981  1.00 14.57 ? 51  SER A OG  1 
ATOM   318  N N   . THR A 1 49  ? 7.442   -4.085  11.559  1.00 10.09 ? 52  THR A N   1 
ATOM   319  C CA  . THR A 1 49  ? 8.653   -3.279  11.677  1.00 12.47 ? 52  THR A CA  1 
ATOM   320  C C   . THR A 1 49  ? 8.391   -1.875  11.276  1.00 11.41 ? 52  THR A C   1 
ATOM   321  O O   . THR A 1 49  ? 9.304   -1.031  11.215  1.00 13.86 ? 52  THR A O   1 
ATOM   322  C CB  . THR A 1 49  ? 9.750   -3.811  10.685  1.00 14.98 ? 52  THR A CB  1 
ATOM   323  O OG1 . THR A 1 49  ? 9.211   -3.872  9.364   1.00 20.89 ? 52  THR A OG1 1 
ATOM   324  C CG2 . THR A 1 49  ? 10.120  -5.273  11.189  1.00 18.06 ? 52  THR A CG2 1 
ATOM   325  N N   . LEU A 1 50  ? 7.119   -1.507  10.982  1.00 8.59  ? 53  LEU A N   1 
ATOM   326  C CA  . LEU A 1 50  ? 6.800   -0.155  10.522  1.00 8.16  ? 53  LEU A CA  1 
ATOM   327  C C   . LEU A 1 50  ? 5.992   0.651   11.556  1.00 7.23  ? 53  LEU A C   1 
ATOM   328  O O   . LEU A 1 50  ? 5.567   1.779   11.249  1.00 6.43  ? 53  LEU A O   1 
ATOM   329  C CB  . LEU A 1 50  ? 6.001   -0.163  9.200   1.00 8.19  ? 53  LEU A CB  1 
ATOM   330  C CG  . LEU A 1 50  ? 6.834   -0.758  7.985   1.00 9.64  ? 53  LEU A CG  1 
ATOM   331  C CD1 . LEU A 1 50  ? 5.929   -0.775  6.834   1.00 10.61 ? 53  LEU A CD1 1 
ATOM   332  C CD2 . LEU A 1 50  ? 8.058   0.039   7.690   1.00 12.05 ? 53  LEU A CD2 1 
ATOM   333  N N   . VAL A 1 51  ? 5.799   0.118   12.767  1.00 6.64  ? 54  VAL A N   1 
ATOM   334  C CA  . VAL A 1 51  ? 5.051   0.830   13.844  1.00 6.84  ? 54  VAL A CA  1 
ATOM   335  C C   . VAL A 1 51  ? 5.799   2.121   14.144  1.00 7.34  ? 54  VAL A C   1 
ATOM   336  O O   . VAL A 1 51  ? 7.010   2.076   14.509  1.00 8.86  ? 54  VAL A O   1 
ATOM   337  C CB  . VAL A 1 51  ? 4.896   -0.047  15.056  1.00 7.92  ? 54  VAL A CB  1 
ATOM   338  C CG1 . VAL A 1 51  ? 4.191   0.702   16.153  1.00 9.05  ? 54  VAL A CG1 1 
ATOM   339  C CG2 . VAL A 1 51  ? 4.061   -1.311  14.747  1.00 7.12  ? 54  VAL A CG2 1 
ATOM   340  N N   . GLY A 1 52  ? 5.092   3.241   14.009  1.00 6.70  ? 55  GLY A N   1 
ATOM   341  C CA  . GLY A 1 52  ? 5.780   4.541   14.268  1.00 7.26  ? 55  GLY A CA  1 
ATOM   342  C C   . GLY A 1 52  ? 6.778   4.973   13.251  1.00 7.24  ? 55  GLY A C   1 
ATOM   343  O O   . GLY A 1 52  ? 7.549   5.944   13.490  1.00 9.17  ? 55  GLY A O   1 
ATOM   344  N N   . LYS A 1 53  ? 6.788   4.364   12.047  1.00 6.99  ? 56  LYS A N   1 
ATOM   345  C CA  . LYS A 1 53  ? 7.831   4.632   10.992  1.00 7.26  ? 56  LYS A CA  1 
ATOM   346  C C   . LYS A 1 53  ? 7.098   4.754   9.651   1.00 6.83  ? 56  LYS A C   1 
ATOM   347  O O   . LYS A 1 53  ? 6.996   3.779   8.886   1.00 8.01  ? 56  LYS A O   1 
ATOM   348  C CB  . LYS A 1 53  ? 8.825   3.529   10.982  1.00 8.96  ? 56  LYS A CB  1 
ATOM   349  C CG  . LYS A 1 53  ? 9.523   3.270   12.317  1.00 12.07 ? 56  LYS A CG  1 
ATOM   350  C CD  . LYS A 1 53  ? 10.543  2.111   12.190  1.00 16.05 ? 56  LYS A CD  1 
ATOM   351  C CE  . LYS A 1 53  ? 11.116  1.743   13.537  1.00 22.11 ? 56  LYS A CE  1 
ATOM   352  N NZ  . LYS A 1 53  ? 11.907  2.878   14.166  1.00 25.18 ? 56  LYS A NZ  1 
ATOM   353  N N   . PRO A 1 54  ? 6.598   5.902   9.307   1.00 6.61  ? 57  PRO A N   1 
ATOM   354  C CA  . PRO A 1 54  ? 5.833   6.053   8.090   1.00 6.36  ? 57  PRO A CA  1 
ATOM   355  C C   . PRO A 1 54  ? 6.722   5.865   6.875   1.00 6.23  ? 57  PRO A C   1 
ATOM   356  O O   . PRO A 1 54  ? 7.819   6.385   6.784   1.00 7.72  ? 57  PRO A O   1 
ATOM   357  C CB  . PRO A 1 54  ? 5.257   7.475   8.166   1.00 7.14  ? 57  PRO A CB  1 
ATOM   358  C CG  . PRO A 1 54  ? 6.258   8.167   9.145   1.00 7.82  ? 57  PRO A CG  1 
ATOM   359  C CD  . PRO A 1 54  ? 6.642   7.156   10.116  1.00 7.27  ? 57  PRO A CD  1 
ATOM   360  N N   . VAL A 1 55  ? 6.174   5.187   5.892   1.00 5.49  ? 58  VAL A N   1 
ATOM   361  C CA  . VAL A 1 55  ? 6.895   4.918   4.657   1.00 5.82  ? 58  VAL A CA  1 
ATOM   362  C C   . VAL A 1 55  ? 7.018   6.137   3.766   1.00 5.91  ? 58  VAL A C   1 
ATOM   363  O O   . VAL A 1 55  ? 7.883   6.202   2.875   1.00 5.97  ? 58  VAL A O   1 
ATOM   364  C CB  . VAL A 1 55  ? 6.276   3.712   3.858   1.00 6.16  ? 58  VAL A CB  1 
ATOM   365  C CG1 . VAL A 1 55  ? 6.228   2.479   4.698   1.00 6.63  ? 58  VAL A CG1 1 
ATOM   366  C CG2 . VAL A 1 55  ? 4.904   4.007   3.281   1.00 5.61  ? 58  VAL A CG2 1 
ATOM   367  N N   . ALA A 1 56  ? 6.075   7.066   3.886   1.00 5.51  ? 59  ALA A N   1 
ATOM   368  C CA  . ALA A 1 56  ? 6.035   8.211   2.976   1.00 5.52  ? 59  ALA A CA  1 
ATOM   369  C C   . ALA A 1 56  ? 5.415   9.448   3.573   1.00 5.87  ? 59  ALA A C   1 
ATOM   370  O O   . ALA A 1 56  ? 4.507   9.352   4.416   1.00 6.69  ? 59  ALA A O   1 
ATOM   371  C CB  . ALA A 1 56  ? 5.218   7.791   1.754   1.00 5.76  ? 59  ALA A CB  1 
ATOM   372  N N   . ALA A 1 57  ? 5.840   10.577  3.044   1.00 5.84  ? 60  ALA A N   1 
ATOM   373  C CA  . ALA A 1 57  ? 5.120   11.836  3.177   1.00 6.12  ? 60  ALA A CA  1 
ATOM   374  C C   . ALA A 1 57  ? 3.847   11.810  2.311   1.00 6.35  ? 60  ALA A C   1 
ATOM   375  O O   . ALA A 1 57  ? 3.756   10.972  1.433   1.00 6.43  ? 60  ALA A O   1 
ATOM   376  C CB  . ALA A 1 57  ? 6.038   12.970  2.728   1.00 7.61  ? 60  ALA A CB  1 
ATOM   377  N N   . PRO A 1 58  ? 2.898   12.743  2.578   1.00 6.89  ? 61  PRO A N   1 
ATOM   378  C CA  . PRO A 1 58  ? 1.729   12.782  1.709   1.00 7.55  ? 61  PRO A CA  1 
ATOM   379  C C   . PRO A 1 58  ? 2.137   12.870  0.280   1.00 7.70  ? 61  PRO A C   1 
ATOM   380  O O   . PRO A 1 58  ? 3.038   13.625  -0.157  1.00 8.48  ? 61  PRO A O   1 
ATOM   381  C CB  . PRO A 1 58  ? 0.995   14.067  2.175   1.00 7.61  ? 61  PRO A CB  1 
ATOM   382  C CG  . PRO A 1 58  ? 1.398   14.136  3.601   1.00 8.41  ? 61  PRO A CG  1 
ATOM   383  C CD  . PRO A 1 58  ? 2.867   13.696  3.713   1.00 8.47  ? 61  PRO A CD  1 
ATOM   384  N N   . HIS A 1 59  ? 1.507   12.106  -0.598  1.00 7.34  ? 62  HIS A N   1 
ATOM   385  C CA  . HIS A 1 59  ? 1.790   12.054  -1.994  1.00 7.16  ? 62  HIS A CA  1 
ATOM   386  C C   . HIS A 1 59  ? 0.550   11.664  -2.785  1.00 8.09  ? 62  HIS A C   1 
ATOM   387  O O   . HIS A 1 59  ? -0.507  11.346  -2.200  1.00 8.30  ? 62  HIS A O   1 
ATOM   388  C CB  . HIS A 1 59  ? 2.916   11.086  -2.248  1.00 7.48  ? 62  HIS A CB  1 
ATOM   389  C CG  . HIS A 1 59  ? 2.623   9.724   -1.774  1.00 7.86  ? 62  HIS A CG  1 
ATOM   390  N ND1 . HIS A 1 59  ? 2.439   8.647   -2.628  1.00 13.52 ? 62  HIS A ND1 1 
ATOM   391  C CD2 . HIS A 1 59  ? 2.646   9.229   -0.522  1.00 7.75  ? 62  HIS A CD2 1 
ATOM   392  C CE1 . HIS A 1 59  ? 2.215   7.559   -1.866  1.00 10.25 ? 62  HIS A CE1 1 
ATOM   393  N NE2 . HIS A 1 59  ? 2.353   7.892   -0.608  1.00 11.80 ? 62  HIS A NE2 1 
ATOM   394  N N   . THR A 1 60  ? 0.625   11.717  -4.100  1.00 8.69  ? 63  THR A N   1 
ATOM   395  C CA  . THR A 1 60  ? -0.497  11.459  -4.955  1.00 8.93  ? 63  THR A CA  1 
ATOM   396  C C   . THR A 1 60  ? -0.236  10.512  -6.061  1.00 8.85  ? 63  THR A C   1 
ATOM   397  O O   . THR A 1 60  ? 0.923   10.281  -6.449  1.00 10.18 ? 63  THR A O   1 
ATOM   398  C CB  . THR A 1 60  ? -1.015  12.772  -5.583  1.00 9.59  ? 63  THR A CB  1 
ATOM   399  O OG1 . THR A 1 60  ? -0.132  13.248  -6.610  1.00 12.28 ? 63  THR A OG1 1 
ATOM   400  C CG2 . THR A 1 60  ? -1.212  13.834  -4.653  1.00 9.89  ? 63  THR A CG2 1 
ATOM   401  N N   . HIS A 1 61  ? -1.303  9.960   -6.615  1.00 8.04  ? 64  HIS A N   1 
ATOM   402  C CA  . HIS A 1 61  ? -1.204  9.171   -7.854  1.00 8.72  ? 64  HIS A CA  1 
ATOM   403  C C   . HIS A 1 61  ? -2.378  9.579   -8.739  1.00 9.73  ? 64  HIS A C   1 
ATOM   404  O O   . HIS A 1 61  ? -3.410  10.013  -8.219  1.00 10.77 ? 64  HIS A O   1 
ATOM   405  C CB  . HIS A 1 61  ? -1.348  7.652   -7.605  1.00 8.84  ? 64  HIS A CB  1 
ATOM   406  C CG  . HIS A 1 61  ? -0.202  7.080   -6.808  1.00 10.35 ? 64  HIS A CG  1 
ATOM   407  N ND1 . HIS A 1 61  ? 1.100   7.123   -7.293  1.00 13.01 ? 64  HIS A ND1 1 
ATOM   408  C CD2 . HIS A 1 61  ? -0.134  6.504   -5.600  1.00 13.12 ? 64  HIS A CD2 1 
ATOM   409  C CE1 . HIS A 1 61  ? 1.917   6.607   -6.385  1.00 14.71 ? 64  HIS A CE1 1 
ATOM   410  N NE2 . HIS A 1 61  ? 1.170   6.173   -5.382  1.00 12.78 ? 64  HIS A NE2 1 
ATOM   411  N N   . PRO A 1 62  ? -2.268  9.431   -10.071 1.00 9.81  ? 65  PRO A N   1 
ATOM   412  C CA  . PRO A 1 62  ? -3.317  9.950   -10.949 1.00 10.81 ? 65  PRO A CA  1 
ATOM   413  C C   . PRO A 1 62  ? -4.435  8.975   -11.204 1.00 11.71 ? 65  PRO A C   1 
ATOM   414  O O   . PRO A 1 62  ? -5.238  9.179   -12.120 1.00 14.54 ? 65  PRO A O   1 
ATOM   415  C CB  . PRO A 1 62  ? -2.523  10.254  -12.245 1.00 11.14 ? 65  PRO A CB  1 
ATOM   416  C CG  . PRO A 1 62  ? -1.475  9.211   -12.276 1.00 11.62 ? 65  PRO A CG  1 
ATOM   417  C CD  . PRO A 1 62  ? -1.055  9.045   -10.807 1.00 10.74 ? 65  PRO A CD  1 
ATOM   418  N N   . VAL A 1 63  ? -4.505  7.885   -10.422 1.00 10.38 ? 66  VAL A N   1 
ATOM   419  C CA  . VAL A 1 63  ? -5.513  6.829   -10.487 1.00 10.29 ? 66  VAL A CA  1 
ATOM   420  C C   . VAL A 1 63  ? -6.113  6.672   -9.132  1.00 9.24  ? 66  VAL A C   1 
ATOM   421  O O   . VAL A 1 63  ? -5.445  6.972   -8.157  1.00 9.37  ? 66  VAL A O   1 
ATOM   422  C CB  . VAL A 1 63  ? -4.994  5.488   -11.030 1.00 11.55 ? 66  VAL A CB  1 
ATOM   423  C CG1 . VAL A 1 63  ? -4.438  5.658   -12.446 1.00 13.19 ? 66  VAL A CG1 1 
ATOM   424  C CG2 . VAL A 1 63  ? -3.924  4.911   -10.132 1.00 12.53 ? 66  VAL A CG2 1 
ATOM   425  N N   . ASP A 1 64  ? -7.366  6.236   -9.074  1.00 9.21  ? 67  ASP A N   1 
ATOM   426  C CA  . ASP A 1 64  ? -7.960  5.902   -7.798  1.00 8.71  ? 67  ASP A CA  1 
ATOM   427  C C   . ASP A 1 64  ? -7.179  4.743   -7.159  1.00 8.97  ? 67  ASP A C   1 
ATOM   428  O O   . ASP A 1 64  ? -6.523  3.930   -7.824  1.00 8.01  ? 67  ASP A O   1 
ATOM   429  C CB  . ASP A 1 64  ? -9.396  5.452   -7.964  1.00 10.59 ? 67  ASP A CB  1 
ATOM   430  C CG  . ASP A 1 64  ? -10.327 6.582   -8.356  1.00 14.63 ? 67  ASP A CG  1 
ATOM   431  O OD1 . ASP A 1 64  ? -9.993  7.794   -8.259  1.00 12.76 ? 67  ASP A OD1 1 
ATOM   432  O OD2 . ASP A 1 64  ? -11.460 6.191   -8.808  1.00 17.91 ? 67  ASP A OD2 1 
ATOM   433  N N   . GLU A 1 65  ? -7.270  4.668   -5.862  1.00 7.61  ? 68  GLU A N   1 
ATOM   434  C CA  . GLU A 1 65  ? -6.512  3.697   -5.043  1.00 8.73  ? 68  GLU A CA  1 
ATOM   435  C C   . GLU A 1 65  ? -7.362  3.253   -3.910  1.00 8.49  ? 68  GLU A C   1 
ATOM   436  O O   . GLU A 1 65  ? -8.332  3.925   -3.494  1.00 8.44  ? 68  GLU A O   1 
ATOM   437  C CB  . GLU A 1 65  ? -5.245  4.375   -4.623  1.00 9.65  ? 68  GLU A CB  1 
ATOM   438  C CG  . GLU A 1 65  ? -4.336  3.654   -3.689  1.00 11.16 ? 68  GLU A CG  1 
ATOM   439  C CD  . GLU A 1 65  ? -3.058  4.393   -3.327  1.00 12.82 ? 68  GLU A CD  1 
ATOM   440  O OE1 . GLU A 1 65  ? -2.833  5.484   -3.911  1.00 13.38 ? 68  GLU A OE1 1 
ATOM   441  O OE2 . GLU A 1 65  ? -2.303  3.775   -2.574  1.00 14.96 ? 68  GLU A OE2 1 
ATOM   442  N N   . LEU A 1 66  ? -6.968  2.128   -3.373  1.00 6.57  ? 69  LEU A N   1 
ATOM   443  C CA  . LEU A 1 66  ? -7.574  1.552   -2.177  1.00 7.07  ? 69  LEU A CA  1 
ATOM   444  C C   . LEU A 1 66  ? -6.433  1.174   -1.209  1.00 7.30  ? 69  LEU A C   1 
ATOM   445  O O   . LEU A 1 66  ? -5.448  0.558   -1.652  1.00 8.44  ? 69  LEU A O   1 
ATOM   446  C CB  . LEU A 1 66  ? -8.378  0.286   -2.484  1.00 8.27  ? 69  LEU A CB  1 
ATOM   447  C CG  . LEU A 1 66  ? -9.420  0.546   -3.565  1.00 9.64  ? 69  LEU A CG  1 
ATOM   448  C CD1 . LEU A 1 66  ? -9.882  -0.739  -4.127  1.00 12.31 ? 69  LEU A CD1 1 
ATOM   449  C CD2 . LEU A 1 66  ? -10.580 1.315   -2.925  1.00 10.44 ? 69  LEU A CD2 1 
ATOM   450  N N   . TYR A 1 67  ? -6.593  1.429   0.045   1.00 6.17  ? 70  TYR A N   1 
ATOM   451  C CA  . TYR A 1 67  ? -5.759  0.815   1.077   1.00 6.48  ? 70  TYR A CA  1 
ATOM   452  C C   . TYR A 1 67  ? -6.481  -0.380  1.647   1.00 6.57  ? 70  TYR A C   1 
ATOM   453  O O   . TYR A 1 67  ? -7.686  -0.238  1.977   1.00 8.52  ? 70  TYR A O   1 
ATOM   454  C CB  . TYR A 1 67  ? -5.436  1.794   2.242   1.00 6.71  ? 70  TYR A CB  1 
ATOM   455  C CG  . TYR A 1 67  ? -4.292  2.701   1.993   1.00 7.50  ? 70  TYR A CG  1 
ATOM   456  C CD1 . TYR A 1 67  ? -3.020  2.207   1.715   1.00 7.71  ? 70  TYR A CD1 1 
ATOM   457  C CD2 . TYR A 1 67  ? -4.441  4.097   2.072   1.00 8.15  ? 70  TYR A CD2 1 
ATOM   458  C CE1 . TYR A 1 67  ? -1.955  3.073   1.499   1.00 8.27  ? 70  TYR A CE1 1 
ATOM   459  C CE2 . TYR A 1 67  ? -3.353  4.938   1.936   1.00 8.67  ? 70  TYR A CE2 1 
ATOM   460  C CZ  . TYR A 1 67  ? -2.104  4.440   1.639   1.00 8.94  ? 70  TYR A CZ  1 
ATOM   461  O OH  . TYR A 1 67  ? -1.024  5.335   1.454   1.00 9.13  ? 70  TYR A OH  1 
ATOM   462  N N   . LEU A 1 68  ? -5.838  -1.498  1.768   1.00 5.04  ? 71  LEU A N   1 
ATOM   463  C CA  . LEU A 1 68  ? -6.323  -2.721  2.379   1.00 5.47  ? 71  LEU A CA  1 
ATOM   464  C C   . LEU A 1 68  ? -5.457  -3.057  3.566   1.00 5.13  ? 71  LEU A C   1 
ATOM   465  O O   . LEU A 1 68  ? -4.232  -3.186  3.400   1.00 5.44  ? 71  LEU A O   1 
ATOM   466  C CB  . LEU A 1 68  ? -6.273  -3.885  1.376   1.00 6.54  ? 71  LEU A CB  1 
ATOM   467  C CG  . LEU A 1 68  ? -6.548  -5.285  1.923   1.00 7.60  ? 71  LEU A CG  1 
ATOM   468  C CD1 . LEU A 1 68  ? -7.971  -5.330  2.486   1.00 8.52  ? 71  LEU A CD1 1 
ATOM   469  C CD2 . LEU A 1 68  ? -6.287  -6.323  0.800   1.00 8.34  ? 71  LEU A CD2 1 
ATOM   470  N N   . LEU A 1 69  ? -6.067  -3.241  4.715   1.00 4.79  ? 72  LEU A N   1 
ATOM   471  C CA  . LEU A 1 69  ? -5.344  -3.542  5.987   1.00 5.24  ? 72  LEU A CA  1 
ATOM   472  C C   . LEU A 1 69  ? -5.891  -4.888  6.509   1.00 4.98  ? 72  LEU A C   1 
ATOM   473  O O   . LEU A 1 69  ? -7.116  -5.031  6.706   1.00 5.41  ? 72  LEU A O   1 
ATOM   474  C CB  . LEU A 1 69  ? -5.670  -2.444  7.019   1.00 5.79  ? 72  LEU A CB  1 
ATOM   475  C CG  . LEU A 1 69  ? -5.026  -2.660  8.390   1.00 5.62  ? 72  LEU A CG  1 
ATOM   476  C CD1 . LEU A 1 69  ? -3.563  -2.530  8.321   1.00 6.38  ? 72  LEU A CD1 1 
ATOM   477  C CD2 . LEU A 1 69  ? -5.617  -1.622  9.327   1.00 5.94  ? 72  LEU A CD2 1 
ATOM   478  N N   . VAL A 1 70  ? -4.999  -5.847  6.745   1.00 4.73  ? 73  VAL A N   1 
ATOM   479  C CA  . VAL A 1 70  ? -5.359  -7.146  7.287   1.00 4.95  ? 73  VAL A CA  1 
ATOM   480  C C   . VAL A 1 70  ? -4.393  -7.546  8.393   1.00 5.22  ? 73  VAL A C   1 
ATOM   481  O O   . VAL A 1 70  ? -3.272  -7.022  8.456   1.00 5.25  ? 73  VAL A O   1 
ATOM   482  C CB  . VAL A 1 70  ? -5.435  -8.256  6.192   1.00 5.37  ? 73  VAL A CB  1 
ATOM   483  C CG1 . VAL A 1 70  ? -6.456  -7.964  5.160   1.00 5.77  ? 73  VAL A CG1 1 
ATOM   484  C CG2 . VAL A 1 70  ? -4.054  -8.495  5.631   1.00 5.58  ? 73  VAL A CG2 1 
ATOM   485  N N   . SER A 1 71  ? -4.825  -8.450  9.251   1.00 5.55  ? 74  SER A N   1 
ATOM   486  C CA  . SER A 1 71  ? -3.981  -8.970  10.286  1.00 6.61  ? 74  SER A CA  1 
ATOM   487  C C   . SER A 1 71  ? -4.529  -10.336 10.803  1.00 7.69  ? 74  SER A C   1 
ATOM   488  O O   . SER A 1 71  ? -5.693  -10.532 10.735  1.00 8.40  ? 74  SER A O   1 
ATOM   489  C CB  . SER A 1 71  ? -3.850  -7.959  11.474  1.00 7.12  ? 74  SER A CB  1 
ATOM   490  O OG  . SER A 1 71  ? -2.664  -8.133  12.232  1.00 9.20  ? 74  SER A OG  1 
ATOM   491  N N   . PRO A 1 72  ? -3.609  -11.206 11.306  1.00 7.76  ? 75  PRO A N   1 
ATOM   492  C CA  . PRO A 1 72  ? -4.113  -12.525 11.659  1.00 8.87  ? 75  PRO A CA  1 
ATOM   493  C C   . PRO A 1 72  ? -5.169  -12.485 12.752  1.00 10.22 ? 75  PRO A C   1 
ATOM   494  O O   . PRO A 1 72  ? -6.081  -13.301 12.676  1.00 11.50 ? 75  PRO A O   1 
ATOM   495  C CB  . PRO A 1 72  ? -2.846  -13.252 12.120  1.00 10.00 ? 75  PRO A CB  1 
ATOM   496  C CG  . PRO A 1 72  ? -1.757  -12.662 11.220  1.00 9.45  ? 75  PRO A CG  1 
ATOM   497  C CD  . PRO A 1 72  ? -2.122  -11.208 11.238  1.00 8.48  ? 75  PRO A CD  1 
ATOM   498  N N   . ASN A 1 73  ? -5.033  -11.632 13.737  1.00 10.26 ? 76  ASN A N   1 
ATOM   499  C CA  . ASN A 1 73  ? -6.090  -11.465 14.764  1.00 12.56 ? 76  ASN A CA  1 
ATOM   500  C C   . ASN A 1 73  ? -6.954  -10.317 14.366  1.00 11.15 ? 76  ASN A C   1 
ATOM   501  O O   . ASN A 1 73  ? -6.443  -9.261  13.936  1.00 9.56  ? 76  ASN A O   1 
ATOM   502  C CB  . ASN A 1 73  ? -5.458  -11.207 16.104  1.00 13.77 ? 76  ASN A CB  1 
ATOM   503  C CG  . ASN A 1 73  ? -4.778  -12.432 16.619  1.00 18.76 ? 76  ASN A CG  1 
ATOM   504  O OD1 . ASN A 1 73  ? -5.454  -13.476 16.861  1.00 23.72 ? 76  ASN A OD1 1 
ATOM   505  N ND2 . ASN A 1 73  ? -3.468  -12.360 16.748  1.00 18.88 ? 76  ASN A ND2 1 
ATOM   506  N N   . LYS A 1 74  ? -8.240  -10.389 14.520  1.00 10.87 ? 77  LYS A N   1 
ATOM   507  C CA  . LYS A 1 74  ? -9.154  -9.325  14.324  1.00 11.07 ? 77  LYS A CA  1 
ATOM   508  C C   . LYS A 1 74  ? -8.751  -8.125  15.203  1.00 10.03 ? 77  LYS A C   1 
ATOM   509  O O   . LYS A 1 74  ? -8.455  -8.235  16.367  1.00 10.31 ? 77  LYS A O   1 
ATOM   510  C CB  . LYS A 1 74  ? -10.628 -9.691  14.641  1.00 15.11 ? 77  LYS A CB  1 
ATOM   511  C CG  . LYS A 1 74  ? -11.609 -8.640  14.274  1.00 17.85 ? 77  LYS A CG  1 
ATOM   512  C CD  . LYS A 1 74  ? -13.096 -8.958  14.513  1.00 21.02 ? 77  LYS A CD  1 
ATOM   513  C CE  . LYS A 1 74  ? -14.031 -7.808  14.105  1.00 23.29 ? 77  LYS A CE  1 
ATOM   514  N NZ  . LYS A 1 74  ? -13.717 -7.074  12.785  1.00 21.57 ? 77  LYS A NZ  1 
ATOM   515  N N   . GLY A 1 75  ? -8.617  -6.946  14.567  1.00 8.56  ? 78  GLY A N   1 
ATOM   516  C CA  . GLY A 1 75  ? -8.122  -5.785  15.217  1.00 9.25  ? 78  GLY A CA  1 
ATOM   517  C C   . GLY A 1 75  ? -6.664  -5.789  15.571  1.00 7.85  ? 78  GLY A C   1 
ATOM   518  O O   . GLY A 1 75  ? -6.242  -4.906  16.368  1.00 9.02  ? 78  GLY A O   1 
ATOM   519  N N   . GLY A 1 76  ? -5.878  -6.702  15.004  1.00 7.28  ? 79  GLY A N   1 
ATOM   520  C CA  . GLY A 1 76  ? -4.494  -6.799  15.338  1.00 6.77  ? 79  GLY A CA  1 
ATOM   521  C C   . GLY A 1 76  ? -3.599  -5.701  14.751  1.00 6.03  ? 79  GLY A C   1 
ATOM   522  O O   . GLY A 1 76  ? -2.401  -5.570  15.134  1.00 8.26  ? 79  GLY A O   1 
ATOM   523  N N   . ALA A 1 77  ? -4.123  -4.895  13.836  1.00 6.48  ? 80  ALA A N   1 
ATOM   524  C CA  . ALA A 1 77  ? -3.387  -3.734  13.319  1.00 6.04  ? 80  ALA A CA  1 
ATOM   525  C C   . ALA A 1 77  ? -4.286  -2.539  13.228  1.00 5.91  ? 80  ALA A C   1 
ATOM   526  O O   . ALA A 1 77  ? -5.503  -2.663  13.037  1.00 6.61  ? 80  ALA A O   1 
ATOM   527  C CB  . ALA A 1 77  ? -2.768  -3.997  11.973  1.00 6.74  ? 80  ALA A CB  1 
ATOM   528  N N   . ARG A 1 78  ? -3.708  -1.391  13.534  1.00 5.77  ? 81  ARG A N   1 
ATOM   529  C CA  . ARG A 1 78  ? -4.402  -0.100  13.447  1.00 5.85  ? 81  ARG A CA  1 
ATOM   530  C C   . ARG A 1 78  ? -3.489  0.881   12.736  1.00 5.62  ? 81  ARG A C   1 
ATOM   531  O O   . ARG A 1 78  ? -2.313  0.986   13.118  1.00 5.52  ? 81  ARG A O   1 
ATOM   532  C CB  . ARG A 1 78  ? -4.725  0.439   14.862  1.00 6.26  ? 81  ARG A CB  1 
ATOM   533  C CG  . ARG A 1 78  ? -5.347  1.784   14.816  1.00 7.41  ? 81  ARG A CG  1 
ATOM   534  C CD  . ARG A 1 78  ? -5.747  2.288   16.264  1.00 8.55  ? 81  ARG A CD  1 
ATOM   535  N NE  . ARG A 1 78  ? -6.962  1.679   16.777  1.00 7.95  ? 81  ARG A NE  1 
ATOM   536  C CZ  . ARG A 1 78  ? -8.192  1.989   16.394  1.00 8.28  ? 81  ARG A CZ  1 
ATOM   537  N NH1 . ARG A 1 78  ? -8.429  2.946   15.558  1.00 9.16  ? 81  ARG A NH1 1 
ATOM   538  N NH2 . ARG A 1 78  ? -9.242  1.328   16.925  1.00 9.11  ? 81  ARG A NH2 1 
ATOM   539  N N   . ILE A 1 79  ? -4.014  1.547   11.735  1.00 5.88  ? 82  ILE A N   1 
ATOM   540  C CA  . ILE A 1 79  ? -3.289  2.566   11.000  1.00 6.00  ? 82  ILE A CA  1 
ATOM   541  C C   . ILE A 1 79  ? -4.068  3.832   10.956  1.00 6.66  ? 82  ILE A C   1 
ATOM   542  O O   . ILE A 1 79  ? -5.324  3.799   11.118  1.00 7.55  ? 82  ILE A O   1 
ATOM   543  C CB  . ILE A 1 79  ? -2.872  2.130   9.579   1.00 5.94  ? 82  ILE A CB  1 
ATOM   544  C CG1 . ILE A 1 79  ? -4.044  2.070   8.572   1.00 5.91  ? 82  ILE A CG1 1 
ATOM   545  C CG2 . ILE A 1 79  ? -2.090  0.825   9.640   1.00 5.87  ? 82  ILE A CG2 1 
ATOM   546  C CD1 . ILE A 1 79  ? -3.647  1.713   7.136   1.00 5.95  ? 82  ILE A CD1 1 
ATOM   547  N N   . GLU A 1 80  ? -3.382  4.937   10.753  1.00 6.85  ? 83  GLU A N   1 
ATOM   548  C CA  . GLU A 1 80  ? -4.004  6.226   10.467  1.00 8.86  ? 83  GLU A CA  1 
ATOM   549  C C   . GLU A 1 80  ? -3.701  6.579   9.051   1.00 8.56  ? 83  GLU A C   1 
ATOM   550  O O   . GLU A 1 80  ? -2.532  6.459   8.634   1.00 11.05 ? 83  GLU A O   1 
ATOM   551  C CB  . GLU A 1 80  ? -3.382  7.227   11.441  1.00 12.83 ? 83  GLU A CB  1 
ATOM   552  C CG  . GLU A 1 80  ? -3.995  8.593   11.496  1.00 20.42 ? 83  GLU A CG  1 
ATOM   553  C CD  . GLU A 1 80  ? -3.514  9.316   12.783  1.00 25.02 ? 83  GLU A CD  1 
ATOM   554  O OE1 . GLU A 1 80  ? -2.258  9.471   12.848  1.00 30.76 ? 83  GLU A OE1 1 
ATOM   555  O OE2 . GLU A 1 80  ? -4.402  9.638   13.651  1.00 26.20 ? 83  GLU A OE2 1 
ATOM   556  N N   . VAL A 1 81  ? -4.688  6.921   8.284   1.00 7.99  ? 84  VAL A N   1 
ATOM   557  C CA  . VAL A 1 81  ? -4.541  7.340   6.916   1.00 7.43  ? 84  VAL A CA  1 
ATOM   558  C C   . VAL A 1 81  ? -4.767  8.804   6.879   1.00 8.37  ? 84  VAL A C   1 
ATOM   559  O O   . VAL A 1 81  ? -5.874  9.232   7.264   1.00 9.45  ? 84  VAL A O   1 
ATOM   560  C CB  . VAL A 1 81  ? -5.413  6.586   5.902   1.00 7.54  ? 84  VAL A CB  1 
ATOM   561  C CG1 . VAL A 1 81  ? -5.271  7.168   4.516   1.00 8.78  ? 84  VAL A CG1 1 
ATOM   562  C CG2 . VAL A 1 81  ? -5.099  5.092   5.926   1.00 8.76  ? 84  VAL A CG2 1 
ATOM   563  N N   . GLN A 1 82  ? -3.844  9.603   6.382   1.00 7.51  ? 85  GLN A N   1 
ATOM   564  C CA  . GLN A 1 82  ? -4.073  11.015  6.064   1.00 8.12  ? 85  GLN A CA  1 
ATOM   565  C C   . GLN A 1 82  ? -4.598  11.100  4.678   1.00 7.68  ? 85  GLN A C   1 
ATOM   566  O O   . GLN A 1 82  ? -4.000  10.589  3.714   1.00 9.39  ? 85  GLN A O   1 
ATOM   567  C CB  . GLN A 1 82  ? -2.796  11.795  6.119   1.00 11.92 ? 85  GLN A CB  1 
ATOM   568  C CG  . GLN A 1 82  ? -2.250  12.232  7.416   1.00 18.76 ? 85  GLN A CG  1 
ATOM   569  C CD  . GLN A 1 82  ? -1.252  13.454  7.154   1.00 28.40 ? 85  GLN A CD  1 
ATOM   570  O OE1 . GLN A 1 82  ? -1.495  14.329  6.271   1.00 36.27 ? 85  GLN A OE1 1 
ATOM   571  N NE2 . GLN A 1 82  ? -0.127  13.450  7.856   1.00 44.16 ? 85  GLN A NE2 1 
ATOM   572  N N   . LEU A 1 83  ? -5.778  11.751  4.523   1.00 7.49  ? 86  LEU A N   1 
ATOM   573  C CA  . LEU A 1 83  ? -6.413  11.974  3.215   1.00 7.81  ? 86  LEU A CA  1 
ATOM   574  C C   . LEU A 1 83  ? -6.909  13.398  3.136   1.00 8.54  ? 86  LEU A C   1 
ATOM   575  O O   . LEU A 1 83  ? -7.578  13.812  4.060   1.00 8.86  ? 86  LEU A O   1 
ATOM   576  C CB  . LEU A 1 83  ? -7.575  11.020  2.961   1.00 8.60  ? 86  LEU A CB  1 
ATOM   577  C CG  . LEU A 1 83  ? -8.341  11.248  1.664   1.00 9.26  ? 86  LEU A CG  1 
ATOM   578  C CD1 . LEU A 1 83  ? -7.448  11.026  0.457   1.00 11.51 ? 86  LEU A CD1 1 
ATOM   579  C CD2 . LEU A 1 83  ? -9.588  10.399  1.608   1.00 9.34  ? 86  LEU A CD2 1 
ATOM   580  N N   . ASP A 1 84  ? -6.417  14.128  2.165   1.00 8.25  ? 87  ASP A N   1 
ATOM   581  C CA  . ASP A 1 84  ? -6.829  15.599  2.062   1.00 10.88 ? 87  ASP A CA  1 
ATOM   582  C C   . ASP A 1 84  ? -6.450  16.340  3.350   1.00 11.72 ? 87  ASP A C   1 
ATOM   583  O O   . ASP A 1 84  ? -7.105  17.272  3.734   1.00 17.89 ? 87  ASP A O   1 
ATOM   584  C CB  . ASP A 1 84  ? -8.339  15.661  1.824   1.00 10.82 ? 87  ASP A CB  1 
ATOM   585  C CG  . ASP A 1 84  ? -8.791  14.987  0.518   1.00 8.95  ? 87  ASP A CG  1 
ATOM   586  O OD1 . ASP A 1 84  ? -8.074  14.957  -0.473  1.00 9.02  ? 87  ASP A OD1 1 
ATOM   587  O OD2 . ASP A 1 84  ? -9.995  14.517  0.569   1.00 11.46 ? 87  ASP A OD2 1 
ATOM   588  N N   . GLY A 1 85  ? -5.405  15.926  4.003   1.00 12.44 ? 88  GLY A N   1 
ATOM   589  C CA  . GLY A 1 85  ? -4.876  16.566  5.218   1.00 12.60 ? 88  GLY A CA  1 
ATOM   590  C C   . GLY A 1 85  ? -5.614  16.227  6.474   1.00 12.42 ? 88  GLY A C   1 
ATOM   591  O O   . GLY A 1 85  ? -5.469  16.939  7.505   1.00 16.93 ? 88  GLY A O   1 
ATOM   592  N N   . ARG A 1 86  ? -6.466  15.249  6.464   1.00 11.79 ? 89  ARG A N   1 
ATOM   593  C CA  . ARG A 1 86  ? -7.197  14.844  7.706   1.00 11.70 ? 89  ARG A CA  1 
ATOM   594  C C   . ARG A 1 86  ? -7.102  13.359  7.950   1.00 11.19 ? 89  ARG A C   1 
ATOM   595  O O   . ARG A 1 86  ? -6.998  12.573  7.010   1.00 9.88  ? 89  ARG A O   1 
ATOM   596  C CB  . ARG A 1 86  ? -8.659  15.176  7.558   1.00 13.75 ? 89  ARG A CB  1 
ATOM   597  C CG  . ARG A 1 86  ? -9.425  14.818  8.813   1.00 17.15 ? 89  ARG A CG  1 
ATOM   598  C CD  . ARG A 1 86  ? -10.774 15.461  8.772   1.00 19.82 ? 89  ARG A CD  1 
ATOM   599  N NE  . ARG A 1 86  ? -11.617 15.085  9.926   1.00 18.93 ? 89  ARG A NE  1 
ATOM   600  C CZ  . ARG A 1 86  ? -12.922 15.386  9.941   1.00 19.99 ? 89  ARG A CZ  1 
ATOM   601  N NH1 . ARG A 1 86  ? -13.463 16.073  8.917   1.00 17.84 ? 89  ARG A NH1 1 
ATOM   602  N NH2 . ARG A 1 86  ? -13.677 15.070  10.983  1.00 23.95 ? 89  ARG A NH2 1 
ATOM   603  N N   . ARG A 1 87  ? -6.915  13.025  9.214   1.00 13.04 ? 90  ARG A N   1 
ATOM   604  C CA  . ARG A 1 87  ? -6.661  11.667  9.616   1.00 13.73 ? 90  ARG A CA  1 
ATOM   605  C C   . ARG A 1 87  ? -7.898  10.882  9.778   1.00 12.72 ? 90  ARG A C   1 
ATOM   606  O O   . ARG A 1 87  ? -8.917  11.339  10.337  1.00 13.67 ? 90  ARG A O   1 
ATOM   607  C CB  . ARG A 1 87  ? -5.954  11.681  10.959  1.00 17.98 ? 90  ARG A CB  1 
ATOM   608  C CG  . ARG A 1 87  ? -4.576  12.366  10.928  1.00 27.86 ? 90  ARG A CG  1 
ATOM   609  C CD  . ARG A 1 87  ? -3.529  11.459  10.306  1.00 38.36 ? 90  ARG A CD  1 
ATOM   610  N NE  . ARG A 1 87  ? -2.127  11.758  10.659  1.00 58.20 ? 90  ARG A NE  1 
ATOM   611  C CZ  . ARG A 1 87  ? -1.074  10.951  10.399  1.00 71.61 ? 90  ARG A CZ  1 
ATOM   612  N NH1 . ARG A 1 87  ? -1.223  9.772   9.785   1.00 62.03 ? 90  ARG A NH1 1 
ATOM   613  N NH2 . ARG A 1 87  ? 0.155   11.327  10.757  1.00 85.60 ? 90  ARG A NH2 1 
ATOM   614  N N   . HIS A 1 88  ? -7.888  9.684   9.201   1.00 9.23  ? 91  HIS A N   1 
ATOM   615  C CA  . HIS A 1 88  ? -8.872  8.638   9.319   1.00 8.90  ? 91  HIS A CA  1 
ATOM   616  C C   . HIS A 1 88  ? -8.255  7.415   9.992   1.00 10.79 ? 91  HIS A C   1 
ATOM   617  O O   . HIS A 1 88  ? -7.124  7.135   9.736   1.00 11.42 ? 91  HIS A O   1 
ATOM   618  C CB  . HIS A 1 88  ? -9.469  8.214   8.018   1.00 9.96  ? 91  HIS A CB  1 
ATOM   619  C CG  . HIS A 1 88  ? -10.160 9.287   7.242   1.00 10.67 ? 91  HIS A CG  1 
ATOM   620  N ND1 . HIS A 1 88  ? -11.534 9.308   7.037   1.00 12.39 ? 91  HIS A ND1 1 
ATOM   621  C CD2 . HIS A 1 88  ? -9.658  10.387  6.690   1.00 11.05 ? 91  HIS A CD2 1 
ATOM   622  C CE1 . HIS A 1 88  ? -11.849 10.372  6.340   1.00 13.47 ? 91  HIS A CE1 1 
ATOM   623  N NE2 . HIS A 1 88  ? -10.744 11.088  6.165   1.00 12.16 ? 91  HIS A NE2 1 
ATOM   624  N N   . GLU A 1 89  ? -8.932  6.767   10.903  1.00 9.81  ? 92  GLU A N   1 
ATOM   625  C CA  . GLU A 1 89  ? -8.450  5.600   11.585  1.00 11.75 ? 92  GLU A CA  1 
ATOM   626  C C   . GLU A 1 89  ? -9.059  4.342   11.035  1.00 10.31 ? 92  GLU A C   1 
ATOM   627  O O   . GLU A 1 89  ? -10.271 4.179   10.868  1.00 11.58 ? 92  GLU A O   1 
ATOM   628  C CB  . GLU A 1 89  ? -8.914  5.764   13.006  1.00 18.51 ? 92  GLU A CB  1 
ATOM   629  C CG  . GLU A 1 89  ? -8.207  6.895   13.729  1.00 26.47 ? 92  GLU A CG  1 
ATOM   630  C CD  . GLU A 1 89  ? -6.883  6.392   14.340  1.00 30.17 ? 92  GLU A CD  1 
ATOM   631  O OE1 . GLU A 1 89  ? -6.023  7.258   14.535  1.00 33.24 ? 92  GLU A OE1 1 
ATOM   632  O OE2 . GLU A 1 89  ? -6.713  5.122   14.621  1.00 34.82 ? 92  GLU A OE2 1 
ATOM   633  N N   . LEU A 1 90  ? -8.206  3.355   10.765  1.00 9.05  ? 93  LEU A N   1 
ATOM   634  C CA  . LEU A 1 90  ? -8.593  2.041   10.252  1.00 8.49  ? 93  LEU A CA  1 
ATOM   635  C C   . LEU A 1 90  ? -8.170  0.999   11.277  1.00 7.63  ? 93  LEU A C   1 
ATOM   636  O O   . LEU A 1 90  ? -6.974  0.979   11.713  1.00 8.11  ? 93  LEU A O   1 
ATOM   637  C CB  . LEU A 1 90  ? -7.934  1.682   8.941   1.00 10.08 ? 93  LEU A CB  1 
ATOM   638  C CG  . LEU A 1 90  ? -8.258  2.545   7.665   1.00 12.65 ? 93  LEU A CG  1 
ATOM   639  C CD1 . LEU A 1 90  ? -7.648  1.908   6.442   1.00 12.60 ? 93  LEU A CD1 1 
ATOM   640  C CD2 . LEU A 1 90  ? -9.703  2.685   7.555   1.00 18.41 ? 93  LEU A CD2 1 
ATOM   641  N N   . LEU A 1 91  ? -9.090  0.121   11.645  1.00 6.72  ? 94  LEU A N   1 
ATOM   642  C CA  . LEU A 1 91  ? -8.809  -1.005  12.482  1.00 6.53  ? 94  LEU A CA  1 
ATOM   643  C C   . LEU A 1 91  ? -8.993  -2.301  11.685  1.00 5.89  ? 94  LEU A C   1 
ATOM   644  O O   . LEU A 1 91  ? -10.005 -2.498  10.981  1.00 6.21  ? 94  LEU A O   1 
ATOM   645  C CB  . LEU A 1 91  ? -9.747  -1.021  13.682  1.00 6.64  ? 94  LEU A CB  1 
ATOM   646  C CG  . LEU A 1 91  ? -9.556  -2.178  14.675  1.00 7.41  ? 94  LEU A CG  1 
ATOM   647  C CD1 . LEU A 1 91  ? -8.213  -2.148  15.368  1.00 7.31  ? 94  LEU A CD1 1 
ATOM   648  C CD2 . LEU A 1 91  ? -10.665 -2.183  15.708  1.00 7.54  ? 94  LEU A CD2 1 
ATOM   649  N N   . SER A 1 92  ? -7.992  -3.171  11.711  1.00 5.09  ? 95  SER A N   1 
ATOM   650  C CA  . SER A 1 92  ? -7.982  -4.306  10.778  1.00 5.54  ? 95  SER A CA  1 
ATOM   651  C C   . SER A 1 92  ? -9.159  -5.263  11.052  1.00 5.33  ? 95  SER A C   1 
ATOM   652  O O   . SER A 1 92  ? -9.476  -5.484  12.259  1.00 5.60  ? 95  SER A O   1 
ATOM   653  C CB  . SER A 1 92  ? -6.683  -5.038  10.806  1.00 6.08  ? 95  SER A CB  1 
ATOM   654  O OG  . SER A 1 92  ? -6.469  -5.670  12.010  1.00 7.48  ? 95  SER A OG  1 
ATOM   655  N N   . PRO A 1 93  ? -9.706  -5.911  10.061  1.00 5.16  ? 96  PRO A N   1 
ATOM   656  C CA  . PRO A 1 93  ? -9.513  -5.665  8.636   1.00 5.15  ? 96  PRO A CA  1 
ATOM   657  C C   . PRO A 1 93  ? -10.286 -4.437  8.189   1.00 5.04  ? 96  PRO A C   1 
ATOM   658  O O   . PRO A 1 93  ? -11.411 -4.176  8.655   1.00 5.77  ? 96  PRO A O   1 
ATOM   659  C CB  . PRO A 1 93  ? -10.123 -6.880  7.993   1.00 5.32  ? 96  PRO A CB  1 
ATOM   660  C CG  . PRO A 1 93  ? -11.190 -7.335  8.940   1.00 5.70  ? 96  PRO A CG  1 
ATOM   661  C CD  . PRO A 1 93  ? -10.664 -7.026  10.282  1.00 5.76  ? 96  PRO A CD  1 
ATOM   662  N N   . ALA A 1 94  ? -9.770  -3.700  7.218   1.00 5.32  ? 97  ALA A N   1 
ATOM   663  C CA  . ALA A 1 94  ? -10.479 -2.513  6.700   1.00 5.33  ? 97  ALA A CA  1 
ATOM   664  C C   . ALA A 1 94  ? -9.996  -2.198  5.277   1.00 5.64  ? 97  ALA A C   1 
ATOM   665  O O   . ALA A 1 94  ? -8.850  -2.558  4.929   1.00 5.14  ? 97  ALA A O   1 
ATOM   666  C CB  . ALA A 1 94  ? -10.220 -1.334  7.597   1.00 6.32  ? 97  ALA A CB  1 
ATOM   667  N N   . VAL A 1 95  ? -10.808 -1.474  4.539   1.00 5.06  ? 98  VAL A N   1 
ATOM   668  C CA  . VAL A 1 95  ? -10.444 -0.892  3.278   1.00 6.17  ? 98  VAL A CA  1 
ATOM   669  C C   . VAL A 1 95  ? -10.807 0.555   3.245   1.00 5.77  ? 98  VAL A C   1 
ATOM   670  O O   . VAL A 1 95  ? -11.802 0.919   3.824   1.00 6.17  ? 98  VAL A O   1 
ATOM   671  C CB  . VAL A 1 95  ? -11.058 -1.659  2.089   1.00 7.64  ? 98  VAL A CB  1 
ATOM   672  C CG1 . VAL A 1 95  ? -10.740 -0.971  0.764   1.00 11.95 ? 98  VAL A CG1 1 
ATOM   673  C CG2 . VAL A 1 95  ? -10.544 -3.078  2.029   1.00 10.43 ? 98  VAL A CG2 1 
ATOM   674  N N   . MET A 1 96  ? -10.041 1.381   2.579   1.00 5.91  ? 99  MET A N   1 
ATOM   675  C CA  . MET A 1 96  ? -10.312 2.813   2.441   1.00 5.62  ? 99  MET A CA  1 
ATOM   676  C C   . MET A 1 96  ? -10.069 3.274   1.044   1.00 5.87  ? 99  MET A C   1 
ATOM   677  O O   . MET A 1 96  ? -9.051  2.888   0.421   1.00 6.31  ? 99  MET A O   1 
ATOM   678  C CB  . MET A 1 96  ? -9.411  3.603   3.399   1.00 6.29  ? 99  MET A CB  1 
ATOM   679  C CG  . MET A 1 96  ? -9.658  5.130   3.289   1.00 6.28  ? 99  MET A CG  1 
ATOM   680  S SD  . MET A 1 96  ? -8.797  5.947   4.622   1.00 9.28  ? 99  MET A SD  1 
ATOM   681  C CE  . MET A 1 96  ? -9.038  7.650   4.176   1.00 9.09  ? 99  MET A CE  1 
ATOM   682  N N   . ARG A 1 97  ? -10.955 4.085   0.533   1.00 6.39  ? 100 ARG A N   1 
ATOM   683  C CA  . ARG A 1 97  ? -10.846 4.693   -0.816  1.00 7.57  ? 100 ARG A CA  1 
ATOM   684  C C   . ARG A 1 97  ? -9.975  5.930   -0.785  1.00 6.21  ? 100 ARG A C   1 
ATOM   685  O O   . ARG A 1 97  ? -10.058 6.753   0.118   1.00 6.74  ? 100 ARG A O   1 
ATOM   686  C CB  . ARG A 1 97  ? -12.224 5.018   -1.399  1.00 8.92  ? 100 ARG A CB  1 
ATOM   687  C CG  . ARG A 1 97  ? -12.841 6.286   -0.822  1.00 11.04 ? 100 ARG A CG  1 
ATOM   688  C CD  . ARG A 1 97  ? -14.280 6.630   -1.332  1.00 11.36 ? 100 ARG A CD  1 
ATOM   689  N NE  . ARG A 1 97  ? -14.291 6.957   -2.734  1.00 12.49 ? 100 ARG A NE  1 
ATOM   690  C CZ  . ARG A 1 97  ? -15.426 7.081   -3.463  1.00 13.83 ? 100 ARG A CZ  1 
ATOM   691  N NH1 . ARG A 1 97  ? -16.607 6.947   -2.875  1.00 11.68 ? 100 ARG A NH1 1 
ATOM   692  N NH2 . ARG A 1 97  ? -15.315 7.491   -4.734  1.00 16.75 ? 100 ARG A NH2 1 
ATOM   693  N N   . ILE A 1 98  ? -9.087  6.064   -1.760  1.00 6.53  ? 101 ILE A N   1 
ATOM   694  C CA  . ILE A 1 98  ? -8.171  7.143   -1.952  1.00 7.30  ? 101 ILE A CA  1 
ATOM   695  C C   . ILE A 1 98  ? -8.332  7.696   -3.369  1.00 6.81  ? 101 ILE A C   1 
ATOM   696  O O   . ILE A 1 98  ? -7.882  7.159   -4.372  1.00 7.59  ? 101 ILE A O   1 
ATOM   697  C CB  . ILE A 1 98  ? -6.747  6.614   -1.797  1.00 7.33  ? 101 ILE A CB  1 
ATOM   698  C CG1 . ILE A 1 98  ? -6.530  6.014   -0.409  1.00 7.86  ? 101 ILE A CG1 1 
ATOM   699  C CG2 . ILE A 1 98  ? -5.725  7.710   -2.058  1.00 8.65  ? 101 ILE A CG2 1 
ATOM   700  C CD1 . ILE A 1 98  ? -6.701  6.927   0.782   1.00 8.21  ? 101 ILE A CD1 1 
ATOM   701  N N   . PRO A 1 99  ? -9.105  8.783   -3.532  1.00 7.00  ? 102 PRO A N   1 
ATOM   702  C CA  . PRO A 1 99  ? -9.424  9.263   -4.893  1.00 7.94  ? 102 PRO A CA  1 
ATOM   703  C C   . PRO A 1 99  ? -8.190  9.694   -5.655  1.00 6.92  ? 102 PRO A C   1 
ATOM   704  O O   . PRO A 1 99  ? -7.235  10.251  -5.062  1.00 7.76  ? 102 PRO A O   1 
ATOM   705  C CB  . PRO A 1 99  ? -10.380 10.476  -4.616  1.00 8.81  ? 102 PRO A CB  1 
ATOM   706  C CG  . PRO A 1 99  ? -10.865 10.292  -3.282  1.00 8.73  ? 102 PRO A CG  1 
ATOM   707  C CD  . PRO A 1 99  ? -9.846  9.512   -2.486  1.00 7.85  ? 102 PRO A CD  1 
ATOM   708  N N   . ALA A 1 100 ? -8.231  9.547   -6.953  1.00 7.86  ? 103 ALA A N   1 
ATOM   709  C CA  . ALA A 1 100 ? -7.139  10.021  -7.798  1.00 8.21  ? 103 ALA A CA  1 
ATOM   710  C C   . ALA A 1 100 ? -6.754  11.461  -7.480  1.00 7.91  ? 103 ALA A C   1 
ATOM   711  O O   . ALA A 1 100 ? -7.654  12.325  -7.332  1.00 9.67  ? 103 ALA A O   1 
ATOM   712  C CB  . ALA A 1 100 ? -7.511  9.941   -9.283  1.00 9.60  ? 103 ALA A CB  1 
ATOM   713  N N   . GLY A 1 101 ? -5.477  11.753  -7.381  1.00 8.50  ? 104 GLY A N   1 
ATOM   714  C CA  . GLY A 1 101 ? -5.010  13.046  -7.103  1.00 9.27  ? 104 GLY A CA  1 
ATOM   715  C C   . GLY A 1 101 ? -4.928  13.515  -5.717  1.00 8.72  ? 104 GLY A C   1 
ATOM   716  O O   . GLY A 1 101 ? -4.364  14.574  -5.397  1.00 10.58 ? 104 GLY A O   1 
ATOM   717  N N   . SER A 1 102 ? -5.538  12.740  -4.818  1.00 8.00  ? 105 SER A N   1 
ATOM   718  C CA  . SER A 1 102 ? -5.674  13.163  -3.417  1.00 8.10  ? 105 SER A CA  1 
ATOM   719  C C   . SER A 1 102 ? -4.358  12.962  -2.659  1.00 8.29  ? 105 SER A C   1 
ATOM   720  O O   . SER A 1 102 ? -3.669  11.924  -2.907  1.00 8.43  ? 105 SER A O   1 
ATOM   721  C CB  . SER A 1 102 ? -6.782  12.387  -2.667  1.00 9.05  ? 105 SER A CB  1 
ATOM   722  O OG  . SER A 1 102 ? -6.534  11.004  -2.544  1.00 9.09  ? 105 SER A OG  1 
ATOM   723  N N   . GLU A 1 103 ? -3.989  13.898  -1.818  1.00 7.25  ? 106 GLU A N   1 
ATOM   724  C CA  . GLU A 1 103 ? -2.756  13.773  -1.038  1.00 8.22  ? 106 GLU A CA  1 
ATOM   725  C C   . GLU A 1 103 ? -3.088  12.734  0.066   1.00 7.75  ? 106 GLU A C   1 
ATOM   726  O O   . GLU A 1 103 ? -4.105  12.821  0.809   1.00 9.75  ? 106 GLU A O   1 
ATOM   727  C CB  . GLU A 1 103 ? -2.458  15.057  -0.338  1.00 8.82  ? 106 GLU A CB  1 
ATOM   728  C CG  . GLU A 1 103 ? -2.000  16.122  -1.362  1.00 10.98 ? 106 GLU A CG  1 
ATOM   729  C CD  . GLU A 1 103 ? -0.616  15.890  -1.899  1.00 15.28 ? 106 GLU A CD  1 
ATOM   730  O OE1 . GLU A 1 103 ? -0.292  16.698  -2.863  1.00 20.24 ? 106 GLU A OE1 1 
ATOM   731  O OE2 . GLU A 1 103 ? 0.162   15.009  -1.443  1.00 17.33 ? 106 GLU A OE2 1 
ATOM   732  N N   . HIS A 1 104 ? -2.222  11.733  0.200   1.00 8.18  ? 107 HIS A N   1 
ATOM   733  C CA  . HIS A 1 104 ? -2.472  10.631  1.158   1.00 7.28  ? 107 HIS A CA  1 
ATOM   734  C C   . HIS A 1 104 ? -1.136  10.035  1.624   1.00 7.01  ? 107 HIS A C   1 
ATOM   735  O O   . HIS A 1 104 ? -0.131  10.085  0.933   1.00 7.37  ? 107 HIS A O   1 
ATOM   736  C CB  . HIS A 1 104 ? -3.366  9.525   0.538   1.00 7.52  ? 107 HIS A CB  1 
ATOM   737  C CG  . HIS A 1 104 ? -2.740  8.836   -0.602  1.00 7.59  ? 107 HIS A CG  1 
ATOM   738  N ND1 . HIS A 1 104 ? -2.684  9.330   -1.882  1.00 7.76  ? 107 HIS A ND1 1 
ATOM   739  C CD2 . HIS A 1 104 ? -2.037  7.682   -0.670  1.00 8.39  ? 107 HIS A CD2 1 
ATOM   740  C CE1 . HIS A 1 104 ? -2.037  8.528   -2.676  1.00 9.26  ? 107 HIS A CE1 1 
ATOM   741  N NE2 . HIS A 1 104 ? -1.612  7.516   -1.956  1.00 9.31  ? 107 HIS A NE2 1 
ATOM   742  N N   . CYS A 1 105 ? -1.249  9.331   2.762   1.00 7.04  ? 108 CYS A N   1 
ATOM   743  C CA  . CYS A 1 105 ? -0.194  8.494   3.317   1.00 6.63  ? 108 CYS A CA  1 
ATOM   744  C C   . CYS A 1 105 ? -0.771  7.766   4.488   1.00 5.74  ? 108 CYS A C   1 
ATOM   745  O O   . CYS A 1 105 ? -1.850  8.098   4.973   1.00 6.94  ? 108 CYS A O   1 
ATOM   746  C CB  . CYS A 1 105 ? 1.028   9.338   3.682   1.00 8.47  ? 108 CYS A CB  1 
ATOM   747  S SG  . CYS A 1 105 ? 0.674   10.659  4.905   1.00 9.34  ? 108 CYS A SG  1 
ATOM   748  N N   . PHE A 1 106 ? -0.051  6.761   4.976   1.00 5.90  ? 109 PHE A N   1 
ATOM   749  C CA  . PHE A 1 106 ? -0.486  6.079   6.197   1.00 5.52  ? 109 PHE A CA  1 
ATOM   750  C C   . PHE A 1 106 ? 0.606   5.981   7.226   1.00 5.64  ? 109 PHE A C   1 
ATOM   751  O O   . PHE A 1 106 ? 1.813   5.963   6.893   1.00 6.03  ? 109 PHE A O   1 
ATOM   752  C CB  . PHE A 1 106 ? -1.140  4.690   5.954   1.00 5.47  ? 109 PHE A CB  1 
ATOM   753  C CG  . PHE A 1 106 ? -0.149  3.553   5.693   1.00 6.15  ? 109 PHE A CG  1 
ATOM   754  C CD1 . PHE A 1 106 ? 0.494   3.372   4.457   1.00 5.70  ? 109 PHE A CD1 1 
ATOM   755  C CD2 . PHE A 1 106 ? 0.173   2.710   6.728   1.00 6.28  ? 109 PHE A CD2 1 
ATOM   756  C CE1 . PHE A 1 106 ? 1.404   2.380   4.313   1.00 5.97  ? 109 PHE A CE1 1 
ATOM   757  C CE2 . PHE A 1 106 ? 1.100   1.731   6.528   1.00 6.11  ? 109 PHE A CE2 1 
ATOM   758  C CZ  . PHE A 1 106 ? 1.650   1.540   5.316   1.00 5.94  ? 109 PHE A CZ  1 
ATOM   759  N N   . LEU A 1 107 ? 0.175   5.815   8.474   1.00 6.13  ? 110 LEU A N   1 
ATOM   760  C CA  . LEU A 1 107 ? 1.059   5.604   9.619   1.00 6.08  ? 110 LEU A CA  1 
ATOM   761  C C   . LEU A 1 107 ? 0.559   4.403   10.406  1.00 5.53  ? 110 LEU A C   1 
ATOM   762  O O   . LEU A 1 107 ? -0.619  4.388   10.792  1.00 5.43  ? 110 LEU A O   1 
ATOM   763  C CB  . LEU A 1 107 ? 1.064   6.814   10.542  1.00 7.41  ? 110 LEU A CB  1 
ATOM   764  C CG  . LEU A 1 107 ? 1.806   6.676   11.859  1.00 9.25  ? 110 LEU A CG  1 
ATOM   765  C CD1 . LEU A 1 107 ? 3.306   6.468   11.640  1.00 9.88  ? 110 LEU A CD1 1 
ATOM   766  C CD2 . LEU A 1 107 ? 1.553   7.895   12.719  1.00 10.62 ? 110 LEU A CD2 1 
ATOM   767  N N   . THR A 1 108 ? 1.445   3.450   10.689  1.00 4.74  ? 111 THR A N   1 
ATOM   768  C CA  . THR A 1 108 ? 1.093   2.317   11.546  1.00 4.92  ? 111 THR A CA  1 
ATOM   769  C C   . THR A 1 108 ? 1.165   2.688   13.005  1.00 5.03  ? 111 THR A C   1 
ATOM   770  O O   . THR A 1 108 ? 2.205   3.094   13.505  1.00 5.70  ? 111 THR A O   1 
ATOM   771  C CB  . THR A 1 108 ? 2.005   1.143   11.251  1.00 4.96  ? 111 THR A CB  1 
ATOM   772  O OG1 . THR A 1 108 ? 2.068   0.860   9.852   1.00 5.69  ? 111 THR A OG1 1 
ATOM   773  C CG2 . THR A 1 108 ? 1.651   -0.063  11.991  1.00 5.06  ? 111 THR A CG2 1 
ATOM   774  N N   . LEU A 1 109 ? 0.056   2.603   13.683  1.00 5.52  ? 112 LEU A N   1 
ATOM   775  C CA  . LEU A 1 109 ? -0.028  2.883   15.135  1.00 5.99  ? 112 LEU A CA  1 
ATOM   776  C C   . LEU A 1 109 ? 0.199   1.629   15.999  1.00 7.28  ? 112 LEU A C   1 
ATOM   777  O O   . LEU A 1 109 ? 0.738   1.706   17.112  1.00 7.35  ? 112 LEU A O   1 
ATOM   778  C CB  . LEU A 1 109 ? -1.397  3.496   15.496  1.00 7.36  ? 112 LEU A CB  1 
ATOM   779  C CG  . LEU A 1 109 ? -1.673  4.873   14.889  1.00 8.84  ? 112 LEU A CG  1 
ATOM   780  C CD1 . LEU A 1 109 ? -3.062  5.283   15.368  1.00 9.74  ? 112 LEU A CD1 1 
ATOM   781  C CD2 . LEU A 1 109 ? -0.610  5.877   15.232  1.00 11.06 ? 112 LEU A CD2 1 
ATOM   782  N N   . GLU A 1 110 ? -0.221  0.465   15.500  1.00 6.59  ? 113 GLU A N   1 
ATOM   783  C CA  . GLU A 1 110 ? -0.076  -0.803  16.171  1.00 7.58  ? 113 GLU A CA  1 
ATOM   784  C C   . GLU A 1 110 ? -0.112  -1.890  15.078  1.00 6.77  ? 113 GLU A C   1 
ATOM   785  O O   . GLU A 1 110 ? -0.888  -1.793  14.087  1.00 6.67  ? 113 GLU A O   1 
ATOM   786  C CB  . GLU A 1 110 ? -1.263  -1.063  17.140  1.00 9.43  ? 113 GLU A CB  1 
ATOM   787  C CG  . GLU A 1 110 ? -1.158  -2.413  17.912  1.00 13.85 ? 113 GLU A CG  1 
ATOM   788  C CD  . GLU A 1 110 ? 0.124   -2.662  18.664  1.00 15.82 ? 113 GLU A CD  1 
ATOM   789  O OE1 . GLU A 1 110 ? -0.063  -2.855  19.937  1.00 17.95 ? 113 GLU A OE1 1 
ATOM   790  O OE2 . GLU A 1 110 ? 1.273   -2.688  18.075  1.00 16.50 ? 113 GLU A OE2 1 
ATOM   791  N N   . ALA A 1 111 ? 0.708   -2.929  15.275  1.00 6.76  ? 114 ALA A N   1 
ATOM   792  C CA  . ALA A 1 111 ? 0.683   -4.094  14.381  1.00 7.47  ? 114 ALA A CA  1 
ATOM   793  C C   . ALA A 1 111 ? 1.323   -5.269  15.118  1.00 8.45  ? 114 ALA A C   1 
ATOM   794  O O   . ALA A 1 111 ? 1.955   -5.172  16.137  1.00 13.03 ? 114 ALA A O   1 
ATOM   795  C CB  . ALA A 1 111 ? 1.564   -3.742  13.195  1.00 7.31  ? 114 ALA A CB  1 
ATOM   796  N N   . GLU A 1 112 ? 0.958   -6.404  14.633  1.00 9.57  ? 115 GLU A N   1 
ATOM   797  C CA  . GLU A 1 112 ? 1.447   -7.717  15.095  1.00 9.52  ? 115 GLU A CA  1 
ATOM   798  C C   . GLU A 1 112 ? 2.177   -8.339  13.931  1.00 10.64 ? 115 GLU A C   1 
ATOM   799  O O   . GLU A 1 112 ? 2.096   -7.875  12.761  1.00 9.19  ? 115 GLU A O   1 
ATOM   800  C CB  . GLU A 1 112 ? 0.294   -8.568  15.578  1.00 9.92  ? 115 GLU A CB  1 
ATOM   801  C CG  . GLU A 1 112 ? -0.792  -8.782  14.553  1.00 11.35 ? 115 GLU A CG  1 
ATOM   802  C CD  . GLU A 1 112 ? -1.955  -9.682  14.869  1.00 10.55 ? 115 GLU A CD  1 
ATOM   803  O OE1 . GLU A 1 112 ? -1.800  -10.420 15.905  1.00 16.53 ? 115 GLU A OE1 1 
ATOM   804  O OE2 . GLU A 1 112 ? -2.931  -9.782  14.224  1.00 10.42 ? 115 GLU A OE2 1 
ATOM   805  N N   . VAL A 1 113 ? 2.815   -9.433  14.158  1.00 9.90  ? 116 VAL A N   1 
ATOM   806  C CA  . VAL A 1 113 ? 3.436   -10.172 13.069  1.00 12.03 ? 116 VAL A CA  1 
ATOM   807  C C   . VAL A 1 113 ? 2.297   -10.680 12.205  1.00 8.49  ? 116 VAL A C   1 
ATOM   808  O O   . VAL A 1 113 ? 1.274   -11.213 12.622  1.00 9.24  ? 116 VAL A O   1 
ATOM   809  C CB  . VAL A 1 113 ? 4.264   -11.391 13.583  1.00 15.50 ? 116 VAL A CB  1 
ATOM   810  C CG1 . VAL A 1 113 ? 4.577   -12.419 12.459  1.00 14.56 ? 116 VAL A CG1 1 
ATOM   811  C CG2 . VAL A 1 113 ? 5.502   -10.874 14.283  1.00 19.83 ? 116 VAL A CG2 1 
ATOM   812  N N   . GLY A 1 114 ? 2.478   -10.432 10.902  1.00 7.41  ? 117 GLY A N   1 
ATOM   813  C CA  . GLY A 1 114 ? 1.511   -10.790 9.886   1.00 7.81  ? 117 GLY A CA  1 
ATOM   814  C C   . GLY A 1 114 ? 0.501   -9.722  9.517   1.00 6.66  ? 117 GLY A C   1 
ATOM   815  O O   . GLY A 1 114 ? -0.353  -9.909  8.698   1.00 7.24  ? 117 GLY A O   1 
ATOM   816  N N   . SER A 1 115 ? 0.576   -8.538  10.163  1.00 6.08  ? 118 SER A N   1 
ATOM   817  C CA  . SER A 1 115 ? -0.201  -7.375  9.708   1.00 6.36  ? 118 SER A CA  1 
ATOM   818  C C   . SER A 1 115 ? 0.331   -6.877  8.405   1.00 5.38  ? 118 SER A C   1 
ATOM   819  O O   . SER A 1 115 ? 1.531   -6.741  8.240   1.00 5.51  ? 118 SER A O   1 
ATOM   820  C CB  . SER A 1 115 ? -0.118  -6.243  10.746  1.00 6.55  ? 118 SER A CB  1 
ATOM   821  O OG  . SER A 1 115 ? -0.553  -6.579  12.046  1.00 6.85  ? 118 SER A OG  1 
ATOM   822  N N   . TYR A 1 116 ? -0.587  -6.613  7.443   1.00 4.81  ? 119 TYR A N   1 
ATOM   823  C CA  . TYR A 1 116 ? -0.195  -6.110  6.127   1.00 5.46  ? 119 TYR A CA  1 
ATOM   824  C C   . TYR A 1 116 ? -1.032  -4.933  5.733   1.00 5.35  ? 119 TYR A C   1 
ATOM   825  O O   . TYR A 1 116 ? -2.240  -4.897  6.001   1.00 5.06  ? 119 TYR A O   1 
ATOM   826  C CB  . TYR A 1 116 ? -0.365  -7.147  5.026   1.00 5.64  ? 119 TYR A CB  1 
ATOM   827  C CG  . TYR A 1 116 ? 0.740   -8.155  4.966   1.00 5.98  ? 119 TYR A CG  1 
ATOM   828  C CD1 . TYR A 1 116 ? 0.753   -9.330  5.717   1.00 6.72  ? 119 TYR A CD1 1 
ATOM   829  C CD2 . TYR A 1 116 ? 1.822   -7.885  4.132   1.00 5.88  ? 119 TYR A CD2 1 
ATOM   830  C CE1 . TYR A 1 116 ? 1.811   -10.196 5.634   1.00 6.26  ? 119 TYR A CE1 1 
ATOM   831  C CE2 . TYR A 1 116 ? 2.897   -8.763  4.059   1.00 6.42  ? 119 TYR A CE2 1 
ATOM   832  C CZ  . TYR A 1 116 ? 2.849   -9.882  4.823   1.00 6.14  ? 119 TYR A CZ  1 
ATOM   833  O OH  . TYR A 1 116 ? 3.941   -10.816 4.838   1.00 8.76  ? 119 TYR A OH  1 
ATOM   834  N N   . CYS A 1 117 ? -0.466  -3.886  5.151   1.00 5.15  ? 120 CYS A N   1 
ATOM   835  C CA  . CYS A 1 117 ? -1.189  -2.854  4.448   1.00 5.61  ? 120 CYS A CA  1 
ATOM   836  C C   . CYS A 1 117 ? -0.741  -2.898  3.013   1.00 5.35  ? 120 CYS A C   1 
ATOM   837  O O   . CYS A 1 117 ? 0.478   -2.857  2.698   1.00 5.95  ? 120 CYS A O   1 
ATOM   838  C CB  . CYS A 1 117 ? -0.939  -1.489  5.047   1.00 5.84  ? 120 CYS A CB  1 
ATOM   839  S SG  . CYS A 1 117 ? -1.865  -0.178  4.204   1.00 7.95  ? 120 CYS A SG  1 
ATOM   840  N N   . PHE A 1 118 ? -1.716  -2.887  2.100   1.00 5.13  ? 121 PHE A N   1 
ATOM   841  C CA  . PHE A 1 118 ? -1.474  -2.777  0.666   1.00 6.11  ? 121 PHE A CA  1 
ATOM   842  C C   . PHE A 1 118 ? -2.159  -1.587  0.099   1.00 5.75  ? 121 PHE A C   1 
ATOM   843  O O   . PHE A 1 118 ? -3.303  -1.244  0.477   1.00 6.03  ? 121 PHE A O   1 
ATOM   844  C CB  . PHE A 1 118 ? -2.028  -4.009  -0.078  1.00 7.32  ? 121 PHE A CB  1 
ATOM   845  C CG  . PHE A 1 118 ? -1.403  -5.330  0.381   1.00 8.22  ? 121 PHE A CG  1 
ATOM   846  C CD1 . PHE A 1 118 ? -0.141  -5.679  0.016   1.00 10.18 ? 121 PHE A CD1 1 
ATOM   847  C CD2 . PHE A 1 118 ? -2.166  -6.128  1.235   1.00 9.28  ? 121 PHE A CD2 1 
ATOM   848  C CE1 . PHE A 1 118 ? 0.360   -6.982  0.543   1.00 10.80 ? 121 PHE A CE1 1 
ATOM   849  C CE2 . PHE A 1 118 ? -1.714  -7.356  1.706   1.00 13.36 ? 121 PHE A CE2 1 
ATOM   850  C CZ  . PHE A 1 118 ? -0.502  -7.714  1.350   1.00 8.87  ? 121 PHE A CZ  1 
ATOM   851  N N   . GLY A 1 119 ? -1.466  -0.894  -0.790  1.00 5.95  ? 122 GLY A N   1 
ATOM   852  C CA  . GLY A 1 119 ? -2.051  0.081   -1.696  1.00 5.57  ? 122 GLY A CA  1 
ATOM   853  C C   . GLY A 1 119 ? -2.357  -0.504  -2.999  1.00 5.73  ? 122 GLY A C   1 
ATOM   854  O O   . GLY A 1 119 ? -1.413  -1.026  -3.653  1.00 6.30  ? 122 GLY A O   1 
ATOM   855  N N   . ILE A 1 120 ? -3.611  -0.512  -3.417  1.00 6.29  ? 123 ILE A N   1 
ATOM   856  C CA  . ILE A 1 120 ? -4.092  -1.149  -4.623  1.00 7.07  ? 123 ILE A CA  1 
ATOM   857  C C   . ILE A 1 120 ? -4.411  0.035   -5.554  1.00 7.02  ? 123 ILE A C   1 
ATOM   858  O O   . ILE A 1 120 ? -5.328  0.813   -5.286  1.00 7.43  ? 123 ILE A O   1 
ATOM   859  C CB  . ILE A 1 120 ? -5.298  -2.037  -4.424  1.00 8.88  ? 123 ILE A CB  1 
ATOM   860  C CG1 . ILE A 1 120 ? -4.870  -3.054  -3.350  1.00 10.75 ? 123 ILE A CG1 1 
ATOM   861  C CG2 . ILE A 1 120 ? -5.719  -2.602  -5.753  1.00 10.08 ? 123 ILE A CG2 1 
ATOM   862  C CD1 . ILE A 1 120 ? -5.971  -3.882  -2.827  1.00 12.92 ? 123 ILE A CD1 1 
ATOM   863  N N   . LEU A 1 121 ? -3.677  0.114   -6.643  1.00 7.25  ? 124 LEU A N   1 
ATOM   864  C CA  . LEU A 1 121 ? -3.801  1.201   -7.618  1.00 7.46  ? 124 LEU A CA  1 
ATOM   865  C C   . LEU A 1 121 ? -4.636  0.779   -8.787  1.00 7.76  ? 124 LEU A C   1 
ATOM   866  O O   . LEU A 1 121 ? -4.321  -0.135  -9.465  1.00 8.63  ? 124 LEU A O   1 
ATOM   867  C CB  . LEU A 1 121 ? -2.391  1.671   -8.060  1.00 9.89  ? 124 LEU A CB  1 
ATOM   868  C CG  . LEU A 1 121 ? -1.542  2.168   -6.878  1.00 14.28 ? 124 LEU A CG  1 
ATOM   869  C CD1 . LEU A 1 121 ? -0.081  1.958   -7.060  1.00 21.81 ? 124 LEU A CD1 1 
ATOM   870  C CD2 . LEU A 1 121 ? -1.763  3.631   -6.694  1.00 16.71 ? 124 LEU A CD2 1 
ATOM   871  N N   . LEU A 1 122 ? -5.766  1.445   -9.006  1.00 7.89  ? 125 LEU A N   1 
ATOM   872  C CA  . LEU A 1 122 ? -6.805  1.054   -9.975  1.00 9.82  ? 125 LEU A CA  1 
ATOM   873  C C   . LEU A 1 122 ? -6.458  1.717   -11.304 1.00 12.38 ? 125 LEU A C   1 
ATOM   874  O O   . LEU A 1 122 ? -7.212  2.533   -11.874 1.00 13.42 ? 125 LEU A O   1 
ATOM   875  C CB  . LEU A 1 122 ? -8.157  1.446   -9.473  1.00 9.97  ? 125 LEU A CB  1 
ATOM   876  C CG  . LEU A 1 122 ? -8.556  0.787   -8.194  1.00 10.89 ? 125 LEU A CG  1 
ATOM   877  C CD1 . LEU A 1 122 ? -9.932  1.267   -7.791  1.00 11.96 ? 125 LEU A CD1 1 
ATOM   878  C CD2 . LEU A 1 122 ? -8.587  -0.729  -8.161  1.00 11.73 ? 125 LEU A CD2 1 
ATOM   879  N N   . GLY A 1 123 ? -5.283  1.413   -11.792 1.00 10.64 ? 126 GLY A N   1 
ATOM   880  C CA  . GLY A 1 123 ? -4.765  1.810   -13.068 1.00 11.39 ? 126 GLY A CA  1 
ATOM   881  C C   . GLY A 1 123 ? -3.306  1.552   -13.211 1.00 12.38 ? 126 GLY A C   1 
ATOM   882  O O   . GLY A 1 123 ? -2.717  0.960   -12.328 1.00 12.36 ? 126 GLY A O   1 
ATOM   883  N N   . ASP A 1 124 ? -2.751  1.940   -14.330 1.00 14.24 ? 127 ASP A N   1 
ATOM   884  C CA  . ASP A 1 124 ? -1.408  1.579   -14.686 1.00 16.10 ? 127 ASP A CA  1 
ATOM   885  C C   . ASP A 1 124 ? -0.325  2.663   -14.598 1.00 15.88 ? 127 ASP A C   1 
ATOM   886  O O   . ASP A 1 124 ? 0.831   2.454   -14.943 1.00 22.22 ? 127 ASP A O   1 
ATOM   887  C CB  . ASP A 1 124 ? -1.363  0.851   -16.056 1.00 18.22 ? 127 ASP A CB  1 
ATOM   888  C CG  . ASP A 1 124 ? -1.891  1.629   -17.157 1.00 27.83 ? 127 ASP A CG  1 
ATOM   889  O OD1 . ASP A 1 124 ? -1.945  2.898   -17.086 1.00 30.82 ? 127 ASP A OD1 1 
ATOM   890  O OD2 . ASP A 1 124 ? -2.246  0.896   -18.127 1.00 34.81 ? 127 ASP A OD2 1 
ATOM   891  N N   . ARG A 1 125 ? -0.659  3.820   -14.041 1.00 14.12 ? 128 ARG A N   1 
ATOM   892  C CA  . ARG A 1 125 ? 0.241   4.953   -13.876 1.00 15.64 ? 128 ARG A CA  1 
ATOM   893  C C   . ARG A 1 125 ? 0.371   5.279   -12.386 1.00 13.88 ? 128 ARG A C   1 
ATOM   894  O O   . ARG A 1 125 ? -0.578  5.132   -11.586 1.00 13.07 ? 128 ARG A O   1 
ATOM   895  C CB  . ARG A 1 125 ? -0.357  6.151   -14.603 1.00 20.08 ? 128 ARG A CB  1 
ATOM   896  C CG  . ARG A 1 125 ? -0.560  5.966   -16.123 1.00 24.95 ? 128 ARG A CG  1 
ATOM   897  C CD  . ARG A 1 125 ? -1.419  7.069   -16.721 1.00 34.63 ? 128 ARG A CD  1 
ATOM   898  N NE  . ARG A 1 125 ? -0.759  8.354   -16.498 1.00 42.16 ? 128 ARG A NE  1 
ATOM   899  C CZ  . ARG A 1 125 ? -1.338  9.464   -16.030 1.00 48.52 ? 128 ARG A CZ  1 
ATOM   900  N NH1 . ARG A 1 125 ? -2.667  9.535   -15.803 1.00 46.80 ? 128 ARG A NH1 1 
ATOM   901  N NH2 . ARG A 1 125 ? -0.560  10.527  -15.805 1.00 49.69 ? 128 ARG A NH2 1 
ATOM   902  N N   . LEU A 1 126 ? 1.559   5.766   -12.062 1.00 15.30 ? 129 LEU A N   1 
ATOM   903  C CA  . LEU A 1 126 ? 1.916   6.148   -10.735 1.00 14.83 ? 129 LEU A CA  1 
ATOM   904  C C   . LEU A 1 126 ? 1.947   7.637   -10.621 1.00 15.64 ? 129 LEU A C   1 
ATOM   905  O O   . LEU A 1 126 ? 1.895   8.300   -9.582  1.00 16.01 ? 129 LEU A O   1 
ATOM   906  C CB  . LEU A 1 126 ? 3.291   5.661   -10.384 1.00 16.19 ? 129 LEU A CB  1 
ATOM   907  C CG  . LEU A 1 126 ? 3.459   4.138   -10.227 1.00 17.60 ? 129 LEU A CG  1 
ATOM   908  C CD1 . LEU A 1 126 ? 4.880   3.795   -9.938  1.00 20.61 ? 129 LEU A CD1 1 
ATOM   909  C CD2 . LEU A 1 126 ? 2.529   3.659   -9.164  1.00 17.87 ? 129 LEU A CD2 1 
ATOM   910  O OXT . LEU A 1 126 ? 2.082   8.262   -11.705 1.00 18.41 ? 129 LEU A OXT 1 
HETATM 911  C CAC . FLC B 2 .   ? 0.879   4.373   -2.489  1.00 12.90 ? 201 FLC A CAC 1 
HETATM 912  C CA  . FLC B 2 .   ? 0.898   3.036   -1.807  1.00 12.55 ? 201 FLC A CA  1 
HETATM 913  C CB  . FLC B 2 .   ? 2.172   2.847   -0.934  1.00 12.41 ? 201 FLC A CB  1 
HETATM 914  C CBC . FLC B 2 .   ? 2.130   3.984   0.116   1.00 11.50 ? 201 FLC A CBC 1 
HETATM 915  C CG  . FLC B 2 .   ? 2.102   1.486   -0.258  1.00 12.75 ? 201 FLC A CG  1 
HETATM 916  C CGC . FLC B 2 .   ? 3.302   1.144   0.607   1.00 16.47 ? 201 FLC A CGC 1 
HETATM 917  O OA1 . FLC B 2 .   ? 1.960   4.709   -3.149  1.00 14.86 ? 201 FLC A OA1 1 
HETATM 918  O OA2 . FLC B 2 .   ? -0.119  5.087   -2.536  1.00 14.20 ? 201 FLC A OA2 1 
HETATM 919  O OB1 . FLC B 2 .   ? 2.838   5.026   -0.126  1.00 12.15 ? 201 FLC A OB1 1 
HETATM 920  O OB2 . FLC B 2 .   ? 1.293   3.915   1.035   1.00 11.95 ? 201 FLC A OB2 1 
HETATM 921  O OG1 . FLC B 2 .   ? 4.148   1.893   0.887   1.00 17.29 ? 201 FLC A OG1 1 
HETATM 922  O OG2 . FLC B 2 .   ? 3.595   -0.064  0.883   1.00 21.14 ? 201 FLC A OG2 1 
HETATM 923  O OHB . FLC B 2 .   ? 3.382   2.889   -1.763  1.00 12.02 ? 201 FLC A OHB 1 
HETATM 924  C C1  . GOL C 3 .   ? 5.646   -10.020 2.502   1.00 19.88 ? 202 GOL A C1  1 
HETATM 925  O O1  . GOL C 3 .   ? 6.197   -9.805  3.723   1.00 15.17 ? 202 GOL A O1  1 
HETATM 926  C C2  . GOL C 3 .   ? 6.695   -10.777 1.702   1.00 18.81 ? 202 GOL A C2  1 
HETATM 927  O O2  . GOL C 3 .   ? 6.283   -12.038 1.410   1.00 12.22 ? 202 GOL A O2  1 
HETATM 928  C C3  . GOL C 3 .   ? 7.180   -9.954  0.529   1.00 22.25 ? 202 GOL A C3  1 
HETATM 929  O O3  . GOL C 3 .   ? 8.564   -9.710  0.398   1.00 31.92 ? 202 GOL A O3  1 
HETATM 930  O O   . HOH D 4 .   ? -1.921  -1.177  -15.200 1.00 36.01 ? 301 HOH A O   1 
HETATM 931  O O   . HOH D 4 .   ? -8.933  17.727  5.315   1.00 31.17 ? 302 HOH A O   1 
HETATM 932  O O   . HOH D 4 .   ? -1.296  10.688  14.765  1.00 24.48 ? 303 HOH A O   1 
HETATM 933  O O   . HOH D 4 .   ? 5.670   -1.780  -15.300 1.00 39.43 ? 304 HOH A O   1 
HETATM 934  O O   . HOH D 4 .   ? -11.515 9.793   -8.355  1.00 20.83 ? 305 HOH A O   1 
HETATM 935  O O   . HOH D 4 .   ? 2.058   -2.913  21.298  1.00 30.31 ? 306 HOH A O   1 
HETATM 936  O O   . HOH D 4 .   ? 6.881   -5.786  1.321   1.00 10.65 ? 307 HOH A O   1 
HETATM 937  O O   . HOH D 4 .   ? -9.385  -9.800  18.229  1.00 37.38 ? 308 HOH A O   1 
HETATM 938  O O   . HOH D 4 .   ? -1.522  -23.617 -17.820 1.00 12.84 ? 309 HOH A O   1 
HETATM 939  O O   . HOH D 4 .   ? 11.700  -1.359  -0.422  1.00 19.17 ? 310 HOH A O   1 
HETATM 940  O O   . HOH D 4 .   ? 16.243  5.868   -0.852  1.00 14.89 ? 311 HOH A O   1 
HETATM 941  O O   . HOH D 4 .   ? -2.646  -9.987  -18.303 1.00 16.52 ? 312 HOH A O   1 
HETATM 942  O O   . HOH D 4 .   ? 3.439   6.938   5.040   1.00 7.10  ? 313 HOH A O   1 
HETATM 943  O O   . HOH D 4 .   ? 2.808   -14.850 -18.612 1.00 16.87 ? 314 HOH A O   1 
HETATM 944  O O   . HOH D 4 .   ? 9.902   -15.128 -4.082  1.00 7.78  ? 315 HOH A O   1 
HETATM 945  O O   . HOH D 4 .   ? 8.515   -8.384  13.545  1.00 35.48 ? 316 HOH A O   1 
HETATM 946  O O   . HOH D 4 .   ? 13.232  -7.575  -4.157  1.00 23.52 ? 317 HOH A O   1 
HETATM 947  O O   . HOH D 4 .   ? -10.265 12.311  -7.866  1.00 16.74 ? 318 HOH A O   1 
HETATM 948  O O   . HOH D 4 .   ? -6.789  -7.741  18.402  1.00 30.12 ? 319 HOH A O   1 
HETATM 949  O O   . HOH D 4 .   ? 10.388  4.817   15.213  1.00 18.22 ? 320 HOH A O   1 
HETATM 950  O O   . HOH D 4 .   ? -5.760  16.074  -1.226  1.00 10.30 ? 321 HOH A O   1 
HETATM 951  O O   . HOH D 4 .   ? 1.360   0.469   19.410  1.00 12.56 ? 322 HOH A O   1 
HETATM 952  O O   . HOH D 4 .   ? 9.911   4.509   2.374   1.00 7.59  ? 323 HOH A O   1 
HETATM 953  O O   . HOH D 4 .   ? 5.078   13.599  -1.916  1.00 27.00 ? 324 HOH A O   1 
HETATM 954  O O   . HOH D 4 .   ? 5.758   -0.460  2.443   1.00 20.82 ? 325 HOH A O   1 
HETATM 955  O O   . HOH D 4 .   ? -7.463  -8.136  11.554  1.00 11.18 ? 326 HOH A O   1 
HETATM 956  O O   . HOH D 4 .   ? 8.387   3.210   16.534  1.00 24.83 ? 327 HOH A O   1 
HETATM 957  O O   . HOH D 4 .   ? 11.208  -8.655  -10.478 1.00 8.49  ? 328 HOH A O   1 
HETATM 958  O O   . HOH D 4 .   ? -11.630 -5.270  13.899  1.00 14.12 ? 329 HOH A O   1 
HETATM 959  O O   . HOH D 4 .   ? 10.559  11.240  -1.401  1.00 11.16 ? 330 HOH A O   1 
HETATM 960  O O   . HOH D 4 .   ? -1.837  -5.997  17.759  1.00 13.48 ? 331 HOH A O   1 
HETATM 961  O O   . HOH D 4 .   ? -12.712 5.091   11.648  1.00 34.18 ? 332 HOH A O   1 
HETATM 962  O O   . HOH D 4 .   ? 7.463   -4.004  5.549   1.00 23.33 ? 333 HOH A O   1 
HETATM 963  O O   . HOH D 4 .   ? 8.482   -22.999 -17.240 1.00 26.89 ? 334 HOH A O   1 
HETATM 964  O O   . HOH D 4 .   ? 3.217   9.172   -5.456  1.00 21.23 ? 335 HOH A O   1 
HETATM 965  O O   . HOH D 4 .   ? -8.423  5.370   -11.446 1.00 23.70 ? 336 HOH A O   1 
HETATM 966  O O   . HOH D 4 .   ? 3.559   3.865   6.627   1.00 5.49  ? 337 HOH A O   1 
HETATM 967  O O   . HOH D 4 .   ? 3.437   -6.300  -20.644 1.00 21.61 ? 338 HOH A O   1 
HETATM 968  O O   . HOH D 4 .   ? -10.221 13.376  4.683   1.00 11.17 ? 339 HOH A O   1 
HETATM 969  O O   . HOH D 4 .   ? 4.157   15.876  0.964   1.00 26.73 ? 340 HOH A O   1 
HETATM 970  O O   . HOH D 4 .   ? 5.777   -13.891 -16.775 1.00 25.42 ? 341 HOH A O   1 
HETATM 971  O O   . HOH D 4 .   ? -11.000 3.638   14.848  1.00 19.11 ? 342 HOH A O   1 
HETATM 972  O O   . HOH D 4 .   ? 8.874   2.332   0.797   1.00 11.39 ? 343 HOH A O   1 
HETATM 973  O O   . HOH D 4 .   ? 5.160   -0.165  -13.167 1.00 18.97 ? 344 HOH A O   1 
HETATM 974  O O   . HOH D 4 .   ? 11.530  -11.773 -1.431  1.00 15.45 ? 345 HOH A O   1 
HETATM 975  O O   . HOH D 4 .   ? -4.591  -2.716  16.750  1.00 11.86 ? 346 HOH A O   1 
HETATM 976  O O   . HOH D 4 .   ? 2.280   15.600  -3.126  1.00 34.19 ? 347 HOH A O   1 
HETATM 977  O O   . HOH D 4 .   ? 3.854   -3.662  17.788  1.00 26.58 ? 348 HOH A O   1 
HETATM 978  O O   . HOH D 4 .   ? -5.051  7.794   -5.536  1.00 17.23 ? 349 HOH A O   1 
HETATM 979  O O   . HOH D 4 .   ? -3.654  10.060  -4.967  1.00 8.56  ? 350 HOH A O   1 
HETATM 980  O O   . HOH D 4 .   ? 14.496  0.285   -6.705  1.00 13.92 ? 351 HOH A O   1 
HETATM 981  O O   . HOH D 4 .   ? -0.730  2.329   -10.940 1.00 9.92  ? 352 HOH A O   1 
HETATM 982  O O   . HOH D 4 .   ? 6.721   -7.071  3.743   1.00 12.15 ? 353 HOH A O   1 
HETATM 983  O O   . HOH D 4 .   ? -7.394  3.642   -14.429 1.00 30.73 ? 354 HOH A O   1 
HETATM 984  O O   . HOH D 4 .   ? 0.385   -12.421 14.997  1.00 22.92 ? 355 HOH A O   1 
HETATM 985  O O   . HOH D 4 .   ? -11.680 10.873  10.532  1.00 31.02 ? 356 HOH A O   1 
HETATM 986  O O   . HOH D 4 .   ? 7.332   -10.344 11.016  1.00 22.06 ? 357 HOH A O   1 
HETATM 987  O O   . HOH D 4 .   ? -8.130  -0.891  -12.626 1.00 26.41 ? 358 HOH A O   1 
HETATM 988  O O   . HOH D 4 .   ? -1.230  -2.270  -18.384 1.00 26.06 ? 359 HOH A O   1 
HETATM 989  O O   . HOH D 4 .   ? -0.972  12.194  -9.130  1.00 17.75 ? 360 HOH A O   1 
HETATM 990  O O   . HOH D 4 .   ? 3.919   2.987   9.248   1.00 5.07  ? 361 HOH A O   1 
HETATM 991  O O   . HOH D 4 .   ? 6.984   6.960   -9.262  1.00 29.72 ? 362 HOH A O   1 
HETATM 992  O O   . HOH D 4 .   ? -16.154 16.512  11.034  1.00 38.68 ? 363 HOH A O   1 
HETATM 993  O O   . HOH D 4 .   ? 8.008   -1.355  14.303  1.00 34.78 ? 364 HOH A O   1 
HETATM 994  O O   . HOH D 4 .   ? 4.573   -9.649  -19.416 1.00 13.89 ? 365 HOH A O   1 
HETATM 995  O O   . HOH D 4 .   ? 8.481   -6.778  8.326   1.00 24.98 ? 366 HOH A O   1 
HETATM 996  O O   . HOH D 4 .   ? -10.741 4.772   -4.862  1.00 14.91 ? 367 HOH A O   1 
HETATM 997  O O   . HOH D 4 .   ? -11.918 7.190   -4.385  1.00 16.38 ? 368 HOH A O   1 
HETATM 998  O O   . HOH D 4 .   ? 9.204   3.425   7.025   1.00 11.85 ? 369 HOH A O   1 
HETATM 999  O O   . HOH D 4 .   ? 2.657   -1.254  3.793   1.00 22.51 ? 370 HOH A O   1 
HETATM 1000 O O   . HOH D 4 .   ? 1.952   6.206   2.732   1.00 8.71  ? 371 HOH A O   1 
HETATM 1001 O O   . HOH D 4 .   ? -4.804  3.448   -15.788 1.00 30.17 ? 372 HOH A O   1 
HETATM 1002 O O   . HOH D 4 .   ? 9.824   2.460   4.460   1.00 12.36 ? 373 HOH A O   1 
HETATM 1003 O O   . HOH D 4 .   ? -6.407  0.142   -15.923 1.00 24.52 ? 374 HOH A O   1 
HETATM 1004 O O   . HOH D 4 .   ? 8.999   12.807  -3.728  1.00 20.68 ? 375 HOH A O   1 
HETATM 1005 O O   . HOH D 4 .   ? 10.613  -7.965  1.639   1.00 32.04 ? 376 HOH A O   1 
HETATM 1006 O O   . HOH D 4 .   ? 3.571   2.552   -13.465 1.00 23.06 ? 377 HOH A O   1 
HETATM 1007 O O   . HOH D 4 .   ? -11.960 2.485   16.588  1.00 18.22 ? 378 HOH A O   1 
HETATM 1008 O O   . HOH D 4 .   ? 9.547   -16.378 -11.525 1.00 16.30 ? 379 HOH A O   1 
HETATM 1009 O O   . HOH D 4 .   ? -6.601  15.133  11.301  1.00 21.23 ? 380 HOH A O   1 
HETATM 1010 O O   . HOH D 4 .   ? 2.949   -10.215 17.037  1.00 24.95 ? 381 HOH A O   1 
HETATM 1011 O O   . HOH D 4 .   ? -3.074  14.179  3.292   1.00 19.71 ? 382 HOH A O   1 
HETATM 1012 O O   . HOH D 4 .   ? -9.042  -12.839 16.061  1.00 29.22 ? 383 HOH A O   1 
HETATM 1013 O O   . HOH D 4 .   ? 1.513   -2.057  -19.005 1.00 44.12 ? 384 HOH A O   1 
HETATM 1014 O O   . HOH D 4 .   ? 3.668   5.347   -14.183 1.00 30.45 ? 385 HOH A O   1 
HETATM 1015 O O   . HOH D 4 .   ? -12.986 8.114   -6.562  1.00 17.39 ? 386 HOH A O   1 
HETATM 1016 O O   . HOH D 4 .   ? -11.478 8.168   11.785  1.00 20.29 ? 387 HOH A O   1 
HETATM 1017 O O   . HOH D 4 .   ? 11.144  5.745   -3.609  1.00 15.85 ? 388 HOH A O   1 
HETATM 1018 O O   . HOH D 4 .   ? -11.951 3.346   -9.866  1.00 38.65 ? 389 HOH A O   1 
HETATM 1019 O O   . HOH D 4 .   ? 3.177   13.219  -4.937  1.00 19.75 ? 390 HOH A O   1 
HETATM 1020 O O   . HOH D 4 .   ? 11.107  -17.563 -4.033  1.00 15.60 ? 391 HOH A O   1 
HETATM 1021 O O   . HOH D 4 .   ? 8.920   -21.721 -6.762  1.00 36.59 ? 392 HOH A O   1 
HETATM 1022 O O   . HOH D 4 .   ? 3.533   -1.104  19.609  1.00 27.74 ? 393 HOH A O   1 
HETATM 1023 O O   . HOH D 4 .   ? 7.770   9.399   5.792   1.00 16.43 ? 394 HOH A O   1 
HETATM 1024 O O   . HOH D 4 .   ? 4.961   8.028   -7.646  1.00 12.52 ? 395 HOH A O   1 
HETATM 1025 O O   . HOH D 4 .   ? -1.955  -8.531  18.489  1.00 33.79 ? 396 HOH A O   1 
HETATM 1026 O O   . HOH D 4 .   ? -5.517  17.134  -3.766  1.00 22.45 ? 397 HOH A O   1 
HETATM 1027 O O   . HOH D 4 .   ? -3.868  -4.398  18.755  1.00 13.23 ? 398 HOH A O   1 
HETATM 1028 O O   . HOH D 4 .   ? 10.961  -19.666 -5.986  1.00 21.90 ? 399 HOH A O   1 
HETATM 1029 O O   . HOH D 4 .   ? -12.321 3.482   -6.656  1.00 23.67 ? 400 HOH A O   1 
HETATM 1030 O O   . HOH D 4 .   ? 13.125  -15.007 -8.166  1.00 23.87 ? 401 HOH A O   1 
HETATM 1031 O O   . HOH D 4 .   ? 10.244  -1.650  2.597   1.00 32.22 ? 402 HOH A O   1 
HETATM 1032 O O   . HOH D 4 .   ? 1.130   11.265  14.373  1.00 33.41 ? 403 HOH A O   1 
HETATM 1033 O O   . HOH D 4 .   ? 4.703   7.815   15.270  1.00 14.74 ? 404 HOH A O   1 
HETATM 1034 O O   . HOH D 4 .   ? 13.842  4.978   -4.776  1.00 22.41 ? 405 HOH A O   1 
HETATM 1035 O O   . HOH D 4 .   ? -5.162  18.173  0.353   1.00 29.61 ? 406 HOH A O   1 
HETATM 1036 O O   . HOH D 4 .   ? -1.627  16.517  2.805   1.00 24.69 ? 407 HOH A O   1 
HETATM 1037 O O   . HOH D 4 .   ? -11.808 -5.654  16.628  1.00 19.67 ? 408 HOH A O   1 
HETATM 1038 O O   . HOH D 4 .   ? 7.225   -2.581  3.396   1.00 29.20 ? 409 HOH A O   1 
HETATM 1039 O O   . HOH D 4 .   ? 8.517   0.534   2.730   1.00 20.52 ? 410 HOH A O   1 
HETATM 1040 O O   . HOH D 4 .   ? 8.797   -6.674  5.593   1.00 25.00 ? 411 HOH A O   1 
HETATM 1041 O O   . HOH D 4 .   ? 13.023  -5.899  -1.888  1.00 33.99 ? 412 HOH A O   1 
HETATM 1042 O O   . HOH D 4 .   ? 9.071   -1.427  -15.230 1.00 21.88 ? 413 HOH A O   1 
HETATM 1043 O O   . HOH D 4 .   ? 11.157  -4.007  -1.217  1.00 19.09 ? 414 HOH A O   1 
HETATM 1044 O O   . HOH D 4 .   ? 9.663   -5.273  1.172   1.00 15.89 ? 415 HOH A O   1 
HETATM 1045 O O   . HOH D 4 .   ? 8.954   -24.681 -13.031 1.00 26.02 ? 416 HOH A O   1 
HETATM 1046 O O   . HOH D 4 .   ? -12.391 -10.479 17.912  1.00 47.77 ? 417 HOH A O   1 
HETATM 1047 O O   . HOH D 4 .   ? 12.978  -7.784  0.048   1.00 35.63 ? 418 HOH A O   1 
# 
